data_3BWO
#
_entry.id   3BWO
#
_cell.length_a   93.330
_cell.length_b   98.660
_cell.length_c   139.360
_cell.angle_alpha   90.00
_cell.angle_beta   104.50
_cell.angle_gamma   90.00
#
_symmetry.space_group_name_H-M   'P 1 21 1'
#
loop_
_entity.id
_entity.type
_entity.pdbx_description
1 polymer 'L-tryptophan aminotransferase'
2 water water
#
_entity_poly.entity_id   1
_entity_poly.type   'polypeptide(L)'
_entity_poly.pdbx_seq_one_letter_code
;MVKLENSRKPEKISNKNIPMSDFVVNLDHGDPTAYEEYWRKMGDRCTVTIRGCDLMSYFSDMTNLCWFLEPELEDAIKDL
HGVVGNAATEDRYIVVGTGSTQLCQAAVHALSSLARSQPVSVVAAAPFYSTYVEETTYVRSGMYKWEGDAWGFDKKGPYI
ELVTSPNNPDGTIRETVVNRPDDDEAKVIHDFAYYWPHYTPITRRQDHDIMLFTFS(LLP)ITGHAGSRIGWALVKDKEV
AKKMVEYIIVNSIGVSKESQVRTAKILNVLKETCKSESESENFFKYGREMMKNRWEKLREVVKESDAFTLPKYPEAFCNY
FGKSLESYPAFAWLGTKEETDLVSELRRHKVMSRAGERCGSDKKHVRVSMLSREDVFNVFLERLANMKLIKSIDL
;
_entity_poly.pdbx_strand_id   A,B,C,D,E,F
#
# COMPACT_ATOMS: atom_id res chain seq x y z
N ASN A 15 -28.35 -10.94 31.06
CA ASN A 15 -29.82 -10.95 31.38
C ASN A 15 -30.73 -10.79 30.14
N LYS A 16 -31.95 -11.35 30.25
CA LYS A 16 -32.94 -11.30 29.16
C LYS A 16 -34.27 -10.72 29.63
N ASN A 17 -35.34 -10.95 28.86
CA ASN A 17 -36.69 -10.48 29.18
C ASN A 17 -36.83 -8.98 29.08
N ILE A 18 -35.69 -8.28 29.05
CA ILE A 18 -35.66 -6.84 28.85
C ILE A 18 -35.75 -6.56 27.35
N PRO A 19 -36.82 -5.87 26.92
CA PRO A 19 -36.90 -5.61 25.51
C PRO A 19 -35.81 -4.63 25.10
N MET A 20 -35.25 -4.88 23.94
CA MET A 20 -34.24 -4.00 23.38
C MET A 20 -34.78 -2.64 23.11
N SER A 21 -36.08 -2.46 23.20
CA SER A 21 -36.64 -1.15 22.91
C SER A 21 -36.55 -0.24 24.14
N ASP A 22 -36.21 -0.80 25.29
CA ASP A 22 -36.11 -0.03 26.54
C ASP A 22 -34.68 0.25 26.84
N PHE A 23 -33.85 0.00 25.87
CA PHE A 23 -32.45 0.15 26.05
C PHE A 23 -31.97 1.56 25.65
N VAL A 24 -31.40 2.29 26.59
CA VAL A 24 -31.00 3.66 26.32
C VAL A 24 -29.66 3.72 25.59
N VAL A 25 -29.66 4.34 24.41
CA VAL A 25 -28.45 4.56 23.64
C VAL A 25 -27.91 5.91 24.00
N ASN A 26 -26.83 5.92 24.78
CA ASN A 26 -26.24 7.18 25.23
C ASN A 26 -25.05 7.58 24.40
N LEU A 27 -25.26 8.49 23.47
CA LEU A 27 -24.19 9.02 22.66
C LEU A 27 -24.10 10.53 22.94
N ASP A 28 -24.42 10.91 24.18
CA ASP A 28 -24.32 12.30 24.62
C ASP A 28 -22.88 12.67 24.97
N HIS A 29 -22.19 11.74 25.64
CA HIS A 29 -20.82 11.96 26.06
C HIS A 29 -19.90 11.33 25.02
N GLY A 30 -18.63 11.72 25.04
CA GLY A 30 -17.67 11.17 24.09
C GLY A 30 -16.72 10.14 24.66
N ASP A 31 -17.26 9.19 25.41
CA ASP A 31 -16.47 8.13 26.02
C ASP A 31 -16.04 7.18 24.90
N PRO A 32 -14.76 7.22 24.51
CA PRO A 32 -14.20 6.41 23.41
C PRO A 32 -13.98 4.91 23.73
N THR A 33 -15.08 4.21 24.00
CA THR A 33 -15.04 2.79 24.36
C THR A 33 -14.88 1.86 23.16
N ALA A 34 -14.92 2.43 21.95
CA ALA A 34 -14.82 1.66 20.71
C ALA A 34 -13.45 0.99 20.55
N TYR A 35 -12.44 1.55 21.22
CA TYR A 35 -11.08 1.08 21.14
C TYR A 35 -10.77 -0.03 22.14
N GLU A 36 -11.69 -0.29 23.06
CA GLU A 36 -11.47 -1.31 24.08
C GLU A 36 -11.15 -2.68 23.47
N GLU A 37 -11.91 -3.07 22.46
CA GLU A 37 -11.69 -4.34 21.80
C GLU A 37 -10.25 -4.47 21.32
N TYR A 38 -9.79 -3.49 20.56
CA TYR A 38 -8.45 -3.46 20.03
C TYR A 38 -7.39 -3.76 21.08
N TRP A 39 -7.36 -2.90 22.12
CA TRP A 39 -6.35 -3.01 23.17
C TRP A 39 -6.39 -4.32 23.92
N ARG A 40 -7.55 -4.97 23.94
CA ARG A 40 -7.67 -6.27 24.61
C ARG A 40 -6.90 -7.31 23.79
N LYS A 41 -7.04 -7.23 22.48
CA LYS A 41 -6.35 -8.14 21.58
C LYS A 41 -4.84 -7.94 21.57
N MET A 42 -4.40 -6.73 21.85
CA MET A 42 -2.98 -6.45 21.88
C MET A 42 -2.27 -7.33 22.89
N GLY A 43 -3.01 -7.80 23.90
CA GLY A 43 -2.43 -8.69 24.88
C GLY A 43 -1.48 -8.08 25.89
N ASP A 44 -0.71 -8.98 26.49
CA ASP A 44 0.23 -8.71 27.58
C ASP A 44 1.30 -7.66 27.29
N ARG A 45 1.49 -7.32 26.03
CA ARG A 45 2.54 -6.35 25.76
C ARG A 45 2.19 -4.94 26.23
N CYS A 46 0.91 -4.74 26.58
CA CYS A 46 0.44 -3.45 27.06
C CYS A 46 0.48 -3.39 28.58
N THR A 47 0.57 -4.55 29.21
CA THR A 47 0.58 -4.64 30.66
C THR A 47 1.54 -3.70 31.37
N VAL A 48 1.03 -3.03 32.40
CA VAL A 48 1.81 -2.07 33.19
C VAL A 48 1.97 -2.59 34.61
N THR A 49 3.20 -2.55 35.09
CA THR A 49 3.57 -3.08 36.40
C THR A 49 4.14 -1.96 37.27
N ILE A 50 3.57 -1.82 38.47
CA ILE A 50 4.02 -0.77 39.36
C ILE A 50 4.35 -1.33 40.74
N ARG A 51 5.62 -1.20 41.14
CA ARG A 51 6.05 -1.73 42.44
C ARG A 51 5.58 -0.82 43.57
N GLY A 52 5.45 -1.42 44.75
CA GLY A 52 4.95 -0.68 45.90
C GLY A 52 5.75 0.56 46.27
N CYS A 53 7.02 0.59 45.93
CA CYS A 53 7.84 1.74 46.29
C CYS A 53 8.10 2.73 45.16
N ASP A 54 7.43 2.56 44.02
CA ASP A 54 7.66 3.43 42.89
C ASP A 54 6.78 4.69 42.96
N LEU A 55 7.17 5.72 42.21
CA LEU A 55 6.38 6.94 42.06
C LEU A 55 5.85 7.56 43.35
N MET A 56 6.62 7.49 44.44
CA MET A 56 6.14 8.02 45.69
C MET A 56 6.26 9.54 45.82
N SER A 57 7.42 10.09 45.46
CA SER A 57 7.63 11.54 45.57
C SER A 57 6.72 12.44 44.71
N TYR A 58 6.54 13.66 45.19
CA TYR A 58 5.77 14.67 44.47
C TYR A 58 6.52 15.02 43.20
N PHE A 59 7.84 14.92 43.24
CA PHE A 59 8.67 15.31 42.11
C PHE A 59 9.08 14.21 41.12
N SER A 60 9.10 14.54 39.83
CA SER A 60 9.54 13.61 38.79
C SER A 60 10.93 13.98 38.32
N ASP A 61 11.16 15.29 38.16
CA ASP A 61 12.46 15.82 37.71
C ASP A 61 12.54 17.35 37.89
N MET A 62 13.34 17.79 38.85
CA MET A 62 13.49 19.20 39.12
C MET A 62 14.26 19.90 38.01
N THR A 63 14.79 19.12 37.07
CA THR A 63 15.55 19.64 35.94
C THR A 63 14.64 20.29 34.88
N ASN A 64 13.36 19.92 34.93
CA ASN A 64 12.38 20.41 34.00
C ASN A 64 11.52 21.54 34.53
N LEU A 65 11.06 22.39 33.63
CA LEU A 65 10.17 23.47 34.04
C LEU A 65 8.99 22.83 34.77
N CYS A 66 8.45 21.78 34.14
CA CYS A 66 7.33 20.98 34.66
C CYS A 66 7.94 19.80 35.38
N TRP A 67 8.28 20.03 36.65
CA TRP A 67 8.98 19.01 37.43
C TRP A 67 8.15 17.81 37.79
N PHE A 68 6.87 17.81 37.40
CA PHE A 68 6.02 16.67 37.73
C PHE A 68 5.75 15.84 36.52
N LEU A 69 6.52 16.08 35.47
CA LEU A 69 6.39 15.35 34.23
C LEU A 69 7.41 14.21 34.24
N GLU A 70 6.89 13.01 34.09
CA GLU A 70 7.71 11.81 34.12
C GLU A 70 8.44 11.71 32.79
N PRO A 71 9.78 11.57 32.85
CA PRO A 71 10.61 11.48 31.64
C PRO A 71 10.11 10.48 30.58
N GLU A 72 9.84 9.25 30.98
CA GLU A 72 9.37 8.29 30.00
C GLU A 72 8.08 8.67 29.27
N LEU A 73 7.28 9.56 29.88
CA LEU A 73 6.07 10.04 29.23
C LEU A 73 6.45 11.12 28.24
N GLU A 74 7.30 12.04 28.68
CA GLU A 74 7.81 13.09 27.82
C GLU A 74 8.42 12.49 26.54
N ASP A 75 9.27 11.47 26.69
CA ASP A 75 9.94 10.86 25.55
C ASP A 75 8.92 10.27 24.58
N ALA A 76 7.94 9.56 25.14
CA ALA A 76 6.87 8.92 24.37
C ALA A 76 6.08 9.97 23.59
N ILE A 77 5.74 11.07 24.22
CA ILE A 77 4.98 12.10 23.53
C ILE A 77 5.77 12.60 22.29
N LYS A 78 7.03 12.95 22.51
CA LYS A 78 7.91 13.40 21.45
C LYS A 78 8.10 12.38 20.31
N ASP A 79 8.26 11.10 20.68
CA ASP A 79 8.46 10.06 19.69
C ASP A 79 7.22 9.88 18.84
N LEU A 80 6.07 9.89 19.53
CA LEU A 80 4.76 9.76 18.88
C LEU A 80 4.52 10.91 17.92
N HIS A 81 4.80 12.14 18.36
CA HIS A 81 4.62 13.25 17.44
C HIS A 81 5.64 13.17 16.31
N GLY A 82 6.80 12.62 16.62
CA GLY A 82 7.88 12.50 15.63
C GLY A 82 7.54 11.53 14.52
N VAL A 83 6.84 10.46 14.87
CA VAL A 83 6.45 9.46 13.88
C VAL A 83 5.20 9.87 13.12
N VAL A 84 4.27 10.53 13.80
CA VAL A 84 3.02 10.99 13.17
C VAL A 84 3.23 12.28 12.40
N GLY A 85 4.08 13.15 12.94
CA GLY A 85 4.39 14.40 12.26
C GLY A 85 3.24 15.39 12.29
N ASN A 86 2.36 15.22 13.27
CA ASN A 86 1.21 16.11 13.36
C ASN A 86 1.46 17.35 14.16
N ALA A 87 2.51 17.35 14.99
CA ALA A 87 2.85 18.50 15.84
C ALA A 87 4.34 18.69 15.98
N ALA A 88 4.77 19.96 16.13
CA ALA A 88 6.17 20.30 16.36
C ALA A 88 6.45 20.24 17.87
N THR A 89 7.63 19.77 18.25
CA THR A 89 7.94 19.67 19.67
C THR A 89 9.30 20.25 20.00
N GLU A 90 10.00 20.78 18.99
CA GLU A 90 11.32 21.34 19.26
C GLU A 90 11.24 22.76 19.83
N ASP A 91 12.22 23.14 20.66
CA ASP A 91 12.30 24.49 21.25
C ASP A 91 11.01 24.91 21.95
N ARG A 92 10.39 23.99 22.68
CA ARG A 92 9.16 24.29 23.39
C ARG A 92 9.01 23.38 24.61
N TYR A 93 8.36 23.89 25.64
CA TYR A 93 8.15 23.15 26.89
C TYR A 93 6.92 22.30 26.82
N ILE A 94 7.04 21.09 27.39
CA ILE A 94 5.94 20.13 27.46
C ILE A 94 5.32 20.16 28.86
N VAL A 95 4.00 20.29 28.92
CA VAL A 95 3.32 20.33 30.17
C VAL A 95 2.24 19.30 30.19
N VAL A 96 2.26 18.44 31.22
CA VAL A 96 1.23 17.42 31.37
C VAL A 96 0.18 17.92 32.32
N GLY A 97 -1.02 17.36 32.21
CA GLY A 97 -2.09 17.77 33.11
C GLY A 97 -3.10 16.64 33.22
N THR A 98 -3.94 16.68 34.26
CA THR A 98 -4.99 15.68 34.44
C THR A 98 -6.01 15.86 33.34
N GLY A 99 -5.69 15.32 32.16
CA GLY A 99 -6.52 15.52 30.99
C GLY A 99 -6.28 16.87 30.32
N SER A 100 -6.66 17.00 29.05
CA SER A 100 -6.52 18.26 28.34
C SER A 100 -7.38 19.33 29.02
N THR A 101 -8.52 18.90 29.58
CA THR A 101 -9.41 19.79 30.27
C THR A 101 -8.71 20.61 31.37
N GLN A 102 -7.71 20.04 32.02
CA GLN A 102 -7.00 20.79 33.05
C GLN A 102 -5.99 21.72 32.41
N LEU A 103 -5.32 21.22 31.38
CA LEU A 103 -4.37 22.04 30.64
C LEU A 103 -5.06 23.26 30.03
N CYS A 104 -6.21 23.06 29.40
CA CYS A 104 -6.90 24.14 28.76
C CYS A 104 -7.19 25.23 29.77
N GLN A 105 -7.51 24.85 31.00
CA GLN A 105 -7.85 25.83 32.01
C GLN A 105 -6.57 26.46 32.53
N ALA A 106 -5.47 25.73 32.38
CA ALA A 106 -4.20 26.25 32.82
C ALA A 106 -3.72 27.32 31.86
N ALA A 107 -4.01 27.10 30.58
CA ALA A 107 -3.61 28.03 29.52
C ALA A 107 -4.41 29.32 29.58
N VAL A 108 -5.72 29.19 29.82
CA VAL A 108 -6.60 30.36 29.95
C VAL A 108 -6.21 31.16 31.18
N HIS A 109 -5.92 30.47 32.27
CA HIS A 109 -5.50 31.15 33.47
C HIS A 109 -4.16 31.87 33.25
N ALA A 110 -3.16 31.14 32.75
CA ALA A 110 -1.85 31.67 32.52
C ALA A 110 -1.87 32.91 31.62
N LEU A 111 -2.56 32.79 30.49
CA LEU A 111 -2.63 33.90 29.56
C LEU A 111 -3.32 35.11 30.18
N SER A 112 -4.32 34.87 31.01
CA SER A 112 -5.04 35.97 31.66
C SER A 112 -4.17 36.60 32.74
N SER A 113 -3.35 35.77 33.38
CA SER A 113 -2.45 36.27 34.40
C SER A 113 -1.41 37.18 33.85
N LEU A 114 -0.96 36.87 32.64
CA LEU A 114 0.07 37.66 32.01
C LEU A 114 -0.51 38.85 31.22
N ALA A 115 -1.82 38.88 31.05
CA ALA A 115 -2.48 39.93 30.29
C ALA A 115 -2.27 41.27 30.98
N ARG A 116 -2.40 42.35 30.23
CA ARG A 116 -2.22 43.70 30.77
C ARG A 116 -3.45 44.19 31.57
N SER A 117 -4.59 43.55 31.34
CA SER A 117 -5.80 43.92 32.05
C SER A 117 -6.76 42.74 32.08
N GLN A 118 -7.63 42.70 33.07
CA GLN A 118 -8.61 41.65 33.21
C GLN A 118 -9.98 42.30 33.38
N PRO A 119 -11.08 41.58 33.04
CA PRO A 119 -11.09 40.21 32.53
C PRO A 119 -10.75 40.09 31.05
N VAL A 120 -10.00 39.05 30.72
CA VAL A 120 -9.64 38.76 29.34
C VAL A 120 -10.80 38.03 28.67
N SER A 121 -11.17 38.48 27.47
CA SER A 121 -12.30 37.88 26.74
C SER A 121 -11.93 36.51 26.17
N VAL A 122 -12.82 35.53 26.36
CA VAL A 122 -12.58 34.17 25.88
C VAL A 122 -13.71 33.82 24.92
N VAL A 123 -13.35 33.39 23.73
CA VAL A 123 -14.35 33.11 22.71
C VAL A 123 -13.96 31.85 21.90
N ALA A 124 -14.93 31.33 21.17
CA ALA A 124 -14.72 30.21 20.29
C ALA A 124 -15.78 30.24 19.23
N ALA A 125 -15.34 30.12 17.98
CA ALA A 125 -16.26 30.15 16.83
C ALA A 125 -17.37 29.13 17.08
N ALA A 126 -18.60 29.52 16.77
CA ALA A 126 -19.76 28.64 16.90
C ALA A 126 -20.00 27.81 15.62
N PRO A 127 -20.37 26.53 15.76
CA PRO A 127 -20.58 25.84 17.03
C PRO A 127 -19.26 25.54 17.74
N PHE A 128 -19.30 25.43 19.05
CA PHE A 128 -18.09 25.19 19.82
C PHE A 128 -18.29 24.05 20.83
N TYR A 129 -17.16 23.61 21.40
CA TYR A 129 -17.13 22.55 22.41
C TYR A 129 -17.82 23.05 23.65
N SER A 130 -19.06 22.62 23.85
CA SER A 130 -19.88 23.06 24.97
C SER A 130 -19.16 23.15 26.31
N THR A 131 -18.33 22.16 26.59
CA THR A 131 -17.61 22.08 27.84
C THR A 131 -16.75 23.31 28.08
N TYR A 132 -16.40 24.03 27.03
CA TYR A 132 -15.61 25.27 27.17
C TYR A 132 -16.36 26.33 28.00
N VAL A 133 -17.67 26.37 27.85
CA VAL A 133 -18.51 27.33 28.52
C VAL A 133 -18.48 27.15 30.04
N GLU A 134 -18.58 25.93 30.51
CA GLU A 134 -18.51 25.70 31.95
C GLU A 134 -17.12 25.85 32.55
N GLU A 135 -16.10 25.48 31.78
CA GLU A 135 -14.70 25.62 32.22
C GLU A 135 -14.30 27.07 32.49
N THR A 136 -14.86 28.00 31.72
CA THR A 136 -14.53 29.42 31.88
C THR A 136 -15.59 30.19 32.67
N THR A 137 -16.45 29.47 33.39
CA THR A 137 -17.56 30.07 34.14
C THR A 137 -17.75 29.56 35.57
N TYR A 138 -17.65 28.25 35.76
CA TYR A 138 -17.91 27.64 37.08
C TYR A 138 -17.25 28.25 38.32
N VAL A 139 -16.11 28.92 38.16
CA VAL A 139 -15.41 29.47 39.31
C VAL A 139 -15.60 30.97 39.47
N ARG A 140 -16.24 31.59 38.48
CA ARG A 140 -16.54 33.02 38.54
C ARG A 140 -15.26 33.83 38.73
N SER A 141 -14.30 33.58 37.87
CA SER A 141 -13.02 34.26 37.98
C SER A 141 -13.03 35.64 37.31
N GLY A 142 -12.39 36.61 37.95
CA GLY A 142 -12.34 37.96 37.41
C GLY A 142 -11.20 38.09 36.42
N MET A 143 -10.45 37.01 36.24
CA MET A 143 -9.31 36.98 35.31
C MET A 143 -9.71 36.82 33.84
N TYR A 144 -10.94 36.39 33.60
CA TYR A 144 -11.39 36.17 32.25
C TYR A 144 -12.90 36.10 32.21
N LYS A 145 -13.43 36.18 31.00
CA LYS A 145 -14.88 36.16 30.79
C LYS A 145 -15.25 35.47 29.48
N TRP A 146 -16.21 34.55 29.56
CA TRP A 146 -16.71 33.87 28.35
C TRP A 146 -17.59 34.81 27.55
N GLU A 147 -17.13 35.24 26.39
CA GLU A 147 -17.93 36.13 25.56
C GLU A 147 -18.72 35.41 24.46
N GLY A 148 -18.50 34.11 24.31
CA GLY A 148 -19.26 33.36 23.33
C GLY A 148 -18.67 33.28 21.94
N ASP A 149 -19.55 33.18 20.95
CA ASP A 149 -19.11 33.05 19.56
C ASP A 149 -17.96 33.99 19.20
N ALA A 150 -16.92 33.44 18.57
CA ALA A 150 -15.78 34.24 18.15
C ALA A 150 -16.11 35.09 16.93
N TRP A 151 -17.01 34.59 16.07
CA TRP A 151 -17.40 35.31 14.87
C TRP A 151 -17.87 36.71 15.16
N GLY A 152 -18.93 36.86 15.93
CA GLY A 152 -19.38 38.21 16.18
C GLY A 152 -18.66 38.84 17.36
N PHE A 153 -17.35 38.77 17.40
CA PHE A 153 -16.64 39.33 18.54
C PHE A 153 -15.94 40.62 18.16
N ASP A 154 -16.39 41.72 18.73
CA ASP A 154 -15.82 43.03 18.43
C ASP A 154 -15.48 43.78 19.70
N LYS A 155 -15.65 43.12 20.83
CA LYS A 155 -15.27 43.73 22.08
C LYS A 155 -13.78 44.06 22.07
N LYS A 156 -13.35 45.06 22.85
CA LYS A 156 -11.91 45.40 22.86
C LYS A 156 -11.12 44.83 24.01
N GLY A 157 -9.85 45.20 24.02
CA GLY A 157 -8.96 44.76 25.08
C GLY A 157 -8.42 43.37 24.85
N PRO A 158 -7.78 42.81 25.86
CA PRO A 158 -7.17 41.49 25.76
C PRO A 158 -8.20 40.39 25.54
N TYR A 159 -7.84 39.40 24.73
CA TYR A 159 -8.75 38.29 24.51
C TYR A 159 -8.05 37.00 24.18
N ILE A 160 -8.75 35.89 24.35
CA ILE A 160 -8.18 34.59 24.07
C ILE A 160 -9.18 33.89 23.18
N GLU A 161 -8.71 33.35 22.07
CA GLU A 161 -9.58 32.60 21.18
C GLU A 161 -9.21 31.13 21.27
N LEU A 162 -10.22 30.28 21.38
CA LEU A 162 -10.04 28.82 21.44
C LEU A 162 -10.31 28.25 20.06
N VAL A 163 -9.34 27.51 19.52
CA VAL A 163 -9.46 26.90 18.19
C VAL A 163 -9.39 25.38 18.33
N THR A 164 -10.50 24.69 18.07
CA THR A 164 -10.54 23.22 18.14
C THR A 164 -10.51 22.68 16.71
N SER A 165 -9.54 21.83 16.41
CA SER A 165 -9.40 21.33 15.06
C SER A 165 -8.73 19.94 14.98
N PRO A 166 -9.51 18.91 14.56
CA PRO A 166 -10.92 18.89 14.22
C PRO A 166 -11.82 19.41 15.34
N ASN A 167 -12.76 20.29 14.96
CA ASN A 167 -13.66 20.92 15.92
C ASN A 167 -14.69 20.01 16.56
N ASN A 168 -15.02 20.33 17.80
CA ASN A 168 -16.06 19.65 18.55
C ASN A 168 -17.11 20.73 18.64
N PRO A 169 -18.35 20.44 18.17
CA PRO A 169 -18.93 19.22 17.64
C PRO A 169 -18.88 18.93 16.11
N ASP A 170 -18.89 19.96 15.26
CA ASP A 170 -18.99 19.71 13.83
C ASP A 170 -17.87 18.98 13.13
N GLY A 171 -16.70 18.86 13.77
CA GLY A 171 -15.59 18.16 13.15
C GLY A 171 -14.93 18.91 12.02
N THR A 172 -15.13 20.22 11.96
CA THR A 172 -14.53 21.04 10.91
C THR A 172 -13.06 21.35 11.21
N ILE A 173 -12.24 21.51 10.18
CA ILE A 173 -10.87 21.92 10.37
C ILE A 173 -10.94 23.43 10.56
N ARG A 174 -10.38 23.93 11.66
CA ARG A 174 -10.48 25.36 11.97
C ARG A 174 -9.18 26.14 12.05
N GLU A 175 -9.36 27.46 12.14
CA GLU A 175 -8.27 28.41 12.23
C GLU A 175 -8.85 29.60 12.96
N THR A 176 -7.99 30.48 13.46
CA THR A 176 -8.45 31.67 14.17
C THR A 176 -9.39 32.45 13.27
N VAL A 177 -10.50 32.94 13.82
CA VAL A 177 -11.46 33.71 13.03
C VAL A 177 -11.66 35.13 13.52
N VAL A 178 -10.96 35.50 14.59
CA VAL A 178 -11.11 36.85 15.13
C VAL A 178 -9.78 37.57 15.27
N ALA A 186 -4.04 39.81 22.33
CA ALA A 186 -4.64 38.74 21.50
C ALA A 186 -3.87 37.43 21.58
N LYS A 187 -4.50 36.44 22.20
CA LYS A 187 -3.92 35.13 22.41
C LYS A 187 -4.80 34.04 21.82
N VAL A 188 -4.22 32.87 21.61
CA VAL A 188 -4.96 31.76 21.04
C VAL A 188 -4.50 30.41 21.56
N ILE A 189 -5.49 29.54 21.84
CA ILE A 189 -5.21 28.19 22.31
C ILE A 189 -5.72 27.18 21.30
N HIS A 190 -4.82 26.33 20.82
CA HIS A 190 -5.21 25.32 19.85
C HIS A 190 -5.46 23.98 20.51
N ASP A 191 -6.67 23.48 20.34
CA ASP A 191 -7.10 22.19 20.89
C ASP A 191 -7.07 21.17 19.77
N PHE A 192 -6.02 20.36 19.71
CA PHE A 192 -5.92 19.37 18.66
C PHE A 192 -6.24 18.01 19.23
N ALA A 193 -7.31 17.93 19.99
CA ALA A 193 -7.74 16.67 20.59
C ALA A 193 -7.81 15.56 19.56
N TYR A 194 -8.49 15.84 18.44
CA TYR A 194 -8.70 14.85 17.38
C TYR A 194 -7.81 15.08 16.17
N TYR A 195 -6.68 15.70 16.32
CA TYR A 195 -5.82 15.89 15.16
C TYR A 195 -4.88 14.71 14.96
N TRP A 196 -5.43 13.54 14.64
CA TRP A 196 -4.65 12.32 14.46
C TRP A 196 -5.09 11.62 13.18
N PRO A 197 -4.18 10.88 12.54
CA PRO A 197 -4.42 10.20 11.27
C PRO A 197 -5.71 9.39 11.17
N HIS A 198 -6.17 8.76 12.24
CA HIS A 198 -7.39 7.95 12.14
C HIS A 198 -8.66 8.79 12.15
N TYR A 199 -8.51 10.07 12.39
CA TYR A 199 -9.68 10.95 12.38
C TYR A 199 -9.66 11.81 11.16
N THR A 200 -8.52 12.41 10.87
CA THR A 200 -8.44 13.39 9.79
C THR A 200 -7.05 13.33 9.18
N PRO A 201 -6.90 13.76 7.92
CA PRO A 201 -5.57 13.72 7.30
C PRO A 201 -4.59 14.75 7.87
N ILE A 202 -3.35 14.33 8.11
CA ILE A 202 -2.34 15.22 8.64
C ILE A 202 -1.78 16.10 7.56
N THR A 203 -2.42 17.25 7.37
CA THR A 203 -2.03 18.18 6.32
C THR A 203 -0.73 18.94 6.62
N ARG A 204 -0.58 19.40 7.87
CA ARG A 204 0.63 20.13 8.23
C ARG A 204 1.06 19.81 9.66
N ARG A 205 2.36 19.97 9.87
CA ARG A 205 3.00 19.69 11.15
C ARG A 205 2.84 20.92 12.00
N GLN A 206 1.75 20.94 12.76
CA GLN A 206 1.33 22.07 13.57
C GLN A 206 2.43 22.72 14.37
N ASP A 207 2.47 24.04 14.31
CA ASP A 207 3.51 24.74 15.02
C ASP A 207 2.99 26.05 15.52
N HIS A 208 2.05 26.01 16.44
CA HIS A 208 1.49 27.24 17.02
C HIS A 208 2.03 27.40 18.43
N ASP A 209 1.70 28.50 19.08
CA ASP A 209 2.22 28.78 20.41
C ASP A 209 1.77 27.84 21.52
N ILE A 210 0.49 27.46 21.50
CA ILE A 210 -0.07 26.60 22.54
C ILE A 210 -0.84 25.53 21.80
N MET A 211 -0.34 24.29 21.86
CA MET A 211 -1.02 23.16 21.25
C MET A 211 -1.41 22.11 22.29
N LEU A 212 -2.70 21.82 22.38
CA LEU A 212 -3.24 20.86 23.36
C LEU A 212 -3.53 19.47 22.75
N PHE A 213 -3.23 18.40 23.48
CA PHE A 213 -3.48 17.02 23.03
C PHE A 213 -3.94 16.18 24.20
N THR A 214 -4.82 15.23 23.94
CA THR A 214 -5.41 14.39 24.99
C THR A 214 -5.22 12.92 24.65
N PHE A 215 -4.73 12.15 25.63
CA PHE A 215 -4.50 10.72 25.46
C PHE A 215 -5.82 10.04 25.24
N SER A 216 -6.85 10.56 25.85
CA SER A 216 -8.20 9.98 25.79
C SER A 216 -8.71 9.61 24.41
N1 LLP A 217 -11.00 18.70 24.16
C2 LLP A 217 -11.97 18.38 23.23
C2' LLP A 217 -12.24 19.37 22.11
C3 LLP A 217 -12.69 17.14 23.33
O3 LLP A 217 -13.66 16.75 22.45
C4 LLP A 217 -12.40 16.27 24.38
C4' LLP A 217 -13.17 14.95 24.47
C5 LLP A 217 -11.41 16.64 25.38
C6 LLP A 217 -10.67 17.90 25.22
C5' LLP A 217 -11.11 15.68 26.46
OP4 LLP A 217 -10.06 16.10 27.26
P LLP A 217 -9.64 15.07 28.36
OP1 LLP A 217 -9.28 13.72 27.84
OP2 LLP A 217 -8.58 15.78 29.05
OP3 LLP A 217 -10.72 14.86 29.33
N LLP A 217 -8.76 10.65 23.45
CA LLP A 217 -9.34 10.48 22.13
CB LLP A 217 -9.69 11.88 21.62
CG LLP A 217 -10.64 12.64 22.57
CD LLP A 217 -11.93 11.86 22.90
CE LLP A 217 -12.61 12.41 24.14
NZ LLP A 217 -12.24 13.83 24.25
C LLP A 217 -8.39 9.79 21.18
O LLP A 217 -8.77 9.34 20.11
N ILE A 218 -7.03 9.64 21.53
CA ILE A 218 -6.08 8.98 20.67
C ILE A 218 -6.39 7.50 20.77
N THR A 219 -6.12 6.91 21.95
CA THR A 219 -6.27 5.45 22.13
C THR A 219 -7.53 5.00 22.84
N GLY A 220 -8.28 5.95 23.39
CA GLY A 220 -9.48 5.60 24.09
C GLY A 220 -9.29 5.47 25.58
N HIS A 221 -8.07 5.70 26.06
CA HIS A 221 -7.79 5.60 27.48
C HIS A 221 -8.18 6.90 28.20
N ALA A 222 -9.49 7.19 28.26
CA ALA A 222 -10.01 8.43 28.90
C ALA A 222 -9.89 8.39 30.43
N GLY A 223 -9.98 7.19 31.01
CA GLY A 223 -9.89 7.00 32.46
C GLY A 223 -8.53 7.31 33.03
N SER A 224 -7.53 7.47 32.18
CA SER A 224 -6.19 7.76 32.63
C SER A 224 -6.00 9.21 32.99
N ARG A 225 -6.90 10.05 32.50
CA ARG A 225 -6.83 11.48 32.76
C ARG A 225 -5.48 12.06 32.42
N ILE A 226 -5.11 11.99 31.13
CA ILE A 226 -3.78 12.46 30.65
C ILE A 226 -3.84 13.28 29.37
N GLY A 227 -3.28 14.48 29.43
CA GLY A 227 -3.27 15.35 28.27
C GLY A 227 -1.96 16.07 28.40
N TRP A 228 -1.51 16.65 27.31
CA TRP A 228 -0.27 17.44 27.35
C TRP A 228 -0.37 18.66 26.45
N ALA A 229 0.41 19.68 26.78
CA ALA A 229 0.45 20.91 26.00
C ALA A 229 1.87 21.22 25.53
N LEU A 230 2.00 21.73 24.31
CA LEU A 230 3.29 22.13 23.77
C LEU A 230 3.22 23.65 23.80
N VAL A 231 4.14 24.28 24.53
CA VAL A 231 4.11 25.74 24.72
C VAL A 231 5.42 26.40 24.34
N LYS A 232 5.33 27.38 23.45
CA LYS A 232 6.54 28.07 23.01
C LYS A 232 7.02 29.12 23.99
N ASP A 233 6.09 29.94 24.46
CA ASP A 233 6.42 30.97 25.40
C ASP A 233 6.64 30.32 26.76
N LYS A 234 7.87 30.43 27.25
CA LYS A 234 8.27 29.90 28.54
C LYS A 234 7.50 30.53 29.71
N GLU A 235 7.19 31.82 29.62
CA GLU A 235 6.46 32.51 30.68
C GLU A 235 5.07 31.89 30.83
N VAL A 236 4.47 31.54 29.70
CA VAL A 236 3.14 30.94 29.72
C VAL A 236 3.20 29.54 30.31
N ALA A 237 4.19 28.78 29.87
CA ALA A 237 4.44 27.41 30.34
C ALA A 237 4.64 27.34 31.83
N LYS A 238 5.45 28.27 32.32
CA LYS A 238 5.77 28.40 33.73
C LYS A 238 4.54 28.68 34.58
N LYS A 239 3.67 29.58 34.08
CA LYS A 239 2.42 29.94 34.73
C LYS A 239 1.42 28.78 34.64
N MET A 240 1.50 28.01 33.57
CA MET A 240 0.61 26.88 33.42
C MET A 240 0.98 25.84 34.48
N VAL A 241 2.27 25.51 34.59
CA VAL A 241 2.77 24.56 35.59
C VAL A 241 2.34 24.98 36.98
N GLU A 242 2.54 26.24 37.31
CA GLU A 242 2.17 26.81 38.58
C GLU A 242 0.70 26.57 38.83
N TYR A 243 -0.13 26.86 37.83
CA TYR A 243 -1.56 26.65 37.97
C TYR A 243 -1.83 25.23 38.40
N ILE A 244 -1.23 24.27 37.71
CA ILE A 244 -1.45 22.87 38.04
C ILE A 244 -0.90 22.53 39.43
N ILE A 245 0.21 23.13 39.82
CA ILE A 245 0.72 22.93 41.16
C ILE A 245 -0.28 23.26 42.27
N VAL A 246 -0.92 24.44 42.19
CA VAL A 246 -1.94 24.87 43.17
C VAL A 246 -3.25 24.13 43.00
N ASN A 247 -3.53 23.77 41.76
CA ASN A 247 -4.75 23.06 41.43
C ASN A 247 -4.77 21.57 41.90
N SER A 248 -3.64 20.87 41.84
CA SER A 248 -3.67 19.46 42.25
C SER A 248 -2.30 18.93 42.47
N ILE A 249 -1.35 19.82 42.70
CA ILE A 249 0.03 19.45 42.88
C ILE A 249 0.52 18.42 41.87
N GLY A 250 0.34 18.68 40.58
CA GLY A 250 0.81 17.71 39.62
C GLY A 250 -0.21 16.72 39.11
N VAL A 251 0.28 15.75 38.35
CA VAL A 251 -0.55 14.73 37.71
C VAL A 251 -0.14 13.33 38.17
N SER A 252 -1.12 12.45 38.30
CA SER A 252 -0.90 11.05 38.70
C SER A 252 0.28 10.40 38.02
N LYS A 253 1.28 10.03 38.79
CA LYS A 253 2.46 9.32 38.26
C LYS A 253 2.05 8.06 37.52
N GLU A 254 1.33 7.17 38.20
CA GLU A 254 0.94 5.91 37.57
C GLU A 254 0.25 6.08 36.22
N SER A 255 -0.41 7.22 36.04
CA SER A 255 -1.11 7.51 34.79
C SER A 255 -0.03 7.79 33.75
N GLN A 256 0.90 8.67 34.10
CA GLN A 256 1.96 9.07 33.19
C GLN A 256 2.72 7.83 32.77
N VAL A 257 3.03 6.99 33.72
CA VAL A 257 3.76 5.76 33.45
C VAL A 257 2.98 4.83 32.51
N ARG A 258 1.66 4.71 32.73
CA ARG A 258 0.86 3.89 31.87
C ARG A 258 0.66 4.52 30.50
N THR A 259 0.27 5.80 30.45
CA THR A 259 0.15 6.52 29.18
C THR A 259 1.41 6.33 28.29
N ALA A 260 2.57 6.44 28.92
CA ALA A 260 3.83 6.25 28.24
C ALA A 260 3.94 4.83 27.68
N LYS A 261 3.53 3.83 28.45
CA LYS A 261 3.62 2.43 28.00
C LYS A 261 2.76 2.21 26.77
N ILE A 262 1.53 2.73 26.83
CA ILE A 262 0.57 2.60 25.73
C ILE A 262 1.03 3.36 24.50
N LEU A 263 1.47 4.58 24.69
CA LEU A 263 1.92 5.38 23.55
C LEU A 263 3.16 4.76 22.88
N ASN A 264 3.99 4.04 23.63
CA ASN A 264 5.13 3.37 23.02
C ASN A 264 4.65 2.21 22.15
N VAL A 265 3.80 1.36 22.69
CA VAL A 265 3.26 0.25 21.94
C VAL A 265 2.61 0.78 20.67
N LEU A 266 1.79 1.82 20.82
CA LEU A 266 1.14 2.44 19.69
C LEU A 266 2.17 2.84 18.61
N LYS A 267 3.28 3.43 19.04
CA LYS A 267 4.33 3.84 18.12
C LYS A 267 4.93 2.65 17.35
N GLU A 268 5.31 1.60 18.07
CA GLU A 268 5.83 0.37 17.46
C GLU A 268 4.81 -0.06 16.42
N THR A 269 3.55 -0.14 16.82
CA THR A 269 2.47 -0.54 15.95
C THR A 269 2.46 0.19 14.59
N CYS A 270 2.96 1.42 14.55
CA CYS A 270 2.89 2.22 13.32
C CYS A 270 3.65 1.65 12.15
N LYS A 271 4.62 0.79 12.44
CA LYS A 271 5.42 0.20 11.36
C LYS A 271 4.88 -1.16 10.97
N SER A 272 3.80 -1.59 11.63
CA SER A 272 3.22 -2.90 11.33
C SER A 272 2.40 -2.84 10.05
N GLU A 273 2.29 -3.95 9.36
CA GLU A 273 1.49 -4.00 8.14
C GLU A 273 0.11 -4.50 8.40
N SER A 274 -0.05 -5.31 9.44
CA SER A 274 -1.35 -5.85 9.76
C SER A 274 -2.31 -4.69 9.99
N GLU A 275 -3.53 -4.80 9.50
CA GLU A 275 -4.49 -3.72 9.66
C GLU A 275 -5.24 -3.84 10.96
N SER A 276 -4.93 -4.90 11.70
CA SER A 276 -5.53 -5.12 13.00
C SER A 276 -4.47 -4.78 14.04
N GLU A 277 -3.20 -4.72 13.59
CA GLU A 277 -2.08 -4.39 14.45
C GLU A 277 -1.83 -2.86 14.44
N ASN A 278 -1.58 -2.29 13.26
CA ASN A 278 -1.34 -0.86 13.11
C ASN A 278 -2.57 -0.13 13.59
N PHE A 279 -2.47 0.46 14.77
CA PHE A 279 -3.57 1.18 15.39
C PHE A 279 -4.20 2.22 14.49
N PHE A 280 -3.41 3.13 13.94
CA PHE A 280 -3.98 4.20 13.12
C PHE A 280 -4.70 3.62 11.92
N LYS A 281 -4.29 2.43 11.49
CA LYS A 281 -4.92 1.82 10.34
C LYS A 281 -6.26 1.22 10.78
N TYR A 282 -6.19 0.50 11.89
CA TYR A 282 -7.37 -0.09 12.49
C TYR A 282 -8.40 0.99 12.87
N GLY A 283 -7.91 2.09 13.42
CA GLY A 283 -8.82 3.16 13.81
C GLY A 283 -9.52 3.80 12.64
N ARG A 284 -8.77 4.24 11.66
CA ARG A 284 -9.36 4.91 10.53
C ARG A 284 -10.33 4.02 9.76
N GLU A 285 -9.96 2.76 9.59
CA GLU A 285 -10.81 1.79 8.90
C GLU A 285 -12.10 1.63 9.67
N MET A 286 -12.02 1.73 10.99
CA MET A 286 -13.19 1.61 11.84
C MET A 286 -14.06 2.85 11.68
N MET A 287 -13.42 4.01 11.73
CA MET A 287 -14.16 5.26 11.64
C MET A 287 -14.80 5.41 10.29
N LYS A 288 -14.18 4.80 9.29
CA LYS A 288 -14.67 4.87 7.90
C LYS A 288 -15.97 4.08 7.78
N ASN A 289 -15.88 2.81 8.15
CA ASN A 289 -17.04 1.92 8.14
C ASN A 289 -18.20 2.58 8.85
N ARG A 290 -18.00 2.94 10.11
CA ARG A 290 -19.06 3.57 10.87
C ARG A 290 -19.65 4.75 10.15
N TRP A 291 -18.81 5.59 9.55
CA TRP A 291 -19.31 6.80 8.87
C TRP A 291 -20.07 6.50 7.57
N GLU A 292 -19.69 5.40 6.91
CA GLU A 292 -20.38 5.02 5.69
C GLU A 292 -21.76 4.50 6.03
N LYS A 293 -21.88 3.66 7.05
CA LYS A 293 -23.18 3.12 7.45
C LYS A 293 -24.11 4.25 7.88
N LEU A 294 -23.53 5.24 8.56
CA LEU A 294 -24.31 6.40 8.99
C LEU A 294 -24.71 7.22 7.77
N ARG A 295 -23.79 7.34 6.83
CA ARG A 295 -24.03 8.04 5.58
C ARG A 295 -25.23 7.47 4.80
N GLU A 296 -25.30 6.15 4.70
CA GLU A 296 -26.41 5.46 4.04
C GLU A 296 -27.71 5.83 4.71
N VAL A 297 -27.81 5.53 6.00
CA VAL A 297 -29.01 5.78 6.77
C VAL A 297 -29.51 7.19 6.52
N VAL A 298 -28.62 8.17 6.62
CA VAL A 298 -29.03 9.56 6.48
C VAL A 298 -29.53 9.84 5.09
N LYS A 299 -28.83 9.28 4.12
CA LYS A 299 -29.18 9.52 2.74
C LYS A 299 -30.65 9.16 2.44
N GLU A 300 -31.06 7.95 2.82
CA GLU A 300 -32.44 7.51 2.59
C GLU A 300 -33.42 8.09 3.58
N SER A 301 -32.93 8.89 4.52
CA SER A 301 -33.81 9.62 5.43
C SER A 301 -34.32 10.82 4.70
N ASP A 302 -35.46 11.33 5.13
CA ASP A 302 -36.00 12.54 4.52
C ASP A 302 -35.76 13.83 5.27
N ALA A 303 -35.23 13.73 6.51
CA ALA A 303 -35.05 14.98 7.24
C ALA A 303 -33.63 15.30 7.69
N PHE A 304 -32.87 14.26 8.07
CA PHE A 304 -31.54 14.49 8.64
C PHE A 304 -30.47 14.99 7.66
N THR A 305 -29.57 15.82 8.18
CA THR A 305 -28.43 16.36 7.45
C THR A 305 -27.11 16.07 8.17
N LEU A 306 -26.06 15.78 7.39
CA LEU A 306 -24.77 15.44 7.97
C LEU A 306 -23.74 16.30 7.27
N PRO A 307 -22.76 16.81 8.02
CA PRO A 307 -21.74 17.68 7.46
C PRO A 307 -20.98 17.03 6.31
N LYS A 308 -20.35 17.86 5.49
CA LYS A 308 -19.54 17.38 4.37
C LYS A 308 -18.08 17.74 4.60
N TYR A 309 -17.21 16.74 4.48
CA TYR A 309 -15.78 16.96 4.70
C TYR A 309 -14.99 16.82 3.42
N PRO A 310 -14.17 17.84 3.10
CA PRO A 310 -13.37 17.81 1.88
C PRO A 310 -12.27 16.75 1.98
N GLU A 311 -11.82 16.26 0.84
CA GLU A 311 -10.76 15.27 0.82
C GLU A 311 -9.44 16.05 0.89
N ALA A 312 -8.43 15.45 1.51
CA ALA A 312 -7.16 16.12 1.65
C ALA A 312 -6.03 15.11 1.71
N PHE A 313 -4.82 15.56 1.38
CA PHE A 313 -3.66 14.70 1.37
C PHE A 313 -3.05 14.61 2.77
N CYS A 314 -2.92 13.37 3.26
CA CYS A 314 -2.34 13.11 4.57
C CYS A 314 -0.86 12.74 4.45
N ASN A 315 -0.03 13.54 5.09
CA ASN A 315 1.40 13.31 5.07
C ASN A 315 1.79 12.05 5.82
N TYR A 316 0.95 11.58 6.73
CA TYR A 316 1.28 10.36 7.46
C TYR A 316 1.07 9.12 6.60
N PHE A 317 -0.11 8.99 6.03
CA PHE A 317 -0.39 7.86 5.17
C PHE A 317 0.08 8.08 3.73
N GLY A 318 0.49 9.30 3.42
CA GLY A 318 0.98 9.61 2.09
C GLY A 318 -0.08 9.54 1.00
N LYS A 319 -1.34 9.46 1.41
CA LYS A 319 -2.45 9.38 0.45
C LYS A 319 -3.39 10.57 0.56
N SER A 320 -4.30 10.64 -0.38
CA SER A 320 -5.28 11.69 -0.36
C SER A 320 -6.59 11.05 0.12
N LEU A 321 -7.00 11.35 1.36
CA LEU A 321 -8.20 10.73 1.89
C LEU A 321 -9.11 11.61 2.74
N GLU A 322 -10.26 11.01 3.11
CA GLU A 322 -11.31 11.67 3.86
C GLU A 322 -11.05 11.70 5.37
N SER A 323 -11.86 12.45 6.06
CA SER A 323 -11.76 12.52 7.49
C SER A 323 -13.09 12.06 8.10
N TYR A 324 -13.00 11.12 9.04
CA TYR A 324 -14.19 10.59 9.72
C TYR A 324 -14.16 10.98 11.20
N PRO A 325 -14.74 12.14 11.55
CA PRO A 325 -14.76 12.70 12.89
C PRO A 325 -15.30 11.78 14.00
N ALA A 326 -14.91 12.04 15.23
CA ALA A 326 -15.33 11.18 16.32
C ALA A 326 -16.76 11.46 16.74
N PHE A 327 -17.31 12.59 16.28
CA PHE A 327 -18.67 13.02 16.56
C PHE A 327 -19.39 13.23 15.26
N ALA A 328 -20.71 13.03 15.31
CA ALA A 328 -21.58 13.25 14.16
C ALA A 328 -22.44 14.47 14.49
N TRP A 329 -22.25 15.57 13.73
CA TRP A 329 -23.05 16.78 13.91
C TRP A 329 -24.33 16.56 13.13
N LEU A 330 -25.34 16.01 13.79
CA LEU A 330 -26.60 15.69 13.13
C LEU A 330 -27.54 16.87 13.17
N GLY A 331 -28.15 17.14 12.02
CA GLY A 331 -29.10 18.24 11.90
C GLY A 331 -30.39 17.80 11.25
N THR A 332 -31.43 18.60 11.41
CA THR A 332 -32.72 18.28 10.82
C THR A 332 -33.26 19.45 10.03
N LYS A 333 -33.83 19.17 8.86
CA LYS A 333 -34.36 20.22 7.98
C LYS A 333 -35.68 20.79 8.52
N GLU A 334 -36.41 19.93 9.24
CA GLU A 334 -37.68 20.31 9.85
C GLU A 334 -37.50 21.40 10.89
N GLU A 335 -38.58 21.66 11.63
CA GLU A 335 -38.54 22.65 12.71
C GLU A 335 -38.86 21.92 14.00
N THR A 336 -37.94 21.09 14.43
CA THR A 336 -38.13 20.30 15.62
C THR A 336 -37.05 20.57 16.64
N ASP A 337 -37.26 20.03 17.84
CA ASP A 337 -36.27 20.07 18.89
C ASP A 337 -35.62 18.71 18.75
N LEU A 338 -34.63 18.62 17.87
CA LEU A 338 -33.98 17.36 17.56
C LEU A 338 -33.51 16.57 18.76
N VAL A 339 -32.95 17.25 19.74
CA VAL A 339 -32.47 16.57 20.92
C VAL A 339 -33.63 15.93 21.66
N SER A 340 -34.80 16.56 21.56
CA SER A 340 -36.00 16.07 22.24
C SER A 340 -36.54 14.82 21.55
N GLU A 341 -36.78 14.93 20.25
CA GLU A 341 -37.27 13.80 19.45
C GLU A 341 -36.34 12.60 19.54
N LEU A 342 -35.05 12.90 19.55
CA LEU A 342 -34.04 11.87 19.64
C LEU A 342 -34.16 11.10 20.96
N ARG A 343 -34.39 11.82 22.05
CA ARG A 343 -34.55 11.20 23.37
C ARG A 343 -35.82 10.41 23.44
N ARG A 344 -36.81 10.84 22.66
CA ARG A 344 -38.09 10.17 22.59
C ARG A 344 -37.96 8.75 22.07
N HIS A 345 -36.90 8.50 21.33
CA HIS A 345 -36.60 7.15 20.82
C HIS A 345 -35.49 6.53 21.64
N LYS A 346 -35.29 7.08 22.84
CA LYS A 346 -34.29 6.61 23.80
C LYS A 346 -32.87 6.81 23.30
N VAL A 347 -32.63 7.91 22.58
CA VAL A 347 -31.30 8.23 22.08
C VAL A 347 -30.79 9.50 22.75
N MET A 348 -29.75 9.36 23.56
CA MET A 348 -29.16 10.52 24.21
C MET A 348 -28.07 11.12 23.37
N SER A 349 -28.09 12.44 23.24
CA SER A 349 -27.13 13.21 22.45
C SER A 349 -26.95 14.63 23.03
N ARG A 350 -25.92 15.32 22.57
CA ARG A 350 -25.64 16.66 23.07
C ARG A 350 -26.37 17.72 22.24
N ALA A 351 -27.31 18.41 22.91
CA ALA A 351 -28.12 19.47 22.32
C ALA A 351 -27.25 20.55 21.66
N GLY A 352 -27.45 20.75 20.35
CA GLY A 352 -26.73 21.79 19.64
C GLY A 352 -26.76 23.14 20.33
N GLU A 353 -27.85 23.42 21.03
CA GLU A 353 -27.98 24.70 21.75
C GLU A 353 -26.86 24.87 22.76
N ARG A 354 -26.35 23.75 23.25
CA ARG A 354 -25.27 23.80 24.23
C ARG A 354 -23.94 24.10 23.61
N CYS A 355 -23.89 24.01 22.28
CA CYS A 355 -22.69 24.27 21.53
C CYS A 355 -22.76 25.64 20.86
N GLY A 356 -23.74 26.44 21.26
CA GLY A 356 -23.94 27.74 20.64
C GLY A 356 -24.65 27.65 19.28
N SER A 357 -25.42 26.58 19.09
CA SER A 357 -26.10 26.34 17.83
C SER A 357 -27.61 26.50 18.10
N ASP A 358 -28.44 25.79 17.32
CA ASP A 358 -29.90 25.82 17.46
C ASP A 358 -30.50 24.44 17.76
N LYS A 359 -31.77 24.41 18.12
CA LYS A 359 -32.47 23.17 18.46
C LYS A 359 -32.55 22.14 17.32
N LYS A 360 -32.13 22.54 16.12
CA LYS A 360 -32.18 21.66 14.97
C LYS A 360 -30.95 20.75 14.87
N HIS A 361 -29.98 20.95 15.76
CA HIS A 361 -28.76 20.15 15.74
C HIS A 361 -28.48 19.42 17.07
N VAL A 362 -27.72 18.33 16.96
CA VAL A 362 -27.31 17.52 18.10
C VAL A 362 -25.95 16.89 17.80
N ARG A 363 -25.23 16.49 18.84
CA ARG A 363 -23.91 15.94 18.65
C ARG A 363 -23.97 14.50 19.10
N VAL A 364 -23.73 13.58 18.19
CA VAL A 364 -23.79 12.18 18.56
C VAL A 364 -22.41 11.58 18.41
N SER A 365 -21.92 10.97 19.47
CA SER A 365 -20.60 10.36 19.49
C SER A 365 -20.57 9.21 18.53
N MET A 366 -19.43 9.03 17.88
CA MET A 366 -19.21 7.91 16.97
C MET A 366 -18.23 6.91 17.57
N LEU A 367 -17.80 7.15 18.81
CA LEU A 367 -16.81 6.33 19.44
C LEU A 367 -17.34 5.42 20.52
N SER A 368 -18.63 5.12 20.47
CA SER A 368 -19.24 4.22 21.45
C SER A 368 -18.90 2.79 21.06
N ARG A 369 -19.53 1.85 21.76
CA ARG A 369 -19.32 0.45 21.48
C ARG A 369 -20.12 0.06 20.26
N GLU A 370 -19.61 -0.95 19.56
CA GLU A 370 -20.22 -1.48 18.34
C GLU A 370 -21.72 -1.64 18.40
N ASP A 371 -22.18 -2.48 19.33
CA ASP A 371 -23.60 -2.76 19.45
C ASP A 371 -24.40 -1.50 19.71
N VAL A 372 -23.92 -0.64 20.60
CA VAL A 372 -24.63 0.63 20.89
C VAL A 372 -24.79 1.45 19.59
N PHE A 373 -23.72 1.48 18.79
CA PHE A 373 -23.69 2.21 17.52
C PHE A 373 -24.76 1.67 16.57
N ASN A 374 -24.72 0.36 16.32
CA ASN A 374 -25.70 -0.29 15.48
C ASN A 374 -27.14 -0.02 15.89
N VAL A 375 -27.41 -0.14 17.18
CA VAL A 375 -28.75 0.14 17.70
C VAL A 375 -29.15 1.56 17.33
N PHE A 376 -28.21 2.49 17.44
CA PHE A 376 -28.49 3.88 17.11
C PHE A 376 -28.86 4.04 15.64
N LEU A 377 -28.20 3.27 14.76
CA LEU A 377 -28.46 3.38 13.32
C LEU A 377 -29.85 2.87 13.01
N GLU A 378 -30.21 1.77 13.64
CA GLU A 378 -31.52 1.18 13.49
C GLU A 378 -32.62 2.20 13.87
N ARG A 379 -32.50 2.73 15.08
CA ARG A 379 -33.47 3.70 15.55
C ARG A 379 -33.52 4.97 14.71
N LEU A 380 -32.36 5.35 14.17
CA LEU A 380 -32.22 6.60 13.42
C LEU A 380 -32.99 6.59 12.09
N ALA A 381 -32.90 5.48 11.36
CA ALA A 381 -33.59 5.32 10.08
C ALA A 381 -35.09 5.04 10.26
N ASN A 382 -35.48 4.50 11.44
CA ASN A 382 -36.86 4.14 11.72
C ASN A 382 -37.60 5.18 12.56
N MET A 383 -37.67 6.42 12.07
CA MET A 383 -38.31 7.49 12.84
C MET A 383 -38.67 8.76 12.06
N LYS A 384 -39.61 9.52 12.63
CA LYS A 384 -40.06 10.77 12.02
C LYS A 384 -40.27 11.84 13.10
N ASN B 17 33.61 13.35 44.77
CA ASN B 17 34.43 14.23 45.66
C ASN B 17 33.59 15.34 46.28
N ILE B 18 32.34 15.43 45.81
CA ILE B 18 31.39 16.46 46.27
C ILE B 18 31.38 16.68 47.78
N PRO B 19 32.09 17.74 48.27
CA PRO B 19 32.12 17.99 49.71
C PRO B 19 30.72 18.15 50.23
N MET B 20 30.39 17.32 51.21
CA MET B 20 29.07 17.29 51.79
C MET B 20 28.58 18.57 52.46
N SER B 21 29.39 19.61 52.51
CA SER B 21 28.96 20.87 53.11
C SER B 21 28.25 21.75 52.06
N ASP B 22 28.33 21.33 50.80
CA ASP B 22 27.71 22.03 49.68
C ASP B 22 26.36 21.39 49.37
N PHE B 23 25.93 20.56 50.29
CA PHE B 23 24.75 19.83 50.06
C PHE B 23 23.53 20.46 50.74
N VAL B 24 22.60 20.92 49.92
CA VAL B 24 21.39 21.56 50.42
C VAL B 24 20.38 20.55 50.94
N VAL B 25 19.98 20.75 52.19
CA VAL B 25 18.95 19.94 52.83
C VAL B 25 17.63 20.68 52.58
N ASN B 26 16.81 20.11 51.72
CA ASN B 26 15.52 20.72 51.44
C ASN B 26 14.37 20.14 52.25
N LEU B 27 14.01 20.79 53.36
CA LEU B 27 12.91 20.34 54.22
C LEU B 27 11.84 21.45 54.26
N ASP B 28 11.71 22.15 53.13
CA ASP B 28 10.73 23.22 52.94
C ASP B 28 9.37 22.62 52.63
N HIS B 29 9.37 21.61 51.76
CA HIS B 29 8.15 20.97 51.32
C HIS B 29 7.80 19.80 52.25
N GLY B 30 6.84 18.97 51.87
CA GLY B 30 6.52 17.86 52.74
C GLY B 30 6.51 16.51 52.04
N ASP B 31 7.46 16.32 51.14
CA ASP B 31 7.56 15.09 50.38
C ASP B 31 7.91 13.98 51.37
N PRO B 32 6.94 13.10 51.67
CA PRO B 32 7.10 11.98 52.63
C PRO B 32 7.93 10.84 52.08
N THR B 33 9.19 11.11 51.77
CA THR B 33 10.04 10.06 51.24
C THR B 33 10.53 9.10 52.31
N ALA B 34 10.26 9.43 53.57
CA ALA B 34 10.70 8.61 54.70
C ALA B 34 10.17 7.18 54.68
N TYR B 35 9.04 6.99 54.01
CA TYR B 35 8.40 5.69 53.96
C TYR B 35 8.86 4.80 52.80
N GLU B 36 9.76 5.31 51.97
CA GLU B 36 10.18 4.62 50.76
C GLU B 36 10.84 3.27 51.05
N GLU B 37 11.74 3.26 52.01
CA GLU B 37 12.37 2.04 52.46
C GLU B 37 11.36 0.98 52.85
N TYR B 38 10.48 1.35 53.77
CA TYR B 38 9.44 0.46 54.23
C TYR B 38 8.75 -0.26 53.07
N TRP B 39 8.19 0.51 52.15
CA TRP B 39 7.45 -0.10 51.07
C TRP B 39 8.28 -0.95 50.14
N ARG B 40 9.56 -0.61 50.03
CA ARG B 40 10.45 -1.41 49.19
C ARG B 40 10.55 -2.81 49.75
N LYS B 41 10.68 -2.91 51.07
CA LYS B 41 10.77 -4.19 51.73
C LYS B 41 9.50 -5.01 51.61
N MET B 42 8.36 -4.33 51.61
CA MET B 42 7.08 -5.05 51.48
C MET B 42 7.10 -6.03 50.32
N GLY B 43 7.91 -5.73 49.31
CA GLY B 43 8.05 -6.61 48.16
C GLY B 43 6.87 -6.74 47.22
N ASP B 44 6.86 -7.84 46.49
CA ASP B 44 5.88 -8.11 45.45
C ASP B 44 4.42 -8.08 45.87
N ARG B 45 4.15 -8.09 47.17
CA ARG B 45 2.78 -8.09 47.64
C ARG B 45 2.08 -6.75 47.35
N CYS B 46 2.88 -5.73 47.06
CA CYS B 46 2.39 -4.39 46.75
C CYS B 46 2.23 -4.14 45.26
N THR B 47 2.72 -5.06 44.45
CA THR B 47 2.66 -4.90 43.02
C THR B 47 1.28 -4.69 42.44
N VAL B 48 1.22 -3.79 41.46
CA VAL B 48 -0.02 -3.47 40.77
C VAL B 48 0.16 -3.77 39.28
N THR B 49 -0.80 -4.49 38.73
CA THR B 49 -0.76 -4.87 37.34
C THR B 49 -2.00 -4.38 36.63
N ILE B 50 -1.78 -3.69 35.51
CA ILE B 50 -2.88 -3.08 34.75
C ILE B 50 -2.84 -3.52 33.28
N ARG B 51 -3.89 -4.21 32.85
CA ARG B 51 -3.95 -4.67 31.48
C ARG B 51 -4.13 -3.51 30.53
N GLY B 52 -3.88 -3.77 29.25
CA GLY B 52 -4.01 -2.73 28.25
C GLY B 52 -5.40 -2.19 28.02
N CYS B 53 -6.42 -2.99 28.29
CA CYS B 53 -7.80 -2.55 28.10
C CYS B 53 -8.52 -2.15 29.38
N ASP B 54 -7.82 -2.19 30.52
CA ASP B 54 -8.41 -1.82 31.81
C ASP B 54 -8.58 -0.33 31.97
N LEU B 55 -9.55 0.03 32.81
CA LEU B 55 -9.81 1.42 33.18
C LEU B 55 -9.83 2.35 32.00
N MET B 56 -10.52 2.00 30.94
CA MET B 56 -10.57 2.93 29.79
C MET B 56 -11.62 4.00 29.86
N SER B 57 -12.81 3.66 30.34
CA SER B 57 -13.94 4.59 30.39
C SER B 57 -13.72 5.78 31.32
N TYR B 58 -14.47 6.84 31.06
CA TYR B 58 -14.49 7.99 31.91
C TYR B 58 -15.20 7.63 33.21
N PHE B 59 -16.26 6.84 33.12
CA PHE B 59 -17.08 6.51 34.29
C PHE B 59 -16.63 5.25 35.04
N SER B 60 -16.85 5.24 36.36
CA SER B 60 -16.54 4.07 37.22
C SER B 60 -17.84 3.40 37.61
N ASP B 61 -18.81 4.21 38.02
CA ASP B 61 -20.09 3.69 38.52
C ASP B 61 -21.13 4.80 38.56
N MET B 62 -22.10 4.72 37.68
CA MET B 62 -23.15 5.75 37.61
C MET B 62 -24.15 5.64 38.73
N THR B 63 -23.99 4.59 39.53
CA THR B 63 -24.88 4.28 40.65
C THR B 63 -24.51 5.08 41.88
N ASN B 64 -23.36 5.75 41.81
CA ASN B 64 -22.86 6.55 42.91
C ASN B 64 -22.92 8.02 42.62
N LEU B 65 -23.05 8.82 43.67
CA LEU B 65 -23.05 10.26 43.49
C LEU B 65 -21.76 10.66 42.75
N CYS B 66 -20.62 10.24 43.30
CA CYS B 66 -19.34 10.46 42.69
C CYS B 66 -19.09 9.26 41.79
N TRP B 67 -19.49 9.36 40.53
CA TRP B 67 -19.38 8.25 39.60
C TRP B 67 -17.95 7.94 39.17
N PHE B 68 -17.00 8.83 39.46
CA PHE B 68 -15.65 8.55 39.05
C PHE B 68 -14.85 7.88 40.16
N LEU B 69 -15.57 7.38 41.16
CA LEU B 69 -14.94 6.71 42.26
C LEU B 69 -14.89 5.20 42.05
N GLU B 70 -13.70 4.66 41.96
CA GLU B 70 -13.54 3.21 41.76
C GLU B 70 -14.02 2.44 42.99
N PRO B 71 -14.87 1.43 42.77
CA PRO B 71 -15.42 0.63 43.88
C PRO B 71 -14.39 0.07 44.86
N GLU B 72 -13.35 -0.56 44.35
CA GLU B 72 -12.28 -1.11 45.19
C GLU B 72 -11.64 -0.07 46.08
N LEU B 73 -11.56 1.18 45.61
CA LEU B 73 -11.00 2.23 46.41
C LEU B 73 -11.96 2.60 47.51
N GLU B 74 -13.25 2.64 47.17
CA GLU B 74 -14.29 3.01 48.14
C GLU B 74 -14.33 2.06 49.33
N ASP B 75 -14.12 0.77 49.05
CA ASP B 75 -14.10 -0.25 50.08
C ASP B 75 -12.85 -0.10 50.94
N ALA B 76 -11.71 0.13 50.30
CA ALA B 76 -10.43 0.25 51.01
C ALA B 76 -10.44 1.43 51.99
N ILE B 77 -11.08 2.52 51.59
CA ILE B 77 -11.19 3.69 52.44
C ILE B 77 -12.04 3.39 53.69
N LYS B 78 -13.20 2.78 53.46
CA LYS B 78 -14.13 2.42 54.52
C LYS B 78 -13.54 1.39 55.50
N ASP B 79 -12.85 0.37 54.97
CA ASP B 79 -12.25 -0.65 55.78
C ASP B 79 -11.14 -0.03 56.62
N LEU B 80 -10.35 0.82 56.00
CA LEU B 80 -9.22 1.46 56.69
C LEU B 80 -9.73 2.31 57.87
N HIS B 81 -10.68 3.20 57.62
CA HIS B 81 -11.26 3.99 58.70
C HIS B 81 -11.99 3.10 59.71
N GLY B 82 -12.41 1.93 59.26
CA GLY B 82 -13.08 1.01 60.16
C GLY B 82 -12.09 0.36 61.14
N VAL B 83 -10.92 -0.01 60.64
CA VAL B 83 -9.91 -0.62 61.47
C VAL B 83 -9.19 0.39 62.35
N VAL B 84 -8.88 1.56 61.81
CA VAL B 84 -8.20 2.58 62.61
C VAL B 84 -9.16 3.33 63.51
N GLY B 85 -10.43 3.32 63.16
CA GLY B 85 -11.44 3.99 63.98
C GLY B 85 -11.27 5.50 64.12
N ASN B 86 -10.66 6.13 63.14
CA ASN B 86 -10.38 7.57 63.19
C ASN B 86 -11.41 8.47 62.51
N ALA B 87 -12.31 7.87 61.72
CA ALA B 87 -13.34 8.62 61.02
C ALA B 87 -14.63 7.82 60.80
N ALA B 88 -15.76 8.51 60.94
CA ALA B 88 -17.05 7.87 60.69
C ALA B 88 -17.34 7.88 59.20
N THR B 89 -17.79 6.75 58.65
CA THR B 89 -18.07 6.74 57.21
C THR B 89 -19.52 6.38 56.89
N GLU B 90 -20.34 6.15 57.90
CA GLU B 90 -21.71 5.73 57.61
C GLU B 90 -22.58 6.97 57.36
N ASP B 91 -23.64 6.80 56.58
CA ASP B 91 -24.57 7.88 56.28
C ASP B 91 -23.90 9.10 55.69
N ARG B 92 -22.95 8.88 54.78
CA ARG B 92 -22.27 9.98 54.11
C ARG B 92 -21.69 9.56 52.75
N TYR B 93 -21.34 10.55 51.94
CA TYR B 93 -20.81 10.32 50.60
C TYR B 93 -19.30 10.45 50.58
N ILE B 94 -18.66 9.56 49.84
CA ILE B 94 -17.22 9.63 49.70
C ILE B 94 -16.94 10.23 48.34
N VAL B 95 -16.05 11.22 48.33
CA VAL B 95 -15.65 11.85 47.08
C VAL B 95 -14.16 11.76 46.92
N VAL B 96 -13.71 11.16 45.82
CA VAL B 96 -12.26 11.03 45.57
C VAL B 96 -11.74 12.20 44.72
N GLY B 97 -10.50 12.62 44.93
CA GLY B 97 -10.01 13.75 44.19
C GLY B 97 -8.54 13.55 43.97
N THR B 98 -7.97 14.18 42.95
CA THR B 98 -6.56 14.11 42.72
C THR B 98 -5.86 14.78 43.88
N GLY B 99 -5.85 14.07 44.99
CA GLY B 99 -5.29 14.61 46.23
C GLY B 99 -6.30 15.41 47.05
N SER B 100 -5.95 15.61 48.31
CA SER B 100 -6.77 16.36 49.22
C SER B 100 -6.77 17.82 48.77
N THR B 101 -5.70 18.24 48.11
CA THR B 101 -5.56 19.59 47.59
C THR B 101 -6.68 19.99 46.62
N GLN B 102 -7.13 19.06 45.78
CA GLN B 102 -8.24 19.33 44.85
C GLN B 102 -9.56 19.10 45.55
N LEU B 103 -9.55 18.26 46.59
CA LEU B 103 -10.77 18.09 47.36
C LEU B 103 -11.12 19.32 48.21
N CYS B 104 -10.11 20.02 48.71
CA CYS B 104 -10.35 21.21 49.55
C CYS B 104 -10.92 22.34 48.72
N GLN B 105 -10.30 22.56 47.56
CA GLN B 105 -10.80 23.55 46.65
C GLN B 105 -12.20 23.19 46.17
N ALA B 106 -12.49 21.89 46.05
CA ALA B 106 -13.83 21.49 45.63
C ALA B 106 -14.85 21.81 46.71
N ALA B 107 -14.45 21.67 47.96
CA ALA B 107 -15.35 21.91 49.07
C ALA B 107 -15.59 23.41 49.25
N VAL B 108 -14.53 24.20 49.16
CA VAL B 108 -14.66 25.64 49.31
C VAL B 108 -15.60 26.14 48.23
N HIS B 109 -15.40 25.62 47.03
CA HIS B 109 -16.22 25.94 45.86
C HIS B 109 -17.68 25.62 46.07
N ALA B 110 -17.97 24.39 46.46
CA ALA B 110 -19.30 23.90 46.76
C ALA B 110 -19.99 24.72 47.88
N LEU B 111 -19.34 24.84 49.04
CA LEU B 111 -19.91 25.59 50.16
C LEU B 111 -20.23 27.02 49.78
N SER B 112 -19.36 27.65 49.00
CA SER B 112 -19.56 29.01 48.52
C SER B 112 -20.70 29.08 47.51
N SER B 113 -20.77 28.07 46.67
CA SER B 113 -21.81 27.95 45.66
C SER B 113 -23.21 27.84 46.27
N LEU B 114 -23.30 27.22 47.44
CA LEU B 114 -24.54 27.04 48.15
C LEU B 114 -24.86 28.16 49.16
N ALA B 115 -23.88 29.02 49.42
CA ALA B 115 -24.05 30.13 50.34
C ALA B 115 -25.16 31.06 49.84
N ARG B 116 -25.65 31.92 50.71
CA ARG B 116 -26.74 32.82 50.35
C ARG B 116 -26.22 34.14 49.77
N SER B 117 -24.92 34.36 49.90
CA SER B 117 -24.28 35.55 49.38
C SER B 117 -22.79 35.34 49.23
N GLN B 118 -22.22 35.95 48.20
CA GLN B 118 -20.80 35.87 47.92
C GLN B 118 -20.22 37.29 47.91
N PRO B 119 -18.91 37.42 48.14
CA PRO B 119 -17.96 36.33 48.43
C PRO B 119 -18.04 35.78 49.84
N VAL B 120 -17.92 34.46 49.97
CA VAL B 120 -17.92 33.81 51.27
C VAL B 120 -16.53 33.96 51.87
N SER B 121 -16.46 34.25 53.16
CA SER B 121 -15.17 34.42 53.81
C SER B 121 -14.51 33.07 54.16
N VAL B 122 -13.21 32.96 53.90
CA VAL B 122 -12.52 31.72 54.26
C VAL B 122 -11.45 32.09 55.23
N VAL B 123 -11.41 31.39 56.36
CA VAL B 123 -10.41 31.67 57.37
C VAL B 123 -9.82 30.40 57.94
N ALA B 124 -8.69 30.57 58.63
CA ALA B 124 -8.00 29.50 59.30
C ALA B 124 -7.18 30.08 60.47
N ALA B 125 -7.22 29.40 61.61
CA ALA B 125 -6.48 29.79 62.82
C ALA B 125 -5.00 29.82 62.55
N ALA B 126 -4.34 30.88 63.01
CA ALA B 126 -2.93 31.04 62.79
C ALA B 126 -2.16 30.38 63.93
N PRO B 127 -1.03 29.71 63.63
CA PRO B 127 -0.47 29.53 62.27
C PRO B 127 -1.29 28.50 61.48
N PHE B 128 -1.37 28.70 60.17
CA PHE B 128 -2.13 27.83 59.28
C PHE B 128 -1.28 27.32 58.12
N TYR B 129 -1.81 26.32 57.44
CA TYR B 129 -1.20 25.72 56.27
C TYR B 129 -1.10 26.77 55.18
N SER B 130 0.12 27.24 54.93
CA SER B 130 0.41 28.28 53.96
C SER B 130 -0.20 28.08 52.59
N THR B 131 -0.30 26.83 52.16
CA THR B 131 -0.86 26.49 50.84
C THR B 131 -2.35 26.84 50.75
N TYR B 132 -3.01 27.01 51.89
CA TYR B 132 -4.42 27.40 51.88
C TYR B 132 -4.60 28.76 51.25
N VAL B 133 -3.66 29.66 51.52
CA VAL B 133 -3.73 31.04 51.02
C VAL B 133 -3.77 31.10 49.50
N GLU B 134 -2.80 30.50 48.83
CA GLU B 134 -2.83 30.50 47.37
C GLU B 134 -4.05 29.80 46.80
N GLU B 135 -4.42 28.65 47.38
CA GLU B 135 -5.58 27.88 46.92
C GLU B 135 -6.85 28.70 46.85
N THR B 136 -6.98 29.68 47.73
CA THR B 136 -8.17 30.50 47.78
C THR B 136 -7.94 31.87 47.20
N THR B 137 -6.86 32.00 46.43
CA THR B 137 -6.45 33.27 45.83
C THR B 137 -6.07 33.26 44.35
N TYR B 138 -5.42 32.18 43.90
CA TYR B 138 -4.90 32.13 42.54
C TYR B 138 -5.85 32.30 41.37
N VAL B 139 -7.10 31.93 41.50
CA VAL B 139 -8.02 32.13 40.39
C VAL B 139 -8.83 33.43 40.46
N ARG B 140 -8.70 34.19 41.55
CA ARG B 140 -9.44 35.44 41.75
C ARG B 140 -10.95 35.23 41.58
N SER B 141 -11.50 34.34 42.39
CA SER B 141 -12.92 34.00 42.32
C SER B 141 -13.72 34.90 43.22
N GLY B 142 -14.86 35.38 42.72
CA GLY B 142 -15.70 36.25 43.51
C GLY B 142 -16.60 35.45 44.43
N MET B 143 -16.50 34.11 44.36
CA MET B 143 -17.32 33.25 45.18
C MET B 143 -16.90 33.25 46.65
N TYR B 144 -15.64 33.55 46.89
CA TYR B 144 -15.09 33.51 48.24
C TYR B 144 -13.91 34.47 48.37
N LYS B 145 -13.40 34.65 49.60
CA LYS B 145 -12.26 35.52 49.81
C LYS B 145 -11.50 35.10 51.05
N TRP B 146 -10.17 35.04 50.92
CA TRP B 146 -9.30 34.68 52.03
C TRP B 146 -9.25 35.79 53.06
N GLU B 147 -9.71 35.50 54.29
CA GLU B 147 -9.70 36.51 55.35
C GLU B 147 -8.62 36.31 56.44
N GLY B 148 -7.75 35.33 56.21
CA GLY B 148 -6.66 35.09 57.11
C GLY B 148 -7.08 34.48 58.41
N ASP B 149 -6.34 34.82 59.47
CA ASP B 149 -6.53 34.30 60.83
C ASP B 149 -7.97 34.23 61.27
N ALA B 150 -8.39 33.07 61.78
CA ALA B 150 -9.76 32.93 62.25
C ALA B 150 -9.92 33.51 63.67
N TRP B 151 -8.85 33.47 64.45
CA TRP B 151 -8.84 34.04 65.81
C TRP B 151 -9.31 35.46 65.85
N GLY B 152 -10.51 35.72 66.21
CA GLY B 152 -10.94 37.12 66.26
C GLY B 152 -11.65 37.50 65.01
N PHE B 153 -11.84 36.53 64.10
CA PHE B 153 -12.54 36.86 62.89
C PHE B 153 -14.00 37.10 63.25
N ASP B 154 -14.55 38.23 62.81
CA ASP B 154 -15.94 38.55 63.16
C ASP B 154 -16.61 39.34 62.06
N LYS B 155 -16.13 39.14 60.84
CA LYS B 155 -16.71 39.83 59.71
C LYS B 155 -18.11 39.27 59.53
N LYS B 156 -19.00 39.99 58.85
CA LYS B 156 -20.38 39.48 58.74
C LYS B 156 -20.70 38.84 57.41
N GLY B 157 -21.65 37.91 57.47
CA GLY B 157 -21.99 37.15 56.31
C GLY B 157 -21.49 35.74 56.39
N PRO B 158 -21.67 34.98 55.32
CA PRO B 158 -21.27 33.59 55.25
C PRO B 158 -19.75 33.42 55.34
N TYR B 159 -19.33 32.34 55.98
CA TYR B 159 -17.91 32.05 56.07
C TYR B 159 -17.61 30.56 56.17
N ILE B 160 -16.37 30.20 55.84
CA ILE B 160 -15.92 28.83 55.87
C ILE B 160 -14.67 28.80 56.71
N GLU B 161 -14.65 27.98 57.74
CA GLU B 161 -13.47 27.88 58.57
C GLU B 161 -12.71 26.59 58.25
N LEU B 162 -11.40 26.71 58.01
CA LEU B 162 -10.55 25.56 57.73
C LEU B 162 -9.87 25.08 58.99
N VAL B 163 -10.18 23.86 59.41
CA VAL B 163 -9.58 23.31 60.62
C VAL B 163 -8.66 22.16 60.26
N THR B 164 -7.36 22.37 60.43
CA THR B 164 -6.37 21.33 60.15
C THR B 164 -5.96 20.71 61.45
N SER B 165 -6.18 19.42 61.61
CA SER B 165 -5.81 18.74 62.85
C SER B 165 -5.39 17.29 62.63
N PRO B 166 -4.13 16.94 62.97
CA PRO B 166 -3.04 17.79 63.45
C PRO B 166 -2.78 18.95 62.49
N ASN B 167 -2.51 20.12 63.03
CA ASN B 167 -2.28 21.28 62.21
C ASN B 167 -0.99 21.31 61.41
N ASN B 168 -1.00 22.14 60.37
CA ASN B 168 0.18 22.40 59.54
C ASN B 168 0.31 23.91 59.72
N PRO B 169 1.47 24.39 60.19
CA PRO B 169 2.72 23.74 60.55
C PRO B 169 2.97 23.24 61.97
N ASP B 170 2.26 23.76 62.96
CA ASP B 170 2.60 23.39 64.34
C ASP B 170 2.17 22.01 64.85
N GLY B 171 1.34 21.30 64.10
CA GLY B 171 0.88 19.98 64.56
C GLY B 171 -0.06 19.97 65.75
N THR B 172 -0.65 21.12 66.06
CA THR B 172 -1.59 21.24 67.17
C THR B 172 -2.93 20.57 66.87
N ILE B 173 -3.52 19.91 67.86
CA ILE B 173 -4.83 19.33 67.68
C ILE B 173 -5.78 20.53 67.71
N ARG B 174 -6.67 20.64 66.73
CA ARG B 174 -7.51 21.83 66.66
C ARG B 174 -9.01 21.59 66.52
N GLU B 175 -9.74 22.68 66.65
CA GLU B 175 -11.19 22.74 66.56
C GLU B 175 -11.58 24.11 66.08
N THR B 176 -12.86 24.30 65.82
CA THR B 176 -13.33 25.62 65.38
C THR B 176 -13.04 26.68 66.44
N VAL B 177 -12.56 27.82 66.00
CA VAL B 177 -12.22 28.90 66.91
C VAL B 177 -13.18 30.07 66.78
N VAL B 178 -14.06 30.02 65.79
CA VAL B 178 -14.99 31.11 65.61
C VAL B 178 -16.42 30.56 65.58
N ALA B 186 -22.26 29.97 57.92
CA ALA B 186 -21.19 29.42 58.76
C ALA B 186 -20.90 27.94 58.48
N LYS B 187 -19.85 27.68 57.69
CA LYS B 187 -19.47 26.30 57.34
C LYS B 187 -18.07 25.95 57.78
N VAL B 188 -17.76 24.66 57.84
CA VAL B 188 -16.44 24.21 58.28
C VAL B 188 -15.92 23.07 57.42
N ILE B 189 -14.60 23.02 57.26
CA ILE B 189 -13.95 21.95 56.56
C ILE B 189 -12.83 21.45 57.48
N HIS B 190 -12.81 20.14 57.71
CA HIS B 190 -11.82 19.49 58.56
C HIS B 190 -10.81 18.76 57.71
N ASP B 191 -9.55 19.20 57.81
CA ASP B 191 -8.46 18.60 57.08
C ASP B 191 -7.73 17.68 58.05
N PHE B 192 -7.98 16.38 57.98
CA PHE B 192 -7.33 15.46 58.89
C PHE B 192 -6.22 14.71 58.20
N ALA B 193 -5.42 15.41 57.42
CA ALA B 193 -4.35 14.80 56.65
C ALA B 193 -3.44 13.92 57.53
N TYR B 194 -3.10 14.45 58.70
CA TYR B 194 -2.17 13.78 59.60
C TYR B 194 -2.86 13.09 60.77
N TYR B 195 -4.18 12.98 60.72
CA TYR B 195 -4.88 12.36 61.83
C TYR B 195 -4.81 10.83 61.72
N TRP B 196 -3.60 10.29 61.87
CA TRP B 196 -3.37 8.82 61.83
C TRP B 196 -2.51 8.36 63.02
N PRO B 197 -2.65 7.10 63.43
CA PRO B 197 -1.94 6.54 64.58
C PRO B 197 -0.45 6.82 64.65
N HIS B 198 0.25 6.82 63.52
CA HIS B 198 1.68 7.03 63.58
C HIS B 198 2.10 8.49 63.78
N TYR B 199 1.15 9.40 63.71
CA TYR B 199 1.45 10.80 63.94
C TYR B 199 0.92 11.31 65.29
N THR B 200 -0.32 10.95 65.60
CA THR B 200 -0.97 11.46 66.79
C THR B 200 -1.93 10.38 67.25
N PRO B 201 -2.27 10.36 68.55
CA PRO B 201 -3.18 9.36 69.10
C PRO B 201 -4.64 9.60 68.71
N ILE B 202 -5.37 8.51 68.49
CA ILE B 202 -6.74 8.62 68.03
C ILE B 202 -7.64 8.75 69.24
N THR B 203 -7.88 10.00 69.66
CA THR B 203 -8.72 10.29 70.80
C THR B 203 -10.22 10.16 70.53
N ARG B 204 -10.60 10.23 69.27
CA ARG B 204 -12.01 10.06 68.91
C ARG B 204 -12.23 9.80 67.44
N ARG B 205 -13.28 9.05 67.15
CA ARG B 205 -13.65 8.71 65.78
C ARG B 205 -14.38 9.92 65.22
N GLN B 206 -13.65 10.73 64.48
CA GLN B 206 -14.19 11.96 63.92
C GLN B 206 -15.48 11.77 63.13
N ASP B 207 -16.36 12.78 63.22
CA ASP B 207 -17.67 12.75 62.61
C ASP B 207 -18.25 14.16 62.44
N HIS B 208 -17.66 14.88 61.50
CA HIS B 208 -18.06 16.23 61.19
C HIS B 208 -18.67 16.23 59.81
N ASP B 209 -19.02 17.41 59.32
CA ASP B 209 -19.69 17.50 58.03
C ASP B 209 -18.84 17.24 56.81
N ILE B 210 -17.60 17.71 56.83
CA ILE B 210 -16.70 17.57 55.68
C ILE B 210 -15.33 17.21 56.24
N MET B 211 -14.92 15.97 56.01
CA MET B 211 -13.65 15.52 56.53
C MET B 211 -12.75 15.15 55.35
N LEU B 212 -11.58 15.79 55.29
CA LEU B 212 -10.62 15.53 54.23
C LEU B 212 -9.48 14.61 54.65
N PHE B 213 -9.09 13.68 53.76
CA PHE B 213 -7.95 12.80 54.02
C PHE B 213 -7.08 12.64 52.77
N THR B 214 -5.78 12.49 52.98
CA THR B 214 -4.84 12.36 51.88
C THR B 214 -4.02 11.07 51.95
N PHE B 215 -3.86 10.43 50.80
CA PHE B 215 -3.11 9.18 50.68
C PHE B 215 -1.62 9.50 50.81
N SER B 216 -1.29 10.74 50.48
CA SER B 216 0.09 11.18 50.50
C SER B 216 0.83 11.13 51.83
N1 LLP B 217 -3.52 19.09 53.59
C2 LLP B 217 -2.51 19.38 54.49
C2' LLP B 217 -2.84 20.12 55.76
C3 LLP B 217 -1.19 18.99 54.25
O3 LLP B 217 -0.23 19.28 55.14
C4 LLP B 217 -0.85 18.26 53.08
C4' LLP B 217 0.59 17.82 52.82
C5 LLP B 217 -1.92 17.99 52.11
C6 LLP B 217 -3.29 18.39 52.44
C5' LLP B 217 -1.59 17.07 50.95
OP4 LLP B 217 -2.71 16.82 50.14
P LLP B 217 -2.35 16.01 48.85
OP1 LLP B 217 -1.58 14.78 49.07
OP2 LLP B 217 -3.62 15.74 48.15
OP3 LLP B 217 -1.55 16.87 47.96
N LLP B 217 0.10 11.51 52.96
CA LLP B 217 0.73 11.56 54.26
CB LLP B 217 0.17 12.78 54.98
CG LLP B 217 0.31 14.05 54.14
CD LLP B 217 1.76 14.38 53.81
CE LLP B 217 1.90 15.53 52.81
NZ LLP B 217 0.68 16.35 52.89
C LLP B 217 0.53 10.30 55.08
O LLP B 217 1.15 10.12 56.12
N ILE B 218 -0.38 9.36 54.61
CA ILE B 218 -0.54 8.09 55.32
C ILE B 218 0.67 7.19 55.00
N THR B 219 0.76 6.76 53.74
CA THR B 219 1.80 5.81 53.31
C THR B 219 2.99 6.47 52.60
N GLY B 220 2.81 7.74 52.20
CA GLY B 220 3.86 8.45 51.51
C GLY B 220 3.79 8.42 50.00
N HIS B 221 2.74 7.82 49.45
CA HIS B 221 2.57 7.73 48.02
C HIS B 221 1.96 9.02 47.47
N ALA B 222 2.68 10.14 47.64
CA ALA B 222 2.22 11.47 47.22
C ALA B 222 2.09 11.59 45.71
N GLY B 223 2.96 10.89 44.99
CA GLY B 223 2.93 10.92 43.54
C GLY B 223 1.67 10.32 42.99
N SER B 224 0.87 9.68 43.83
CA SER B 224 -0.35 9.06 43.32
C SER B 224 -1.47 10.09 43.16
N ARG B 225 -1.29 11.21 43.85
CA ARG B 225 -2.28 12.30 43.83
C ARG B 225 -3.66 11.77 44.10
N ILE B 226 -3.89 11.34 45.34
CA ILE B 226 -5.17 10.74 45.71
C ILE B 226 -5.58 11.19 47.10
N GLY B 227 -6.82 11.63 47.21
CA GLY B 227 -7.37 12.05 48.48
C GLY B 227 -8.84 11.71 48.45
N TRP B 228 -9.46 11.65 49.61
CA TRP B 228 -10.90 11.40 49.65
C TRP B 228 -11.55 12.29 50.68
N ALA B 229 -12.80 12.64 50.45
CA ALA B 229 -13.52 13.49 51.37
C ALA B 229 -14.77 12.74 51.81
N LEU B 230 -15.10 12.86 53.11
CA LEU B 230 -16.30 12.25 53.71
C LEU B 230 -17.25 13.40 53.91
N VAL B 231 -18.35 13.42 53.16
CA VAL B 231 -19.32 14.51 53.23
C VAL B 231 -20.70 14.03 53.64
N LYS B 232 -21.32 14.74 54.59
CA LYS B 232 -22.67 14.38 55.04
C LYS B 232 -23.70 15.03 54.16
N ASP B 233 -23.61 16.35 53.99
CA ASP B 233 -24.59 17.05 53.18
C ASP B 233 -24.53 16.64 51.72
N LYS B 234 -25.54 15.92 51.30
CA LYS B 234 -25.60 15.44 49.94
C LYS B 234 -25.50 16.55 48.92
N GLU B 235 -26.04 17.71 49.23
CA GLU B 235 -26.01 18.83 48.30
C GLU B 235 -24.59 19.37 48.15
N VAL B 236 -23.78 19.24 49.20
CA VAL B 236 -22.38 19.68 49.17
C VAL B 236 -21.57 18.70 48.34
N ALA B 237 -21.71 17.42 48.65
CA ALA B 237 -21.03 16.37 47.93
C ALA B 237 -21.34 16.45 46.46
N LYS B 238 -22.59 16.77 46.15
CA LYS B 238 -23.00 16.87 44.77
C LYS B 238 -22.29 17.98 44.01
N LYS B 239 -22.11 19.12 44.66
CA LYS B 239 -21.39 20.23 44.07
C LYS B 239 -19.90 19.96 43.97
N MET B 240 -19.35 19.21 44.92
CA MET B 240 -17.93 18.88 44.87
C MET B 240 -17.63 17.98 43.69
N VAL B 241 -18.47 16.98 43.45
CA VAL B 241 -18.30 16.07 42.34
C VAL B 241 -18.39 16.90 41.05
N GLU B 242 -19.37 17.80 40.98
CA GLU B 242 -19.53 18.64 39.79
C GLU B 242 -18.29 19.50 39.54
N TYR B 243 -17.72 20.01 40.63
CA TYR B 243 -16.50 20.82 40.53
C TYR B 243 -15.37 20.01 39.93
N ILE B 244 -15.18 18.80 40.46
CA ILE B 244 -14.11 17.95 39.98
C ILE B 244 -14.30 17.55 38.52
N ILE B 245 -15.54 17.30 38.11
CA ILE B 245 -15.88 16.98 36.73
C ILE B 245 -15.46 18.08 35.77
N VAL B 246 -15.77 19.36 36.06
CA VAL B 246 -15.38 20.48 35.19
C VAL B 246 -13.92 20.76 35.27
N ASN B 247 -13.34 20.63 36.47
CA ASN B 247 -11.92 20.90 36.77
C ASN B 247 -10.93 19.87 36.13
N SER B 248 -11.40 18.64 35.89
CA SER B 248 -10.49 17.57 35.38
C SER B 248 -11.20 16.30 35.01
N ILE B 249 -12.52 16.36 34.92
CA ILE B 249 -13.38 15.23 34.64
C ILE B 249 -12.98 13.95 35.42
N GLY B 250 -12.86 14.03 36.73
CA GLY B 250 -12.54 12.82 37.46
C GLY B 250 -11.10 12.73 37.89
N VAL B 251 -10.74 11.58 38.41
CA VAL B 251 -9.42 11.34 38.94
C VAL B 251 -8.86 10.12 38.23
N SER B 252 -7.55 10.05 38.13
CA SER B 252 -6.85 8.93 37.52
C SER B 252 -7.29 7.57 38.05
N LYS B 253 -7.84 6.72 37.17
CA LYS B 253 -8.26 5.36 37.55
C LYS B 253 -7.11 4.52 38.07
N GLU B 254 -5.97 4.59 37.41
CA GLU B 254 -4.85 3.75 37.85
C GLU B 254 -4.37 4.11 39.24
N SER B 255 -4.47 5.39 39.55
CA SER B 255 -4.12 5.91 40.86
C SER B 255 -5.05 5.30 41.91
N GLN B 256 -6.35 5.23 41.57
CA GLN B 256 -7.36 4.70 42.48
C GLN B 256 -7.07 3.20 42.69
N VAL B 257 -6.95 2.50 41.58
CA VAL B 257 -6.66 1.07 41.60
C VAL B 257 -5.40 0.76 42.40
N ARG B 258 -4.37 1.60 42.29
CA ARG B 258 -3.17 1.34 43.07
C ARG B 258 -3.37 1.69 44.53
N THR B 259 -3.86 2.88 44.82
CA THR B 259 -4.13 3.33 46.18
C THR B 259 -4.91 2.24 46.91
N ALA B 260 -5.88 1.66 46.22
CA ALA B 260 -6.69 0.61 46.85
C ALA B 260 -5.82 -0.60 47.21
N LYS B 261 -4.90 -0.97 46.33
CA LYS B 261 -4.04 -2.12 46.55
C LYS B 261 -3.18 -1.96 47.81
N ILE B 262 -2.36 -0.93 47.85
CA ILE B 262 -1.53 -0.75 49.02
C ILE B 262 -2.28 -0.47 50.32
N LEU B 263 -3.36 0.31 50.27
CA LEU B 263 -4.14 0.53 51.47
C LEU B 263 -4.58 -0.82 51.99
N ASN B 264 -4.81 -1.77 51.08
CA ASN B 264 -5.28 -3.10 51.46
C ASN B 264 -4.17 -3.86 52.17
N VAL B 265 -2.98 -3.76 51.58
CA VAL B 265 -1.80 -4.36 52.19
C VAL B 265 -1.54 -3.71 53.56
N LEU B 266 -1.81 -2.41 53.66
CA LEU B 266 -1.63 -1.73 54.92
C LEU B 266 -2.64 -2.22 55.95
N LYS B 267 -3.78 -2.72 55.49
CA LYS B 267 -4.81 -3.17 56.40
C LYS B 267 -4.42 -4.54 56.95
N GLU B 268 -3.89 -5.39 56.07
CA GLU B 268 -3.46 -6.73 56.49
C GLU B 268 -2.32 -6.54 57.47
N THR B 269 -1.56 -5.48 57.28
CA THR B 269 -0.42 -5.22 58.09
C THR B 269 -0.79 -4.87 59.53
N CYS B 270 -2.01 -4.39 59.72
CA CYS B 270 -2.47 -3.97 61.03
C CYS B 270 -2.76 -5.09 62.02
N LYS B 271 -2.68 -6.33 61.55
CA LYS B 271 -2.90 -7.47 62.43
C LYS B 271 -1.64 -8.32 62.54
N SER B 272 -0.51 -7.73 62.17
CA SER B 272 0.79 -8.38 62.28
C SER B 272 1.45 -7.92 63.58
N GLU B 273 2.21 -8.82 64.19
CA GLU B 273 2.88 -8.46 65.44
C GLU B 273 4.33 -8.07 65.24
N SER B 274 4.86 -8.33 64.06
CA SER B 274 6.21 -7.90 63.73
C SER B 274 6.23 -6.35 63.80
N GLU B 275 7.37 -5.79 64.20
CA GLU B 275 7.48 -4.34 64.33
C GLU B 275 7.86 -3.68 63.00
N SER B 276 8.40 -4.49 62.10
CA SER B 276 8.83 -4.04 60.79
C SER B 276 7.76 -4.42 59.75
N GLU B 277 6.68 -5.03 60.23
CA GLU B 277 5.57 -5.44 59.38
C GLU B 277 4.42 -4.45 59.53
N ASN B 278 3.87 -4.37 60.75
CA ASN B 278 2.76 -3.47 61.03
C ASN B 278 3.16 -2.03 60.74
N PHE B 279 2.60 -1.49 59.65
CA PHE B 279 2.94 -0.15 59.18
C PHE B 279 2.83 0.94 60.23
N PHE B 280 1.65 1.04 60.84
CA PHE B 280 1.41 2.08 61.85
C PHE B 280 2.37 1.97 63.01
N LYS B 281 2.72 0.74 63.37
CA LYS B 281 3.68 0.54 64.47
C LYS B 281 5.04 1.05 63.98
N TYR B 282 5.46 0.53 62.83
CA TYR B 282 6.72 0.93 62.21
C TYR B 282 6.78 2.44 62.09
N GLY B 283 5.69 3.03 61.60
CA GLY B 283 5.58 4.47 61.40
C GLY B 283 5.81 5.25 62.66
N ARG B 284 5.09 4.91 63.73
CA ARG B 284 5.23 5.57 65.02
C ARG B 284 6.65 5.58 65.57
N GLU B 285 7.25 4.41 65.54
CA GLU B 285 8.59 4.25 66.06
C GLU B 285 9.58 5.12 65.27
N MET B 286 9.43 5.14 63.94
CA MET B 286 10.28 5.94 63.08
C MET B 286 10.12 7.41 63.42
N MET B 287 8.87 7.83 63.60
CA MET B 287 8.53 9.20 63.93
C MET B 287 9.04 9.55 65.30
N LYS B 288 8.96 8.57 66.21
CA LYS B 288 9.34 8.74 67.62
C LYS B 288 10.84 8.97 67.75
N ASN B 289 11.60 8.10 67.09
CA ASN B 289 13.04 8.18 67.09
C ASN B 289 13.50 9.53 66.57
N ARG B 290 13.05 9.90 65.37
CA ARG B 290 13.43 11.18 64.79
C ARG B 290 13.13 12.35 65.71
N TRP B 291 11.96 12.33 66.36
CA TRP B 291 11.60 13.43 67.25
C TRP B 291 12.43 13.47 68.52
N GLU B 292 12.92 12.30 68.93
CA GLU B 292 13.74 12.22 70.13
C GLU B 292 15.13 12.76 69.87
N LYS B 293 15.69 12.43 68.71
CA LYS B 293 17.00 12.94 68.28
C LYS B 293 16.96 14.46 68.11
N LEU B 294 15.94 14.96 67.42
CA LEU B 294 15.75 16.38 67.23
C LEU B 294 15.59 17.06 68.58
N ARG B 295 14.87 16.40 69.49
CA ARG B 295 14.64 16.93 70.84
C ARG B 295 15.97 17.16 71.57
N GLU B 296 16.88 16.20 71.42
CA GLU B 296 18.20 16.25 72.02
C GLU B 296 18.91 17.49 71.54
N VAL B 297 19.10 17.57 70.23
CA VAL B 297 19.77 18.72 69.60
C VAL B 297 19.18 20.05 70.06
N VAL B 298 17.88 20.21 69.99
CA VAL B 298 17.24 21.46 70.41
C VAL B 298 17.51 21.73 71.89
N LYS B 299 17.56 20.66 72.68
CA LYS B 299 17.74 20.77 74.13
C LYS B 299 18.95 21.62 74.48
N GLU B 300 20.12 21.15 74.06
CA GLU B 300 21.38 21.82 74.34
C GLU B 300 21.70 22.97 73.40
N SER B 301 20.81 23.29 72.47
CA SER B 301 21.07 24.43 71.63
C SER B 301 20.69 25.66 72.47
N ASP B 302 21.19 26.81 72.06
CA ASP B 302 21.00 28.01 72.85
C ASP B 302 19.71 28.75 72.61
N ALA B 303 19.29 28.82 71.36
CA ALA B 303 18.12 29.61 71.05
C ALA B 303 16.92 28.89 70.43
N PHE B 304 17.08 27.62 70.08
CA PHE B 304 15.98 26.91 69.45
C PHE B 304 14.94 26.34 70.40
N THR B 305 13.69 26.43 69.95
CA THR B 305 12.52 25.95 70.69
C THR B 305 11.78 24.90 69.86
N LEU B 306 10.93 24.12 70.51
CA LEU B 306 10.15 23.10 69.85
C LEU B 306 8.83 23.00 70.57
N PRO B 307 7.72 22.88 69.83
CA PRO B 307 6.40 22.78 70.46
C PRO B 307 6.27 21.57 71.38
N LYS B 308 5.53 21.74 72.48
CA LYS B 308 5.26 20.63 73.37
C LYS B 308 3.87 20.10 73.14
N TYR B 309 3.75 18.78 73.08
CA TYR B 309 2.45 18.10 72.86
C TYR B 309 2.02 17.29 74.07
N PRO B 310 0.77 17.49 74.53
CA PRO B 310 0.28 16.72 75.67
C PRO B 310 0.14 15.25 75.33
N GLU B 311 0.15 14.40 76.34
CA GLU B 311 0.01 12.97 76.14
C GLU B 311 -1.50 12.70 76.07
N ALA B 312 -1.89 11.67 75.31
CA ALA B 312 -3.30 11.28 75.20
C ALA B 312 -3.44 9.79 75.01
N PHE B 313 -4.64 9.29 75.27
CA PHE B 313 -4.94 7.89 75.07
C PHE B 313 -5.31 7.67 73.60
N CYS B 314 -4.78 6.59 73.01
CA CYS B 314 -5.05 6.26 71.63
C CYS B 314 -5.97 5.07 71.60
N ASN B 315 -7.16 5.30 71.05
CA ASN B 315 -8.14 4.25 70.95
C ASN B 315 -7.75 3.17 69.97
N TYR B 316 -6.78 3.44 69.11
CA TYR B 316 -6.32 2.45 68.12
C TYR B 316 -5.32 1.50 68.77
N PHE B 317 -4.26 2.06 69.34
CA PHE B 317 -3.20 1.30 70.04
C PHE B 317 -3.66 0.85 71.44
N GLY B 318 -4.60 1.60 72.02
CA GLY B 318 -5.11 1.26 73.34
C GLY B 318 -4.23 1.76 74.49
N LYS B 319 -3.25 2.59 74.18
CA LYS B 319 -2.34 3.12 75.18
C LYS B 319 -2.41 4.63 75.15
N SER B 320 -1.76 5.26 76.13
CA SER B 320 -1.74 6.71 76.15
C SER B 320 -0.34 7.10 75.70
N LEU B 321 -0.24 7.85 74.61
CA LEU B 321 1.09 8.14 74.11
C LEU B 321 1.26 9.50 73.44
N GLU B 322 2.50 9.84 73.14
CA GLU B 322 2.85 11.15 72.58
C GLU B 322 2.51 11.32 71.11
N SER B 323 2.48 12.57 70.65
CA SER B 323 2.29 12.86 69.24
C SER B 323 3.60 13.26 68.60
N TYR B 324 3.81 12.81 67.37
CA TYR B 324 5.05 13.11 66.67
C TYR B 324 4.74 13.61 65.28
N PRO B 325 4.37 14.90 65.17
CA PRO B 325 3.96 15.57 63.93
C PRO B 325 4.90 15.41 62.75
N ALA B 326 4.35 15.57 61.55
CA ALA B 326 5.11 15.42 60.31
C ALA B 326 5.93 16.68 60.06
N PHE B 327 5.67 17.72 60.83
CA PHE B 327 6.43 18.97 60.72
C PHE B 327 6.89 19.49 62.09
N ALA B 328 8.11 20.01 62.12
CA ALA B 328 8.69 20.54 63.32
C ALA B 328 8.56 22.05 63.22
N TRP B 329 7.75 22.62 64.09
CA TRP B 329 7.56 24.06 64.15
C TRP B 329 8.73 24.67 64.93
N LEU B 330 9.87 24.80 64.26
CA LEU B 330 11.08 25.32 64.90
C LEU B 330 10.99 26.81 65.16
N GLY B 331 11.32 27.22 66.38
CA GLY B 331 11.30 28.62 66.74
C GLY B 331 12.67 29.05 67.22
N THR B 332 12.79 30.34 67.50
CA THR B 332 14.04 30.88 68.02
C THR B 332 13.76 32.08 68.92
N LYS B 333 14.38 32.09 70.10
CA LYS B 333 14.16 33.18 71.06
C LYS B 333 14.78 34.47 70.54
N GLU B 334 15.81 34.31 69.72
CA GLU B 334 16.53 35.43 69.13
C GLU B 334 15.70 36.22 68.13
N GLU B 335 16.16 37.42 67.81
CA GLU B 335 15.50 38.25 66.82
C GLU B 335 16.16 38.00 65.48
N THR B 336 15.95 36.81 64.93
CA THR B 336 16.56 36.48 63.63
C THR B 336 15.52 36.06 62.61
N ASP B 337 15.89 36.20 61.35
CA ASP B 337 15.07 35.74 60.24
C ASP B 337 15.48 34.29 60.11
N LEU B 338 14.90 33.44 60.95
CA LEU B 338 15.28 32.02 61.01
C LEU B 338 15.34 31.32 59.65
N VAL B 339 14.40 31.63 58.77
CA VAL B 339 14.42 30.99 57.47
C VAL B 339 15.71 31.32 56.74
N SER B 340 16.16 32.57 56.85
CA SER B 340 17.38 33.02 56.20
C SER B 340 18.58 32.37 56.86
N GLU B 341 18.65 32.44 58.18
CA GLU B 341 19.75 31.84 58.94
C GLU B 341 19.94 30.37 58.61
N LEU B 342 18.82 29.65 58.55
CA LEU B 342 18.81 28.23 58.21
C LEU B 342 19.24 28.02 56.76
N ARG B 343 18.85 28.98 55.92
CA ARG B 343 19.18 28.94 54.51
C ARG B 343 20.66 29.15 54.26
N ARG B 344 21.30 29.99 55.08
CA ARG B 344 22.72 30.21 54.90
C ARG B 344 23.56 29.09 55.48
N HIS B 345 22.91 28.05 55.98
CA HIS B 345 23.61 26.83 56.39
C HIS B 345 23.19 25.68 55.54
N LYS B 346 22.64 26.05 54.39
CA LYS B 346 22.16 25.10 53.41
C LYS B 346 21.04 24.19 53.91
N VAL B 347 20.01 24.81 54.48
CA VAL B 347 18.84 24.11 54.97
C VAL B 347 17.57 24.85 54.54
N MET B 348 16.82 24.22 53.64
CA MET B 348 15.57 24.82 53.18
C MET B 348 14.43 24.50 54.14
N SER B 349 13.60 25.51 54.43
CA SER B 349 12.44 25.37 55.30
C SER B 349 11.37 26.41 54.95
N ARG B 350 10.15 26.18 55.43
CA ARG B 350 9.03 27.06 55.14
C ARG B 350 8.94 28.24 56.09
N ALA B 351 9.10 29.44 55.54
CA ALA B 351 9.04 30.65 56.34
C ALA B 351 7.78 30.75 57.21
N GLY B 352 7.92 31.13 58.48
CA GLY B 352 6.75 31.27 59.32
C GLY B 352 5.82 32.36 58.84
N GLU B 353 6.37 33.41 58.25
CA GLU B 353 5.51 34.48 57.73
C GLU B 353 4.54 33.99 56.66
N ARG B 354 4.85 32.83 56.07
CA ARG B 354 3.97 32.26 55.08
C ARG B 354 2.80 31.52 55.71
N CYS B 355 2.95 31.18 56.98
CA CYS B 355 1.90 30.48 57.70
C CYS B 355 1.21 31.46 58.63
N GLY B 356 1.33 32.74 58.34
CA GLY B 356 0.70 33.74 59.18
C GLY B 356 1.36 33.81 60.54
N SER B 357 2.67 33.58 60.57
CA SER B 357 3.43 33.63 61.80
C SER B 357 4.46 34.78 61.69
N ASP B 358 5.61 34.60 62.33
CA ASP B 358 6.66 35.62 62.32
C ASP B 358 8.02 35.06 61.90
N LYS B 359 8.98 35.96 61.73
CA LYS B 359 10.32 35.57 61.27
C LYS B 359 11.07 34.65 62.21
N LYS B 360 10.52 34.42 63.40
CA LYS B 360 11.17 33.57 64.41
C LYS B 360 10.84 32.11 64.29
N HIS B 361 9.91 31.76 63.40
CA HIS B 361 9.54 30.37 63.21
C HIS B 361 9.74 29.89 61.79
N VAL B 362 9.85 28.58 61.64
CA VAL B 362 9.99 27.92 60.34
C VAL B 362 9.39 26.51 60.43
N ARG B 363 8.88 25.98 59.32
CA ARG B 363 8.32 24.65 59.36
C ARG B 363 9.29 23.70 58.65
N VAL B 364 9.78 22.71 59.38
CA VAL B 364 10.74 21.80 58.77
C VAL B 364 10.14 20.41 58.67
N SER B 365 10.13 19.84 57.48
CA SER B 365 9.59 18.51 57.28
C SER B 365 10.35 17.47 58.09
N MET B 366 9.63 16.46 58.60
CA MET B 366 10.23 15.39 59.38
C MET B 366 10.08 14.10 58.58
N LEU B 367 9.58 14.23 57.36
CA LEU B 367 9.32 13.06 56.58
C LEU B 367 10.29 12.86 55.41
N SER B 368 11.48 13.41 55.50
CA SER B 368 12.44 13.23 54.41
C SER B 368 13.13 11.87 54.49
N ARG B 369 14.14 11.66 53.67
CA ARG B 369 14.91 10.43 53.79
C ARG B 369 15.85 10.47 54.99
N GLU B 370 16.22 9.28 55.44
CA GLU B 370 17.09 9.07 56.59
C GLU B 370 18.33 9.95 56.56
N ASP B 371 19.18 9.72 55.57
CA ASP B 371 20.40 10.51 55.42
C ASP B 371 20.18 12.00 55.36
N VAL B 372 19.11 12.41 54.70
CA VAL B 372 18.76 13.84 54.63
C VAL B 372 18.41 14.38 56.01
N PHE B 373 17.68 13.57 56.78
CA PHE B 373 17.30 13.96 58.13
C PHE B 373 18.51 14.13 59.03
N ASN B 374 19.36 13.10 59.02
CA ASN B 374 20.61 13.11 59.79
C ASN B 374 21.48 14.30 59.50
N VAL B 375 21.70 14.58 58.22
CA VAL B 375 22.47 15.75 57.85
C VAL B 375 21.88 17.01 58.45
N PHE B 376 20.56 17.11 58.46
CA PHE B 376 19.86 18.28 59.01
C PHE B 376 20.20 18.48 60.48
N LEU B 377 20.12 17.40 61.26
CA LEU B 377 20.38 17.47 62.70
C LEU B 377 21.82 17.91 62.94
N GLU B 378 22.73 17.27 62.22
CA GLU B 378 24.13 17.62 62.26
C GLU B 378 24.34 19.14 62.15
N ARG B 379 23.85 19.73 61.05
CA ARG B 379 23.94 21.16 60.83
C ARG B 379 23.17 21.99 61.84
N LEU B 380 22.11 21.42 62.39
CA LEU B 380 21.25 22.12 63.36
C LEU B 380 22.06 22.45 64.59
N ALA B 381 22.87 21.48 65.01
CA ALA B 381 23.77 21.65 66.17
C ALA B 381 25.04 22.42 65.78
N ASN B 382 25.72 21.92 64.75
CA ASN B 382 26.92 22.54 64.16
C ASN B 382 26.77 24.06 63.90
N MET B 383 25.55 24.60 63.97
CA MET B 383 25.35 26.04 63.72
C MET B 383 25.21 26.89 64.99
N LYS B 384 25.36 28.22 64.83
CA LYS B 384 25.41 29.19 65.96
C LYS B 384 26.60 28.86 66.85
N LEU B 385 27.43 27.97 66.29
CA LEU B 385 28.63 27.37 66.90
C LEU B 385 29.47 26.94 65.69
N ILE B 386 29.38 27.75 64.64
CA ILE B 386 30.04 27.63 63.32
C ILE B 386 29.07 28.19 62.26
N LYS B 387 29.61 28.96 61.32
CA LYS B 387 28.79 29.61 60.29
C LYS B 387 29.47 29.57 58.93
N ILE C 18 -34.31 -66.76 -19.22
CA ILE C 18 -34.07 -67.38 -20.58
C ILE C 18 -34.46 -66.48 -21.76
N PRO C 19 -35.52 -65.66 -21.61
CA PRO C 19 -35.96 -64.90 -22.77
C PRO C 19 -34.91 -63.87 -23.17
N MET C 20 -33.98 -64.35 -24.09
CA MET C 20 -32.92 -63.53 -24.68
C MET C 20 -33.44 -62.19 -25.18
N SER C 21 -34.75 -62.05 -25.32
CA SER C 21 -35.33 -60.77 -25.72
C SER C 21 -35.30 -59.77 -24.58
N ASP C 22 -35.04 -60.24 -23.37
CA ASP C 22 -35.04 -59.40 -22.19
C ASP C 22 -33.67 -58.78 -22.00
N PHE C 23 -32.74 -59.33 -22.77
CA PHE C 23 -31.39 -58.90 -22.70
C PHE C 23 -31.15 -57.54 -23.35
N VAL C 24 -30.50 -56.63 -22.62
CA VAL C 24 -30.25 -55.30 -23.17
C VAL C 24 -28.88 -55.26 -23.82
N VAL C 25 -28.84 -54.73 -25.04
CA VAL C 25 -27.59 -54.51 -25.75
C VAL C 25 -27.25 -53.07 -25.51
N ASN C 26 -26.18 -52.87 -24.76
CA ASN C 26 -25.71 -51.53 -24.46
C ASN C 26 -24.50 -51.12 -25.29
N LEU C 27 -24.76 -50.38 -26.38
CA LEU C 27 -23.73 -49.87 -27.27
C LEU C 27 -23.84 -48.36 -27.32
N ASP C 28 -24.29 -47.78 -26.21
CA ASP C 28 -24.44 -46.35 -26.07
C ASP C 28 -23.12 -45.72 -25.70
N HIS C 29 -22.36 -46.45 -24.87
CA HIS C 29 -21.09 -46.00 -24.33
C HIS C 29 -19.96 -46.67 -25.12
N GLY C 30 -18.78 -46.07 -25.12
CA GLY C 30 -17.69 -46.64 -25.87
C GLY C 30 -16.74 -47.55 -25.10
N ASP C 31 -17.27 -48.35 -24.16
CA ASP C 31 -16.42 -49.18 -23.31
C ASP C 31 -15.72 -50.23 -24.20
N PRO C 32 -14.41 -50.08 -24.42
CA PRO C 32 -13.65 -51.00 -25.27
C PRO C 32 -13.37 -52.39 -24.72
N THR C 33 -14.43 -53.15 -24.42
CA THR C 33 -14.23 -54.49 -23.83
C THR C 33 -13.91 -55.59 -24.83
N ALA C 34 -13.88 -55.21 -26.10
CA ALA C 34 -13.62 -56.08 -27.21
C ALA C 34 -12.19 -56.60 -27.16
N TYR C 35 -11.31 -55.87 -26.50
CA TYR C 35 -9.91 -56.25 -26.45
C TYR C 35 -9.60 -57.14 -25.25
N GLU C 36 -10.52 -57.24 -24.32
CA GLU C 36 -10.29 -58.06 -23.14
C GLU C 36 -9.77 -59.46 -23.47
N GLU C 37 -10.43 -60.10 -24.42
CA GLU C 37 -10.07 -61.42 -24.87
C GLU C 37 -8.58 -61.50 -25.14
N TYR C 38 -8.13 -60.63 -26.04
CA TYR C 38 -6.75 -60.53 -26.48
C TYR C 38 -5.73 -60.53 -25.34
N TRP C 39 -5.88 -59.56 -24.45
CA TRP C 39 -4.95 -59.36 -23.35
C TRP C 39 -4.93 -60.53 -22.36
N ARG C 40 -6.01 -61.28 -22.32
CA ARG C 40 -6.07 -62.42 -21.42
C ARG C 40 -5.14 -63.49 -21.95
N LYS C 41 -5.09 -63.64 -23.27
CA LYS C 41 -4.22 -64.62 -23.89
C LYS C 41 -2.75 -64.23 -23.78
N MET C 42 -2.48 -62.92 -23.75
CA MET C 42 -1.11 -62.45 -23.65
C MET C 42 -0.43 -63.03 -22.42
N GLY C 43 -1.23 -63.47 -21.46
CA GLY C 43 -0.71 -64.09 -20.27
C GLY C 43 0.13 -63.22 -19.35
N ASP C 44 1.00 -63.89 -18.61
CA ASP C 44 1.88 -63.32 -17.60
C ASP C 44 2.82 -62.21 -18.05
N ARG C 45 3.10 -62.14 -19.35
CA ARG C 45 4.02 -61.12 -19.81
C ARG C 45 3.46 -59.71 -19.60
N CYS C 46 2.18 -59.61 -19.23
CA CYS C 46 1.53 -58.33 -19.01
C CYS C 46 1.45 -57.98 -17.54
N THR C 47 1.66 -58.98 -16.71
CA THR C 47 1.55 -58.84 -15.26
C THR C 47 2.28 -57.62 -14.69
N VAL C 48 1.59 -56.83 -13.89
CA VAL C 48 2.17 -55.65 -13.23
C VAL C 48 2.34 -55.91 -11.73
N THR C 49 3.52 -55.65 -11.20
CA THR C 49 3.81 -55.86 -9.76
C THR C 49 4.17 -54.53 -9.13
N ILE C 50 3.55 -54.22 -8.00
CA ILE C 50 3.76 -52.96 -7.29
C ILE C 50 3.96 -53.21 -5.79
N ARG C 51 5.16 -52.97 -5.30
CA ARG C 51 5.48 -53.21 -3.92
C ARG C 51 4.79 -52.22 -3.02
N GLY C 52 4.90 -52.44 -1.71
CA GLY C 52 4.23 -51.62 -0.74
C GLY C 52 4.76 -50.21 -0.61
N CYS C 53 6.06 -50.04 -0.83
CA CYS C 53 6.67 -48.73 -0.68
C CYS C 53 6.88 -47.97 -1.97
N ASP C 54 6.41 -48.51 -3.09
CA ASP C 54 6.58 -47.84 -4.37
C ASP C 54 5.59 -46.70 -4.59
N LEU C 55 6.01 -45.78 -5.44
CA LEU C 55 5.20 -44.67 -5.90
C LEU C 55 4.44 -43.95 -4.81
N MET C 56 5.07 -43.78 -3.66
CA MET C 56 4.42 -43.12 -2.55
C MET C 56 4.35 -41.61 -2.69
N SER C 57 5.43 -40.99 -3.12
CA SER C 57 5.50 -39.54 -3.25
C SER C 57 4.56 -38.92 -4.27
N TYR C 58 4.15 -37.69 -4.01
CA TYR C 58 3.35 -36.95 -4.98
C TYR C 58 4.14 -36.71 -6.27
N PHE C 59 5.46 -36.57 -6.14
CA PHE C 59 6.34 -36.25 -7.26
C PHE C 59 6.97 -37.47 -7.95
N SER C 60 7.13 -37.37 -9.27
CA SER C 60 7.76 -38.40 -10.06
C SER C 60 9.13 -37.95 -10.56
N ASP C 61 9.25 -36.68 -10.93
CA ASP C 61 10.49 -36.11 -11.44
C ASP C 61 10.42 -34.60 -11.54
N MET C 62 11.12 -33.92 -10.63
CA MET C 62 11.11 -32.46 -10.58
C MET C 62 11.88 -31.83 -11.74
N THR C 63 12.41 -32.70 -12.60
CA THR C 63 13.19 -32.31 -13.74
C THR C 63 12.34 -31.90 -14.93
N ASN C 64 11.09 -32.36 -14.96
CA ASN C 64 10.20 -32.06 -16.08
C ASN C 64 9.17 -31.03 -15.72
N LEU C 65 8.63 -30.38 -16.75
CA LEU C 65 7.58 -29.37 -16.52
C LEU C 65 6.41 -30.03 -15.79
N CYS C 66 6.05 -31.21 -16.28
CA CYS C 66 5.01 -32.05 -15.70
C CYS C 66 5.72 -32.98 -14.72
N TRP C 67 5.97 -32.48 -13.52
CA TRP C 67 6.66 -33.28 -12.50
C TRP C 67 5.96 -34.50 -11.93
N PHE C 68 4.72 -34.76 -12.36
CA PHE C 68 4.01 -35.91 -11.89
C PHE C 68 3.93 -36.99 -12.95
N LEU C 69 4.74 -36.84 -14.00
CA LEU C 69 4.79 -37.82 -15.07
C LEU C 69 5.88 -38.83 -14.80
N GLU C 70 5.51 -40.10 -14.68
CA GLU C 70 6.48 -41.17 -14.45
C GLU C 70 7.33 -41.38 -15.71
N PRO C 71 8.67 -41.39 -15.53
CA PRO C 71 9.59 -41.55 -16.66
C PRO C 71 9.34 -42.76 -17.56
N GLU C 72 9.01 -43.91 -16.97
CA GLU C 72 8.72 -45.11 -17.75
C GLU C 72 7.56 -44.87 -18.71
N LEU C 73 6.59 -44.09 -18.25
CA LEU C 73 5.46 -43.84 -19.12
C LEU C 73 5.90 -42.90 -20.24
N GLU C 74 6.69 -41.88 -19.91
CA GLU C 74 7.19 -40.96 -20.92
C GLU C 74 7.96 -41.65 -22.05
N ASP C 75 8.78 -42.62 -21.66
CA ASP C 75 9.59 -43.37 -22.62
C ASP C 75 8.70 -44.20 -23.50
N ALA C 76 7.75 -44.91 -22.89
CA ALA C 76 6.84 -45.78 -23.63
C ALA C 76 6.04 -44.97 -24.66
N ILE C 77 5.45 -43.85 -24.24
CA ILE C 77 4.67 -43.01 -25.14
C ILE C 77 5.50 -42.65 -26.38
N LYS C 78 6.70 -42.14 -26.16
CA LYS C 78 7.60 -41.75 -27.25
C LYS C 78 7.96 -42.96 -28.11
N ASP C 79 8.36 -44.05 -27.48
CA ASP C 79 8.69 -45.27 -28.21
C ASP C 79 7.50 -45.78 -29.05
N LEU C 80 6.29 -45.59 -28.51
CA LEU C 80 5.07 -46.01 -29.21
C LEU C 80 4.82 -45.18 -30.44
N HIS C 81 4.75 -43.85 -30.26
CA HIS C 81 4.55 -42.95 -31.36
C HIS C 81 5.70 -43.04 -32.33
N GLY C 82 6.88 -43.42 -31.84
CA GLY C 82 8.01 -43.58 -32.74
C GLY C 82 7.85 -44.73 -33.71
N VAL C 83 7.36 -45.86 -33.20
CA VAL C 83 7.22 -47.07 -34.00
C VAL C 83 5.98 -46.97 -34.92
N VAL C 84 4.89 -46.42 -34.40
CA VAL C 84 3.68 -46.29 -35.17
C VAL C 84 3.82 -45.13 -36.15
N GLY C 85 4.64 -44.17 -35.78
CA GLY C 85 4.88 -43.00 -36.63
C GLY C 85 3.63 -42.25 -36.93
N ASN C 86 2.74 -42.12 -35.94
CA ASN C 86 1.47 -41.38 -36.04
C ASN C 86 1.54 -39.95 -35.51
N ALA C 87 2.55 -39.64 -34.73
CA ALA C 87 2.66 -38.30 -34.14
C ALA C 87 4.10 -38.00 -33.77
N ALA C 88 4.44 -36.71 -33.87
CA ALA C 88 5.78 -36.24 -33.56
C ALA C 88 5.84 -35.94 -32.06
N THR C 89 6.95 -36.31 -31.43
CA THR C 89 7.09 -36.08 -29.99
C THR C 89 8.29 -35.22 -29.61
N GLU C 90 9.14 -34.85 -30.57
CA GLU C 90 10.34 -34.06 -30.27
C GLU C 90 10.01 -32.57 -30.15
N ASP C 91 10.80 -31.85 -29.37
CA ASP C 91 10.64 -30.40 -29.21
C ASP C 91 9.29 -29.98 -28.66
N ARG C 92 8.74 -30.83 -27.81
CA ARG C 92 7.44 -30.57 -27.19
C ARG C 92 7.37 -31.17 -25.78
N TYR C 93 6.32 -30.79 -25.06
CA TYR C 93 6.11 -31.24 -23.69
C TYR C 93 5.01 -32.29 -23.63
N ILE C 94 5.30 -33.38 -22.92
CA ILE C 94 4.31 -34.42 -22.72
C ILE C 94 3.61 -34.12 -21.40
N VAL C 95 2.29 -34.12 -21.42
CA VAL C 95 1.51 -33.91 -20.21
C VAL C 95 0.57 -35.08 -20.03
N VAL C 96 0.73 -35.81 -18.92
CA VAL C 96 -0.18 -36.93 -18.62
C VAL C 96 -1.45 -36.44 -17.85
N GLY C 97 -2.57 -37.11 -18.03
CA GLY C 97 -3.77 -36.68 -17.33
C GLY C 97 -4.62 -37.88 -17.03
N THR C 98 -5.55 -37.71 -16.11
CA THR C 98 -6.47 -38.79 -15.76
C THR C 98 -7.41 -38.91 -16.95
N GLY C 99 -6.93 -39.59 -17.99
CA GLY C 99 -7.71 -39.71 -19.18
C GLY C 99 -7.59 -38.48 -20.07
N SER C 100 -7.87 -38.65 -21.36
CA SER C 100 -7.82 -37.55 -22.27
C SER C 100 -8.81 -36.50 -21.80
N THR C 101 -9.89 -36.97 -21.18
CA THR C 101 -10.94 -36.07 -20.72
C THR C 101 -10.41 -34.97 -19.79
N GLN C 102 -9.44 -35.31 -18.94
CA GLN C 102 -8.87 -34.30 -18.06
C GLN C 102 -7.89 -33.42 -18.85
N LEU C 103 -7.22 -34.04 -19.83
CA LEU C 103 -6.31 -33.27 -20.66
C LEU C 103 -7.06 -32.21 -21.46
N CYS C 104 -8.14 -32.62 -22.12
CA CYS C 104 -8.92 -31.71 -22.93
C CYS C 104 -9.42 -30.51 -22.17
N GLN C 105 -9.85 -30.75 -20.93
CA GLN C 105 -10.36 -29.69 -20.07
C GLN C 105 -9.19 -28.86 -19.56
N ALA C 106 -8.00 -29.45 -19.53
CA ALA C 106 -6.82 -28.72 -19.07
C ALA C 106 -6.36 -27.74 -20.14
N ALA C 107 -6.44 -28.18 -21.39
CA ALA C 107 -6.01 -27.35 -22.54
C ALA C 107 -6.97 -26.18 -22.72
N VAL C 108 -8.27 -26.46 -22.69
CA VAL C 108 -9.28 -25.42 -22.79
C VAL C 108 -9.09 -24.38 -21.71
N HIS C 109 -8.76 -24.87 -20.50
CA HIS C 109 -8.51 -24.01 -19.33
C HIS C 109 -7.27 -23.14 -19.56
N ALA C 110 -6.20 -23.79 -20.02
CA ALA C 110 -4.91 -23.14 -20.32
C ALA C 110 -5.02 -22.08 -21.42
N LEU C 111 -5.54 -22.49 -22.57
CA LEU C 111 -5.67 -21.57 -23.69
C LEU C 111 -6.53 -20.35 -23.33
N SER C 112 -7.67 -20.60 -22.69
CA SER C 112 -8.58 -19.54 -22.26
C SER C 112 -7.99 -18.67 -21.16
N SER C 113 -7.04 -19.25 -20.44
CA SER C 113 -6.34 -18.58 -19.37
C SER C 113 -5.30 -17.60 -19.94
N LEU C 114 -4.84 -17.88 -21.16
CA LEU C 114 -3.83 -17.06 -21.86
C LEU C 114 -4.46 -16.14 -22.92
N ALA C 115 -5.75 -16.34 -23.19
CA ALA C 115 -6.48 -15.53 -24.17
C ALA C 115 -6.48 -14.08 -23.72
N ARG C 116 -6.70 -13.18 -24.67
CA ARG C 116 -6.70 -11.76 -24.32
C ARG C 116 -8.00 -11.28 -23.67
N SER C 117 -9.05 -12.09 -23.81
CA SER C 117 -10.35 -11.76 -23.24
C SER C 117 -11.16 -13.02 -23.01
N GLN C 118 -12.04 -12.96 -22.03
CA GLN C 118 -12.92 -14.09 -21.71
C GLN C 118 -14.38 -13.61 -21.69
N PRO C 119 -15.32 -14.52 -21.96
CA PRO C 119 -15.13 -15.94 -22.30
C PRO C 119 -14.63 -16.20 -23.73
N VAL C 120 -13.83 -17.26 -23.88
CA VAL C 120 -13.30 -17.68 -25.17
C VAL C 120 -14.37 -18.59 -25.77
N SER C 121 -14.62 -18.47 -27.06
CA SER C 121 -15.64 -19.27 -27.72
C SER C 121 -15.14 -20.66 -28.10
N VAL C 122 -15.75 -21.71 -27.53
CA VAL C 122 -15.31 -23.07 -27.81
C VAL C 122 -16.29 -23.66 -28.80
N VAL C 123 -15.78 -24.24 -29.88
CA VAL C 123 -16.63 -24.82 -30.91
C VAL C 123 -16.07 -26.14 -31.43
N ALA C 124 -16.90 -26.86 -32.20
CA ALA C 124 -16.53 -28.12 -32.81
C ALA C 124 -17.50 -28.40 -33.96
N ALA C 125 -16.96 -28.89 -35.07
CA ALA C 125 -17.78 -29.21 -36.22
C ALA C 125 -18.78 -30.32 -35.86
N ALA C 126 -20.02 -30.17 -36.33
CA ALA C 126 -21.06 -31.14 -36.09
C ALA C 126 -21.14 -32.20 -37.22
N PRO C 127 -21.44 -33.45 -36.87
CA PRO C 127 -21.71 -33.95 -35.52
C PRO C 127 -20.41 -34.06 -34.69
N PHE C 128 -20.48 -33.61 -33.43
CA PHE C 128 -19.33 -33.59 -32.56
C PHE C 128 -19.49 -34.52 -31.38
N TYR C 129 -18.37 -34.75 -30.70
CA TYR C 129 -18.29 -35.62 -29.52
C TYR C 129 -19.14 -35.02 -28.39
N SER C 130 -20.34 -35.55 -28.25
CA SER C 130 -21.29 -35.07 -27.25
C SER C 130 -20.68 -34.71 -25.89
N THR C 131 -19.78 -35.54 -25.40
CA THR C 131 -19.19 -35.33 -24.09
C THR C 131 -18.52 -33.96 -23.99
N TYR C 132 -18.08 -33.41 -25.14
CA TYR C 132 -17.45 -32.06 -25.19
C TYR C 132 -18.39 -31.00 -24.61
N VAL C 133 -19.65 -31.05 -25.04
CA VAL C 133 -20.64 -30.08 -24.58
C VAL C 133 -20.65 -29.90 -23.05
N GLU C 134 -20.80 -31.00 -22.30
CA GLU C 134 -20.80 -30.94 -20.84
C GLU C 134 -19.43 -30.56 -20.27
N GLU C 135 -18.36 -31.05 -20.88
CA GLU C 135 -17.00 -30.75 -20.42
C GLU C 135 -16.77 -29.25 -20.37
N THR C 136 -17.36 -28.53 -21.32
CA THR C 136 -17.19 -27.08 -21.36
C THR C 136 -18.41 -26.33 -20.82
N THR C 137 -19.20 -27.00 -19.95
CA THR C 137 -20.40 -26.40 -19.40
C THR C 137 -20.64 -26.65 -17.90
N TYR C 138 -20.42 -27.89 -17.46
CA TYR C 138 -20.78 -28.30 -16.12
C TYR C 138 -20.31 -27.43 -14.96
N VAL C 139 -19.31 -26.59 -15.17
CA VAL C 139 -18.79 -25.75 -14.06
C VAL C 139 -19.13 -24.28 -14.20
N ARG C 140 -19.86 -23.96 -15.27
CA ARG C 140 -20.30 -22.60 -15.55
C ARG C 140 -19.19 -21.60 -15.34
N SER C 141 -18.09 -21.79 -16.07
CA SER C 141 -16.96 -20.88 -15.94
C SER C 141 -17.05 -19.73 -16.94
N GLY C 142 -16.55 -18.57 -16.51
CA GLY C 142 -16.58 -17.37 -17.34
C GLY C 142 -15.35 -17.28 -18.22
N MET C 143 -14.48 -18.31 -18.14
CA MET C 143 -13.26 -18.38 -18.94
C MET C 143 -13.53 -18.82 -20.36
N TYR C 144 -14.65 -19.50 -20.60
CA TYR C 144 -14.96 -19.98 -21.95
C TYR C 144 -16.44 -20.19 -22.10
N LYS C 145 -16.89 -20.38 -23.33
CA LYS C 145 -18.31 -20.61 -23.62
C LYS C 145 -18.54 -21.49 -24.84
N TRP C 146 -19.29 -22.58 -24.64
CA TRP C 146 -19.58 -23.50 -25.74
C TRP C 146 -20.49 -22.78 -26.75
N GLU C 147 -20.00 -22.64 -27.98
CA GLU C 147 -20.78 -22.00 -29.04
C GLU C 147 -21.29 -22.97 -30.10
N GLY C 148 -21.26 -24.27 -29.78
CA GLY C 148 -21.80 -25.25 -30.71
C GLY C 148 -20.98 -25.48 -31.96
N ASP C 149 -21.69 -25.83 -33.04
CA ASP C 149 -21.08 -26.14 -34.32
C ASP C 149 -20.05 -25.08 -34.75
N ALA C 150 -18.91 -25.55 -35.24
CA ALA C 150 -17.86 -24.66 -35.73
C ALA C 150 -18.20 -24.12 -37.12
N TRP C 151 -18.88 -24.94 -37.94
CA TRP C 151 -19.27 -24.54 -39.30
C TRP C 151 -19.85 -23.12 -39.37
N GLY C 152 -21.08 -22.96 -38.91
CA GLY C 152 -21.64 -21.62 -38.98
C GLY C 152 -21.15 -20.71 -37.88
N PHE C 153 -19.85 -20.73 -37.61
CA PHE C 153 -19.31 -19.91 -36.52
C PHE C 153 -18.47 -18.76 -37.05
N ASP C 154 -18.85 -17.55 -36.67
CA ASP C 154 -18.13 -16.38 -37.12
C ASP C 154 -18.09 -15.33 -36.04
N LYS C 155 -18.51 -15.71 -34.84
CA LYS C 155 -18.48 -14.78 -33.74
C LYS C 155 -17.06 -14.31 -33.48
N LYS C 156 -16.85 -12.99 -33.41
CA LYS C 156 -15.48 -12.51 -33.23
C LYS C 156 -14.90 -12.70 -31.82
N GLY C 157 -13.62 -12.38 -31.67
CA GLY C 157 -12.91 -12.56 -30.41
C GLY C 157 -12.18 -13.89 -30.36
N PRO C 158 -11.52 -14.21 -29.23
CA PRO C 158 -10.76 -15.44 -29.03
C PRO C 158 -11.67 -16.66 -29.09
N TYR C 159 -11.19 -17.73 -29.72
CA TYR C 159 -11.95 -18.95 -29.77
C TYR C 159 -11.05 -20.15 -29.78
N ILE C 160 -11.63 -21.30 -29.46
CA ILE C 160 -10.94 -22.57 -29.47
C ILE C 160 -11.73 -23.56 -30.30
N GLU C 161 -11.07 -24.19 -31.28
CA GLU C 161 -11.74 -25.19 -32.09
C GLU C 161 -11.25 -26.60 -31.78
N LEU C 162 -12.20 -27.49 -31.49
CA LEU C 162 -11.84 -28.85 -31.18
C LEU C 162 -11.92 -29.69 -32.43
N VAL C 163 -10.82 -30.37 -32.75
CA VAL C 163 -10.81 -31.22 -33.93
C VAL C 163 -10.54 -32.66 -33.54
N THR C 164 -11.58 -33.49 -33.64
CA THR C 164 -11.48 -34.93 -33.36
C THR C 164 -11.30 -35.69 -34.65
N SER C 165 -10.26 -36.50 -34.77
CA SER C 165 -9.99 -37.26 -36.00
C SER C 165 -9.17 -38.53 -35.78
N PRO C 166 -9.75 -39.72 -36.09
CA PRO C 166 -11.09 -40.01 -36.56
C PRO C 166 -12.17 -39.45 -35.64
N ASN C 167 -13.11 -38.68 -36.20
CA ASN C 167 -14.15 -38.04 -35.40
C ASN C 167 -15.13 -38.97 -34.70
N ASN C 168 -15.57 -38.55 -33.52
CA ASN C 168 -16.59 -39.24 -32.78
C ASN C 168 -17.79 -38.34 -32.93
N PRO C 169 -18.92 -38.86 -33.43
CA PRO C 169 -19.30 -40.21 -33.80
C PRO C 169 -19.05 -40.75 -35.22
N ASP C 170 -19.16 -39.88 -36.23
CA ASP C 170 -19.08 -40.39 -37.59
C ASP C 170 -17.74 -40.93 -38.08
N GLY C 171 -16.73 -41.06 -37.22
CA GLY C 171 -15.43 -41.55 -37.68
C GLY C 171 -14.83 -40.87 -38.93
N THR C 172 -15.11 -39.58 -39.13
CA THR C 172 -14.56 -38.83 -40.25
C THR C 172 -13.16 -38.31 -39.95
N ILE C 173 -12.26 -38.35 -40.94
CA ILE C 173 -10.94 -37.73 -40.78
C ILE C 173 -11.19 -36.24 -40.89
N ARG C 174 -10.84 -35.47 -39.86
CA ARG C 174 -11.13 -34.03 -39.85
C ARG C 174 -9.95 -33.07 -39.77
N GLU C 175 -10.28 -31.79 -39.91
CA GLU C 175 -9.31 -30.70 -39.88
C GLU C 175 -10.09 -29.48 -39.40
N THR C 176 -9.39 -28.40 -39.10
CA THR C 176 -10.07 -27.18 -38.65
C THR C 176 -11.02 -26.70 -39.75
N VAL C 177 -12.21 -26.30 -39.36
CA VAL C 177 -13.21 -25.83 -40.33
C VAL C 177 -13.50 -24.33 -40.26
N VAL C 178 -12.79 -23.63 -39.38
CA VAL C 178 -12.96 -22.19 -39.21
C VAL C 178 -11.61 -21.50 -39.13
N ALA C 186 -7.32 -17.29 -31.69
CA ALA C 186 -7.69 -18.46 -32.46
C ALA C 186 -6.80 -19.68 -32.19
N LYS C 187 -7.25 -20.52 -31.27
CA LYS C 187 -6.51 -21.72 -30.87
C LYS C 187 -7.23 -22.99 -31.29
N VAL C 188 -6.50 -24.10 -31.30
CA VAL C 188 -7.07 -25.36 -31.70
C VAL C 188 -6.52 -26.54 -30.90
N ILE C 189 -7.41 -27.48 -30.54
CA ILE C 189 -7.02 -28.71 -29.86
C ILE C 189 -7.38 -29.91 -30.74
N HIS C 190 -6.40 -30.81 -30.90
CA HIS C 190 -6.58 -32.01 -31.72
C HIS C 190 -6.71 -33.25 -30.84
N ASP C 191 -7.85 -33.91 -30.96
CA ASP C 191 -8.17 -35.12 -30.24
C ASP C 191 -7.92 -36.34 -31.12
N PHE C 192 -6.80 -37.02 -30.92
CA PHE C 192 -6.49 -38.18 -31.74
C PHE C 192 -6.70 -39.49 -31.02
N ALA C 193 -7.85 -39.60 -30.35
CA ALA C 193 -8.19 -40.79 -29.60
C ALA C 193 -8.07 -42.07 -30.43
N TYR C 194 -8.66 -42.05 -31.62
CA TYR C 194 -8.68 -43.23 -32.49
C TYR C 194 -7.72 -43.13 -33.65
N TYR C 195 -6.72 -42.26 -33.56
CA TYR C 195 -5.77 -42.15 -34.65
C TYR C 195 -4.70 -43.24 -34.55
N TRP C 196 -5.11 -44.49 -34.72
CA TRP C 196 -4.15 -45.59 -34.67
C TRP C 196 -4.42 -46.55 -35.81
N PRO C 197 -3.40 -47.31 -36.23
CA PRO C 197 -3.41 -48.27 -37.33
C PRO C 197 -4.62 -49.24 -37.45
N HIS C 198 -5.00 -49.88 -36.34
CA HIS C 198 -6.11 -50.82 -36.34
C HIS C 198 -7.47 -50.16 -36.53
N TYR C 199 -7.52 -48.82 -36.50
CA TYR C 199 -8.77 -48.07 -36.70
C TYR C 199 -8.77 -47.37 -38.07
N THR C 200 -7.66 -46.73 -38.41
CA THR C 200 -7.61 -45.95 -39.63
C THR C 200 -6.16 -45.90 -40.06
N PRO C 201 -5.92 -45.79 -41.39
CA PRO C 201 -4.54 -45.74 -41.91
C PRO C 201 -3.78 -44.47 -41.50
N ILE C 202 -2.51 -44.64 -41.13
CA ILE C 202 -1.69 -43.48 -40.71
C ILE C 202 -1.12 -42.74 -41.90
N THR C 203 -1.86 -41.75 -42.36
CA THR C 203 -1.47 -41.01 -43.56
C THR C 203 -0.31 -40.06 -43.29
N ARG C 204 -0.19 -39.58 -42.07
CA ARG C 204 0.87 -38.67 -41.78
C ARG C 204 1.17 -38.67 -40.30
N ARG C 205 2.40 -38.31 -39.98
CA ARG C 205 2.86 -38.23 -38.62
C ARG C 205 2.48 -36.85 -38.11
N GLN C 206 1.33 -36.78 -37.45
CA GLN C 206 0.79 -35.53 -36.93
C GLN C 206 1.76 -34.67 -36.13
N ASP C 207 1.70 -33.37 -36.38
CA ASP C 207 2.57 -32.44 -35.69
C ASP C 207 1.90 -31.09 -35.49
N HIS C 208 0.81 -31.09 -34.73
CA HIS C 208 0.09 -29.88 -34.41
C HIS C 208 0.55 -29.38 -33.05
N ASP C 209 -0.11 -28.33 -32.56
CA ASP C 209 0.29 -27.71 -31.30
C ASP C 209 -0.13 -28.47 -30.05
N ILE C 210 -1.39 -28.87 -30.00
CA ILE C 210 -1.94 -29.62 -28.88
C ILE C 210 -2.52 -30.92 -29.41
N MET C 211 -1.85 -32.03 -29.15
CA MET C 211 -2.29 -33.36 -29.59
C MET C 211 -2.59 -34.25 -28.38
N LEU C 212 -3.82 -34.78 -28.33
CA LEU C 212 -4.36 -35.60 -27.25
C LEU C 212 -4.56 -37.06 -27.65
N PHE C 213 -4.14 -37.97 -26.77
CA PHE C 213 -4.24 -39.41 -27.00
C PHE C 213 -4.76 -40.08 -25.74
N THR C 214 -5.52 -41.15 -25.93
CA THR C 214 -6.10 -41.87 -24.78
C THR C 214 -5.64 -43.33 -24.80
N PHE C 215 -5.21 -43.83 -23.65
CA PHE C 215 -4.76 -45.21 -23.47
C PHE C 215 -5.96 -46.14 -23.58
N SER C 216 -7.15 -45.57 -23.38
CA SER C 216 -8.38 -46.35 -23.34
C SER C 216 -8.72 -47.03 -24.63
N1 LLP C 217 -12.10 -38.48 -26.77
C2 LLP C 217 -12.93 -39.10 -27.66
C2' LLP C 217 -13.28 -38.40 -28.95
C3 LLP C 217 -13.47 -40.40 -27.37
O3 LLP C 217 -14.32 -41.04 -28.24
C4 LLP C 217 -13.14 -41.05 -26.14
C4' LLP C 217 -13.73 -42.41 -25.80
C5 LLP C 217 -12.28 -40.34 -25.20
C6 LLP C 217 -11.72 -39.05 -25.59
C5' LLP C 217 -11.87 -41.00 -23.95
OP4 LLP C 217 -10.97 -40.24 -23.20
P LLP C 217 -10.57 -41.01 -21.87
OP1 LLP C 217 -9.96 -42.36 -22.10
OP2 LLP C 217 -9.69 -40.05 -21.20
OP3 LLP C 217 -11.79 -41.11 -21.01
N LLP C 217 -8.65 -46.24 -25.78
CA LLP C 217 -9.12 -46.66 -27.08
CB LLP C 217 -9.66 -45.47 -27.85
CG LLP C 217 -10.73 -44.74 -27.05
CD LLP C 217 -11.90 -45.63 -26.65
CE LLP C 217 -12.86 -44.89 -25.72
NZ LLP C 217 -12.68 -43.44 -25.89
C LLP C 217 -8.01 -47.35 -27.83
O LLP C 217 -8.21 -47.95 -28.89
N ILE C 218 -6.73 -47.31 -27.31
CA ILE C 218 -5.65 -48.01 -28.01
C ILE C 218 -5.73 -49.50 -27.67
N THR C 219 -5.58 -49.82 -26.39
CA THR C 219 -5.58 -51.21 -25.96
C THR C 219 -6.88 -51.68 -25.29
N GLY C 220 -7.66 -50.73 -24.80
CA GLY C 220 -8.92 -51.07 -24.19
C GLY C 220 -8.92 -50.98 -22.68
N HIS C 221 -7.80 -50.50 -22.13
CA HIS C 221 -7.67 -50.32 -20.68
C HIS C 221 -8.21 -48.94 -20.29
N ALA C 222 -9.52 -48.78 -20.44
CA ALA C 222 -10.18 -47.52 -20.11
C ALA C 222 -10.20 -47.21 -18.61
N GLY C 223 -10.23 -48.27 -17.82
CA GLY C 223 -10.26 -48.19 -16.37
C GLY C 223 -9.00 -47.64 -15.78
N SER C 224 -7.95 -47.57 -16.59
CA SER C 224 -6.67 -47.05 -16.12
C SER C 224 -6.68 -45.53 -16.01
N ARG C 225 -7.64 -44.89 -16.67
CA ARG C 225 -7.78 -43.45 -16.72
C ARG C 225 -6.44 -42.84 -17.00
N ILE C 226 -5.89 -43.15 -18.18
CA ILE C 226 -4.58 -42.66 -18.59
C ILE C 226 -4.64 -42.04 -19.98
N GLY C 227 -4.23 -40.78 -20.06
CA GLY C 227 -4.20 -40.06 -21.31
C GLY C 227 -2.98 -39.17 -21.31
N TRP C 228 -2.55 -38.70 -22.48
CA TRP C 228 -1.42 -37.79 -22.55
C TRP C 228 -1.60 -36.73 -23.63
N ALA C 229 -0.93 -35.61 -23.45
CA ALA C 229 -1.05 -34.50 -24.38
C ALA C 229 0.33 -34.05 -24.85
N LEU C 230 0.51 -33.86 -26.16
CA LEU C 230 1.78 -33.36 -26.73
C LEU C 230 1.58 -31.85 -26.90
N VAL C 231 2.39 -31.05 -26.22
CA VAL C 231 2.21 -29.61 -26.30
C VAL C 231 3.51 -28.89 -26.69
N LYS C 232 3.47 -28.16 -27.81
CA LYS C 232 4.65 -27.46 -28.32
C LYS C 232 4.91 -26.18 -27.57
N ASP C 233 3.85 -25.41 -27.30
CA ASP C 233 3.94 -24.17 -26.56
C ASP C 233 4.16 -24.52 -25.10
N LYS C 234 5.25 -24.02 -24.55
CA LYS C 234 5.63 -24.28 -23.20
C LYS C 234 4.70 -23.59 -22.20
N GLU C 235 4.29 -22.37 -22.51
CA GLU C 235 3.37 -21.65 -21.63
C GLU C 235 2.03 -22.40 -21.44
N VAL C 236 1.52 -22.99 -22.51
CA VAL C 236 0.29 -23.78 -22.49
C VAL C 236 0.50 -25.04 -21.66
N ALA C 237 1.56 -25.79 -21.96
CA ALA C 237 1.87 -27.02 -21.22
C ALA C 237 1.89 -26.75 -19.72
N LYS C 238 2.55 -25.67 -19.34
CA LYS C 238 2.67 -25.25 -17.95
C LYS C 238 1.29 -24.98 -17.36
N LYS C 239 0.47 -24.24 -18.10
CA LYS C 239 -0.87 -23.92 -17.64
C LYS C 239 -1.73 -25.18 -17.57
N MET C 240 -1.42 -26.17 -18.40
CA MET C 240 -2.15 -27.43 -18.35
C MET C 240 -1.78 -28.18 -17.09
N VAL C 241 -0.47 -28.24 -16.80
CA VAL C 241 0.05 -28.93 -15.62
C VAL C 241 -0.56 -28.29 -14.39
N GLU C 242 -0.41 -26.97 -14.28
CA GLU C 242 -0.97 -26.24 -13.14
C GLU C 242 -2.43 -26.56 -12.91
N TYR C 243 -3.22 -26.57 -13.98
CA TYR C 243 -4.64 -26.93 -13.89
C TYR C 243 -4.80 -28.31 -13.26
N ILE C 244 -4.00 -29.28 -13.70
CA ILE C 244 -4.11 -30.62 -13.19
C ILE C 244 -3.72 -30.67 -11.73
N ILE C 245 -2.69 -29.93 -11.36
CA ILE C 245 -2.24 -29.89 -9.99
C ILE C 245 -3.31 -29.44 -9.02
N VAL C 246 -4.14 -28.49 -9.44
CA VAL C 246 -5.24 -27.99 -8.62
C VAL C 246 -6.45 -28.88 -8.74
N ASN C 247 -6.60 -29.46 -9.91
CA ASN C 247 -7.70 -30.36 -10.21
C ASN C 247 -7.66 -31.72 -9.49
N SER C 248 -6.48 -32.34 -9.42
CA SER C 248 -6.33 -33.62 -8.76
C SER C 248 -4.88 -33.89 -8.29
N ILE C 249 -4.05 -32.86 -8.27
CA ILE C 249 -2.64 -32.93 -7.88
C ILE C 249 -1.93 -34.09 -8.56
N GLY C 250 -2.08 -34.24 -9.87
CA GLY C 250 -1.43 -35.33 -10.54
C GLY C 250 -2.31 -36.44 -11.03
N VAL C 251 -1.69 -37.57 -11.35
CA VAL C 251 -2.38 -38.72 -11.92
C VAL C 251 -1.86 -39.98 -11.24
N SER C 252 -2.75 -40.95 -11.06
CA SER C 252 -2.41 -42.22 -10.44
C SER C 252 -1.05 -42.72 -10.90
N LYS C 253 -0.15 -42.93 -9.96
CA LYS C 253 1.18 -43.44 -10.27
C LYS C 253 1.12 -44.89 -10.73
N GLU C 254 0.29 -45.69 -10.10
CA GLU C 254 0.20 -47.10 -10.46
C GLU C 254 -0.43 -47.30 -11.82
N SER C 255 -1.24 -46.35 -12.25
CA SER C 255 -1.86 -46.37 -13.57
C SER C 255 -0.77 -46.12 -14.61
N GLN C 256 0.07 -45.12 -14.34
CA GLN C 256 1.18 -44.76 -15.21
C GLN C 256 2.11 -45.96 -15.41
N VAL C 257 2.48 -46.59 -14.31
CA VAL C 257 3.35 -47.75 -14.35
C VAL C 257 2.75 -48.93 -15.12
N ARG C 258 1.46 -49.14 -14.97
CA ARG C 258 0.81 -50.20 -15.68
C ARG C 258 0.70 -49.89 -17.16
N THR C 259 0.09 -48.73 -17.46
CA THR C 259 -0.03 -48.25 -18.84
C THR C 259 1.28 -48.43 -19.57
N ALA C 260 2.38 -48.04 -18.92
CA ALA C 260 3.70 -48.15 -19.50
C ALA C 260 4.01 -49.61 -19.78
N LYS C 261 3.74 -50.48 -18.81
CA LYS C 261 4.03 -51.89 -18.98
C LYS C 261 3.30 -52.46 -20.18
N ILE C 262 2.02 -52.12 -20.30
CA ILE C 262 1.20 -52.64 -21.38
C ILE C 262 1.72 -52.15 -22.73
N LEU C 263 1.77 -50.83 -22.91
CA LEU C 263 2.27 -50.24 -24.13
C LEU C 263 3.59 -50.87 -24.54
N ASN C 264 4.44 -51.21 -23.59
CA ASN C 264 5.73 -51.82 -23.95
C ASN C 264 5.49 -53.14 -24.65
N VAL C 265 4.67 -53.98 -24.04
CA VAL C 265 4.31 -55.27 -24.61
C VAL C 265 3.63 -55.06 -25.96
N LEU C 266 2.85 -53.99 -26.06
CA LEU C 266 2.17 -53.66 -27.29
C LEU C 266 3.17 -53.35 -28.39
N LYS C 267 4.31 -52.78 -28.01
CA LYS C 267 5.36 -52.41 -28.96
C LYS C 267 6.20 -53.62 -29.35
N GLU C 268 6.50 -54.48 -28.37
CA GLU C 268 7.27 -55.70 -28.63
C GLU C 268 6.47 -56.56 -29.58
N THR C 269 5.17 -56.33 -29.56
CA THR C 269 4.27 -57.11 -30.37
C THR C 269 4.25 -56.64 -31.82
N CYS C 270 4.59 -55.38 -32.04
CA CYS C 270 4.53 -54.80 -33.36
C CYS C 270 5.49 -55.42 -34.36
N LYS C 271 6.41 -56.26 -33.89
CA LYS C 271 7.39 -56.89 -34.77
C LYS C 271 7.17 -58.40 -34.80
N SER C 272 5.90 -58.81 -34.73
CA SER C 272 5.56 -60.22 -34.75
C SER C 272 4.81 -60.57 -36.04
N GLU C 273 4.92 -61.84 -36.44
CA GLU C 273 4.21 -62.34 -37.62
C GLU C 273 2.78 -62.69 -37.28
N SER C 274 2.64 -63.57 -36.28
CA SER C 274 1.32 -64.07 -35.88
C SER C 274 0.23 -63.00 -35.84
N GLU C 275 -0.91 -63.25 -36.51
CA GLU C 275 -2.00 -62.26 -36.52
C GLU C 275 -2.72 -62.21 -35.18
N SER C 276 -2.42 -63.18 -34.35
CA SER C 276 -3.01 -63.25 -33.04
C SER C 276 -2.02 -62.67 -32.04
N GLU C 277 -0.79 -62.45 -32.49
CA GLU C 277 0.26 -61.86 -31.66
C GLU C 277 0.28 -60.35 -31.87
N ASN C 278 0.65 -59.92 -33.07
CA ASN C 278 0.69 -58.50 -33.39
C ASN C 278 -0.67 -57.86 -33.07
N PHE C 279 -0.69 -57.01 -32.05
CA PHE C 279 -1.91 -56.36 -31.61
C PHE C 279 -2.58 -55.53 -32.70
N PHE C 280 -1.82 -54.66 -33.35
CA PHE C 280 -2.36 -53.76 -34.37
C PHE C 280 -3.03 -54.50 -35.54
N LYS C 281 -2.46 -55.65 -35.87
CA LYS C 281 -2.97 -56.47 -36.95
C LYS C 281 -4.26 -57.10 -36.45
N TYR C 282 -4.16 -57.73 -35.27
CA TYR C 282 -5.29 -58.36 -34.62
C TYR C 282 -6.46 -57.39 -34.52
N GLY C 283 -6.19 -56.21 -33.98
CA GLY C 283 -7.22 -55.21 -33.79
C GLY C 283 -7.88 -54.76 -35.07
N ARG C 284 -7.08 -54.59 -36.13
CA ARG C 284 -7.59 -54.17 -37.42
C ARG C 284 -8.45 -55.26 -38.07
N GLU C 285 -7.98 -56.51 -37.97
CA GLU C 285 -8.74 -57.62 -38.51
C GLU C 285 -10.08 -57.76 -37.77
N MET C 286 -10.05 -57.57 -36.45
CA MET C 286 -11.28 -57.61 -35.67
C MET C 286 -12.27 -56.53 -36.15
N MET C 287 -11.82 -55.27 -36.19
CA MET C 287 -12.69 -54.17 -36.62
C MET C 287 -13.20 -54.37 -38.04
N LYS C 288 -12.36 -54.96 -38.88
CA LYS C 288 -12.71 -55.24 -40.26
C LYS C 288 -13.85 -56.25 -40.29
N ASN C 289 -13.60 -57.42 -39.71
CA ASN C 289 -14.58 -58.49 -39.67
C ASN C 289 -15.92 -58.01 -39.15
N ARG C 290 -15.88 -57.23 -38.06
CA ARG C 290 -17.09 -56.66 -37.51
C ARG C 290 -17.79 -55.73 -38.48
N TRP C 291 -17.02 -54.89 -39.16
CA TRP C 291 -17.60 -53.91 -40.07
C TRP C 291 -18.16 -54.54 -41.32
N GLU C 292 -17.60 -55.68 -41.70
CA GLU C 292 -18.11 -56.36 -42.87
C GLU C 292 -19.48 -57.01 -42.59
N LYS C 293 -19.59 -57.66 -41.44
CA LYS C 293 -20.86 -58.24 -41.01
C LYS C 293 -21.92 -57.17 -40.90
N LEU C 294 -21.54 -56.05 -40.29
CA LEU C 294 -22.46 -54.93 -40.11
C LEU C 294 -22.88 -54.41 -41.48
N ARG C 295 -21.91 -54.35 -42.39
CA ARG C 295 -22.12 -53.82 -43.74
C ARG C 295 -23.12 -54.69 -44.48
N GLU C 296 -23.01 -55.98 -44.21
CA GLU C 296 -23.85 -56.98 -44.80
C GLU C 296 -25.30 -56.88 -44.32
N VAL C 297 -25.46 -56.67 -43.02
CA VAL C 297 -26.79 -56.44 -42.44
C VAL C 297 -27.48 -55.19 -42.97
N VAL C 298 -26.77 -54.05 -42.96
CA VAL C 298 -27.34 -52.79 -43.43
C VAL C 298 -27.65 -52.90 -44.91
N LYS C 299 -26.95 -53.80 -45.59
CA LYS C 299 -27.12 -53.96 -47.02
C LYS C 299 -28.56 -54.28 -47.40
N GLU C 300 -29.03 -55.47 -47.03
CA GLU C 300 -30.41 -55.84 -47.36
C GLU C 300 -31.46 -55.09 -46.55
N SER C 301 -31.04 -54.32 -45.56
CA SER C 301 -31.99 -53.49 -44.86
C SER C 301 -32.39 -52.42 -45.84
N ASP C 302 -33.52 -51.88 -45.64
CA ASP C 302 -33.97 -50.89 -46.61
C ASP C 302 -33.82 -49.50 -46.04
N ALA C 303 -33.83 -49.31 -44.69
CA ALA C 303 -33.84 -47.97 -44.09
C ALA C 303 -32.54 -47.49 -43.46
N PHE C 304 -31.60 -48.41 -43.23
CA PHE C 304 -30.35 -48.04 -42.56
C PHE C 304 -29.23 -47.54 -43.47
N THR C 305 -28.60 -46.45 -43.05
CA THR C 305 -27.47 -45.86 -43.76
C THR C 305 -26.22 -45.91 -42.88
N LEU C 306 -25.08 -46.16 -43.50
CA LEU C 306 -23.81 -46.22 -42.79
C LEU C 306 -22.78 -45.38 -43.56
N PRO C 307 -21.95 -44.59 -42.84
CA PRO C 307 -20.96 -43.72 -43.48
C PRO C 307 -19.96 -44.48 -44.33
N LYS C 308 -19.54 -43.85 -45.44
CA LYS C 308 -18.55 -44.45 -46.33
C LYS C 308 -17.22 -43.76 -46.13
N TYR C 309 -16.16 -44.57 -46.06
CA TYR C 309 -14.81 -44.06 -45.82
C TYR C 309 -13.88 -44.34 -46.99
N PRO C 310 -13.22 -43.28 -47.49
CA PRO C 310 -12.32 -43.43 -48.62
C PRO C 310 -11.11 -44.26 -48.21
N GLU C 311 -10.61 -45.06 -49.13
CA GLU C 311 -9.43 -45.84 -48.88
C GLU C 311 -8.24 -44.87 -48.81
N ALA C 312 -7.18 -45.23 -48.09
CA ALA C 312 -6.00 -44.38 -48.01
C ALA C 312 -4.75 -45.21 -47.74
N PHE C 313 -3.59 -44.57 -47.92
CA PHE C 313 -2.33 -45.25 -47.71
C PHE C 313 -1.89 -45.11 -46.27
N CYS C 314 -1.61 -46.26 -45.65
CA CYS C 314 -1.16 -46.31 -44.28
C CYS C 314 0.35 -46.48 -44.26
N ASN C 315 1.00 -45.47 -43.68
CA ASN C 315 2.46 -45.45 -43.59
C ASN C 315 3.00 -46.46 -42.60
N TYR C 316 2.12 -46.99 -41.73
CA TYR C 316 2.50 -48.00 -40.75
C TYR C 316 2.48 -49.39 -41.33
N PHE C 317 1.40 -49.70 -42.04
CA PHE C 317 1.28 -51.00 -42.71
C PHE C 317 1.91 -50.97 -44.10
N GLY C 318 2.02 -49.76 -44.66
CA GLY C 318 2.61 -49.61 -45.98
C GLY C 318 1.69 -49.92 -47.16
N LYS C 319 0.47 -50.33 -46.85
CA LYS C 319 -0.46 -50.69 -47.90
C LYS C 319 -1.49 -49.60 -47.93
N SER C 320 -2.42 -49.73 -48.85
CA SER C 320 -3.50 -48.78 -48.97
C SER C 320 -4.73 -49.58 -48.55
N LEU C 321 -5.43 -49.13 -47.50
CA LEU C 321 -6.61 -49.84 -47.02
C LEU C 321 -7.69 -48.98 -46.42
N GLU C 322 -8.77 -49.66 -46.02
CA GLU C 322 -9.94 -49.02 -45.43
C GLU C 322 -9.83 -48.70 -43.94
N SER C 323 -10.65 -47.77 -43.49
CA SER C 323 -10.68 -47.46 -42.08
C SER C 323 -11.95 -48.04 -41.43
N TYR C 324 -11.78 -48.70 -40.29
CA TYR C 324 -12.88 -49.28 -39.56
C TYR C 324 -13.07 -48.67 -38.17
N PRO C 325 -13.75 -47.52 -38.10
CA PRO C 325 -14.01 -46.76 -36.88
C PRO C 325 -14.50 -47.61 -35.69
N ALA C 326 -14.31 -47.08 -34.49
CA ALA C 326 -14.73 -47.75 -33.25
C ALA C 326 -16.22 -47.49 -33.03
N PHE C 327 -16.77 -46.58 -33.83
CA PHE C 327 -18.19 -46.25 -33.74
C PHE C 327 -18.83 -46.41 -35.13
N ALA C 328 -20.12 -46.76 -35.11
CA ALA C 328 -20.93 -46.86 -36.31
C ALA C 328 -21.94 -45.71 -36.22
N TRP C 329 -21.85 -44.76 -37.16
CA TRP C 329 -22.78 -43.64 -37.20
C TRP C 329 -23.94 -44.10 -38.07
N LEU C 330 -24.79 -44.95 -37.49
CA LEU C 330 -25.99 -45.49 -38.14
C LEU C 330 -27.12 -44.46 -38.29
N GLY C 331 -27.57 -44.25 -39.52
CA GLY C 331 -28.63 -43.30 -39.79
C GLY C 331 -29.85 -44.03 -40.33
N THR C 332 -30.87 -43.25 -40.66
CA THR C 332 -32.05 -43.84 -41.26
C THR C 332 -32.58 -42.89 -42.33
N LYS C 333 -32.85 -43.45 -43.52
CA LYS C 333 -33.40 -42.67 -44.62
C LYS C 333 -34.74 -42.06 -44.25
N GLU C 334 -35.63 -42.89 -43.69
CA GLU C 334 -36.95 -42.43 -43.29
C GLU C 334 -36.87 -41.55 -42.04
N GLU C 335 -37.96 -40.82 -41.78
CA GLU C 335 -38.00 -40.01 -40.58
C GLU C 335 -38.31 -40.96 -39.45
N THR C 336 -37.54 -40.84 -38.33
CA THR C 336 -37.89 -41.69 -37.20
C THR C 336 -37.13 -41.13 -36.04
N ASP C 337 -37.54 -41.57 -34.86
CA ASP C 337 -36.84 -41.19 -33.66
C ASP C 337 -36.00 -42.44 -33.45
N LEU C 338 -34.94 -42.56 -34.26
CA LEU C 338 -34.10 -43.75 -34.30
C LEU C 338 -33.61 -44.24 -32.93
N VAL C 339 -33.22 -43.29 -32.07
CA VAL C 339 -32.76 -43.65 -30.75
C VAL C 339 -33.90 -44.27 -29.92
N SER C 340 -35.13 -43.87 -30.23
CA SER C 340 -36.32 -44.37 -29.55
C SER C 340 -36.71 -45.74 -30.06
N GLU C 341 -36.54 -45.95 -31.37
CA GLU C 341 -36.87 -47.23 -32.00
C GLU C 341 -35.91 -48.31 -31.57
N LEU C 342 -34.64 -47.94 -31.46
CA LEU C 342 -33.59 -48.87 -31.08
C LEU C 342 -33.80 -49.26 -29.63
N ARG C 343 -34.25 -48.31 -28.83
CA ARG C 343 -34.52 -48.52 -27.42
C ARG C 343 -35.69 -49.49 -27.19
N ARG C 344 -36.59 -49.49 -28.14
CA ARG C 344 -37.74 -50.34 -28.10
C ARG C 344 -37.40 -51.80 -28.48
N HIS C 345 -36.21 -51.99 -29.07
CA HIS C 345 -35.73 -53.31 -29.42
C HIS C 345 -34.64 -53.68 -28.44
N LYS C 346 -34.58 -52.94 -27.34
CA LYS C 346 -33.64 -53.22 -26.25
C LYS C 346 -32.20 -52.96 -26.68
N VAL C 347 -31.99 -51.99 -27.56
CA VAL C 347 -30.64 -51.65 -28.01
C VAL C 347 -30.37 -50.20 -27.65
N MET C 348 -29.52 -50.01 -26.64
CA MET C 348 -29.14 -48.68 -26.22
C MET C 348 -28.10 -48.10 -27.17
N SER C 349 -28.16 -46.79 -27.42
CA SER C 349 -27.22 -46.07 -28.29
C SER C 349 -27.28 -44.57 -27.97
N ARG C 350 -26.28 -43.83 -28.46
CA ARG C 350 -26.21 -42.41 -28.22
C ARG C 350 -27.07 -41.62 -29.20
N ALA C 351 -27.95 -40.76 -28.67
CA ALA C 351 -28.83 -39.94 -29.51
C ALA C 351 -28.04 -38.98 -30.39
N GLY C 352 -28.15 -39.13 -31.71
CA GLY C 352 -27.47 -38.22 -32.63
C GLY C 352 -27.74 -36.77 -32.31
N GLU C 353 -28.92 -36.50 -31.78
CA GLU C 353 -29.29 -35.15 -31.43
C GLU C 353 -28.33 -34.59 -30.37
N ARG C 354 -27.71 -35.48 -29.61
CA ARG C 354 -26.76 -35.05 -28.57
C ARG C 354 -25.41 -34.64 -29.16
N CYS C 355 -25.06 -35.26 -30.29
CA CYS C 355 -23.82 -34.97 -30.99
C CYS C 355 -24.01 -33.78 -31.93
N GLY C 356 -25.10 -33.04 -31.76
CA GLY C 356 -25.40 -31.91 -32.63
C GLY C 356 -25.88 -32.37 -33.99
N SER C 357 -26.71 -33.40 -34.02
CA SER C 357 -27.24 -33.93 -35.28
C SER C 357 -28.76 -33.95 -35.19
N ASP C 358 -29.39 -34.97 -35.80
CA ASP C 358 -30.87 -35.08 -35.80
C ASP C 358 -31.35 -36.43 -35.24
N LYS C 359 -32.67 -36.59 -35.16
CA LYS C 359 -33.27 -37.82 -34.64
C LYS C 359 -33.09 -39.05 -35.54
N LYS C 360 -32.56 -38.86 -36.74
CA LYS C 360 -32.40 -39.98 -37.66
C LYS C 360 -31.07 -40.68 -37.52
N HIS C 361 -30.19 -40.16 -36.67
CA HIS C 361 -28.86 -40.75 -36.45
C HIS C 361 -28.62 -41.17 -34.99
N VAL C 362 -27.83 -42.24 -34.85
CA VAL C 362 -27.44 -42.73 -33.54
C VAL C 362 -26.00 -43.24 -33.57
N ARG C 363 -25.29 -43.16 -32.45
CA ARG C 363 -23.94 -43.70 -32.42
C ARG C 363 -23.97 -45.05 -31.71
N VAL C 364 -23.47 -46.09 -32.37
CA VAL C 364 -23.43 -47.42 -31.79
C VAL C 364 -21.99 -47.98 -31.71
N SER C 365 -21.54 -48.23 -30.48
CA SER C 365 -20.18 -48.69 -30.25
C SER C 365 -19.91 -49.99 -30.99
N MET C 366 -18.70 -50.08 -31.55
CA MET C 366 -18.29 -51.25 -32.31
C MET C 366 -17.23 -51.99 -31.54
N LEU C 367 -16.99 -51.55 -30.31
CA LEU C 367 -15.93 -52.14 -29.50
C LEU C 367 -16.47 -52.91 -28.29
N SER C 368 -17.73 -53.33 -28.34
CA SER C 368 -18.29 -54.12 -27.27
C SER C 368 -17.85 -55.57 -27.39
N ARG C 369 -18.33 -56.39 -26.48
CA ARG C 369 -17.94 -57.79 -26.46
C ARG C 369 -18.55 -58.49 -27.68
N GLU C 370 -18.02 -59.67 -28.01
CA GLU C 370 -18.48 -60.43 -29.18
C GLU C 370 -20.00 -60.65 -29.17
N ASP C 371 -20.46 -61.43 -28.19
CA ASP C 371 -21.88 -61.76 -28.05
C ASP C 371 -22.78 -60.51 -28.08
N VAL C 372 -22.41 -59.46 -27.34
CA VAL C 372 -23.19 -58.21 -27.37
C VAL C 372 -23.30 -57.65 -28.79
N PHE C 373 -22.22 -57.76 -29.56
CA PHE C 373 -22.18 -57.32 -30.95
C PHE C 373 -23.12 -58.15 -31.80
N ASN C 374 -22.97 -59.47 -31.72
CA ASN C 374 -23.82 -60.35 -32.51
C ASN C 374 -25.29 -60.08 -32.28
N VAL C 375 -25.69 -60.09 -31.02
CA VAL C 375 -27.08 -59.84 -30.66
C VAL C 375 -27.56 -58.58 -31.33
N PHE C 376 -26.68 -57.59 -31.42
CA PHE C 376 -27.03 -56.32 -32.04
C PHE C 376 -27.37 -56.53 -33.52
N LEU C 377 -26.48 -57.23 -34.22
CA LEU C 377 -26.71 -57.45 -35.65
C LEU C 377 -28.00 -58.20 -35.91
N GLU C 378 -28.25 -59.24 -35.11
CA GLU C 378 -29.49 -59.99 -35.21
C GLU C 378 -30.70 -59.09 -35.09
N ARG C 379 -30.72 -58.27 -34.05
CA ARG C 379 -31.84 -57.37 -33.83
C ARG C 379 -31.90 -56.29 -34.89
N LEU C 380 -30.75 -55.95 -35.47
CA LEU C 380 -30.69 -54.89 -36.48
C LEU C 380 -31.36 -55.32 -37.77
N ALA C 381 -31.15 -56.59 -38.16
CA ALA C 381 -31.75 -57.19 -39.37
C ALA C 381 -33.16 -57.76 -39.19
N ASN C 382 -33.68 -57.67 -37.96
CA ASN C 382 -35.01 -58.21 -37.64
C ASN C 382 -36.02 -57.15 -37.22
N MET C 383 -35.73 -55.89 -37.53
CA MET C 383 -36.61 -54.78 -37.16
C MET C 383 -37.05 -54.00 -38.39
N LYS C 384 -38.07 -53.14 -38.22
CA LYS C 384 -38.56 -52.35 -39.34
C LYS C 384 -39.02 -50.95 -38.93
N ASN D 17 32.66 -34.17 -4.75
CA ASN D 17 32.31 -34.48 -3.32
C ASN D 17 30.81 -34.40 -3.01
N ILE D 18 30.46 -33.44 -2.18
CA ILE D 18 29.09 -33.15 -1.77
C ILE D 18 29.23 -32.00 -0.80
N PRO D 19 28.35 -30.99 -0.88
CA PRO D 19 28.37 -29.99 0.20
C PRO D 19 27.70 -30.55 1.46
N MET D 20 26.80 -29.74 2.01
CA MET D 20 25.57 -30.17 2.69
C MET D 20 24.88 -28.94 3.19
N SER D 21 25.66 -27.93 3.48
CA SER D 21 25.11 -26.65 3.75
C SER D 21 24.35 -26.15 2.51
N ASP D 22 24.59 -26.79 1.36
CA ASP D 22 23.95 -26.43 0.11
C ASP D 22 22.70 -27.27 -0.15
N PHE D 23 22.17 -27.89 0.91
CA PHE D 23 21.00 -28.75 0.76
C PHE D 23 19.71 -27.97 0.98
N VAL D 24 18.82 -27.87 0.17
CA VAL D 24 17.57 -27.23 0.43
C VAL D 24 16.61 -28.23 1.10
N VAL D 25 16.21 -27.93 2.33
CA VAL D 25 15.22 -28.70 3.05
C VAL D 25 13.84 -28.17 2.62
N ASN D 26 13.09 -29.01 1.91
CA ASN D 26 11.80 -28.57 1.44
C ASN D 26 10.69 -29.10 2.30
N LEU D 27 10.11 -28.24 3.14
CA LEU D 27 9.00 -28.62 4.01
C LEU D 27 7.83 -27.70 3.75
N ASP D 28 7.68 -27.32 2.48
CA ASP D 28 6.61 -26.43 2.01
C ASP D 28 5.38 -27.24 1.63
N HIS D 29 5.60 -28.40 1.07
CA HIS D 29 4.50 -29.23 0.63
C HIS D 29 4.23 -30.28 1.71
N GLY D 30 3.19 -31.07 1.52
CA GLY D 30 2.88 -32.09 2.51
C GLY D 30 3.17 -33.50 2.02
N ASP D 31 4.30 -33.74 1.37
CA ASP D 31 4.61 -35.08 0.87
C ASP D 31 4.95 -35.98 2.08
N PRO D 32 4.05 -36.94 2.39
CA PRO D 32 4.23 -37.85 3.53
C PRO D 32 5.22 -38.99 3.31
N THR D 33 6.45 -38.64 2.94
CA THR D 33 7.47 -39.65 2.68
C THR D 33 8.06 -40.27 3.96
N ALA D 34 7.50 -39.90 5.11
CA ALA D 34 7.99 -40.37 6.41
C ALA D 34 7.64 -41.82 6.66
N TYR D 35 6.57 -42.28 6.03
CA TYR D 35 6.12 -43.65 6.16
C TYR D 35 6.77 -44.64 5.19
N GLU D 36 7.65 -44.15 4.34
CA GLU D 36 8.23 -45.00 3.29
C GLU D 36 9.02 -46.17 3.86
N GLU D 37 9.74 -45.88 4.93
CA GLU D 37 10.55 -46.86 5.66
C GLU D 37 9.66 -48.02 6.14
N TYR D 38 8.64 -47.66 6.93
CA TYR D 38 7.65 -48.61 7.47
C TYR D 38 7.08 -49.60 6.46
N TRP D 39 6.58 -49.08 5.35
CA TRP D 39 6.01 -49.94 4.32
C TRP D 39 7.03 -50.81 3.59
N ARG D 40 8.30 -50.40 3.59
CA ARG D 40 9.32 -51.21 2.96
C ARG D 40 9.59 -52.43 3.82
N LYS D 41 9.51 -52.25 5.13
CA LYS D 41 9.71 -53.34 6.07
C LYS D 41 8.56 -54.34 6.08
N MET D 42 7.36 -53.86 5.74
CA MET D 42 6.21 -54.76 5.66
C MET D 42 6.41 -55.86 4.63
N GLY D 43 7.37 -55.66 3.73
CA GLY D 43 7.67 -56.69 2.76
C GLY D 43 6.58 -57.08 1.80
N ASP D 44 6.65 -58.32 1.34
CA ASP D 44 5.78 -58.88 0.31
C ASP D 44 4.30 -58.89 0.59
N ARG D 45 3.91 -58.84 1.85
CA ARG D 45 2.49 -58.83 2.18
C ARG D 45 1.74 -57.65 1.63
N CYS D 46 2.46 -56.65 1.12
CA CYS D 46 1.83 -55.46 0.59
C CYS D 46 1.78 -55.48 -0.92
N THR D 47 2.54 -56.40 -1.52
CA THR D 47 2.60 -56.47 -2.97
C THR D 47 1.25 -56.59 -3.67
N VAL D 48 1.07 -55.80 -4.72
CA VAL D 48 -0.14 -55.86 -5.52
C VAL D 48 0.20 -56.40 -6.91
N THR D 49 -0.58 -57.38 -7.37
CA THR D 49 -0.39 -57.95 -8.70
C THR D 49 -1.63 -57.77 -9.59
N ILE D 50 -1.44 -57.17 -10.75
CA ILE D 50 -2.53 -56.84 -11.69
C ILE D 50 -2.28 -57.54 -13.01
N ARG D 51 -3.26 -58.30 -13.47
CA ARG D 51 -3.16 -59.03 -14.72
C ARG D 51 -3.44 -58.11 -15.87
N GLY D 52 -2.93 -58.46 -17.05
CA GLY D 52 -3.10 -57.69 -18.28
C GLY D 52 -4.52 -57.45 -18.75
N CYS D 53 -5.45 -58.31 -18.33
CA CYS D 53 -6.86 -58.15 -18.69
C CYS D 53 -7.79 -57.62 -17.59
N ASP D 54 -7.25 -57.27 -16.43
CA ASP D 54 -8.06 -56.76 -15.32
C ASP D 54 -8.35 -55.27 -15.41
N LEU D 55 -9.42 -54.87 -14.74
CA LEU D 55 -9.83 -53.45 -14.63
C LEU D 55 -9.85 -52.71 -15.94
N MET D 56 -10.32 -53.33 -17.00
CA MET D 56 -10.36 -52.65 -18.30
C MET D 56 -11.56 -51.72 -18.48
N SER D 57 -12.76 -52.20 -18.15
CA SER D 57 -13.95 -51.39 -18.31
C SER D 57 -13.96 -50.08 -17.49
N TYR D 58 -14.73 -49.11 -17.97
CA TYR D 58 -14.92 -47.86 -17.26
C TYR D 58 -15.77 -48.09 -16.00
N PHE D 59 -16.60 -49.13 -16.02
CA PHE D 59 -17.50 -49.37 -14.92
C PHE D 59 -17.02 -50.39 -13.93
N SER D 60 -17.20 -50.07 -12.65
CA SER D 60 -16.82 -50.97 -11.58
C SER D 60 -18.02 -51.78 -11.10
N ASP D 61 -19.15 -51.09 -10.90
CA ASP D 61 -20.40 -51.69 -10.41
C ASP D 61 -21.58 -50.74 -10.67
N MET D 62 -22.38 -51.05 -11.69
CA MET D 62 -23.55 -50.26 -12.01
C MET D 62 -24.58 -50.24 -10.88
N THR D 63 -24.63 -51.34 -10.12
CA THR D 63 -25.52 -51.45 -8.97
C THR D 63 -25.33 -50.37 -7.95
N ASN D 64 -24.25 -49.61 -8.11
CA ASN D 64 -23.84 -48.61 -7.13
C ASN D 64 -24.06 -47.19 -7.67
N LEU D 65 -24.48 -46.25 -6.83
CA LEU D 65 -24.66 -44.86 -7.27
C LEU D 65 -23.35 -44.46 -7.95
N CYS D 66 -22.25 -44.64 -7.23
CA CYS D 66 -20.90 -44.33 -7.68
C CYS D 66 -20.37 -45.57 -8.39
N TRP D 67 -20.75 -45.75 -9.66
CA TRP D 67 -20.43 -46.98 -10.41
C TRP D 67 -18.97 -47.21 -10.75
N PHE D 68 -18.14 -46.25 -10.41
CA PHE D 68 -16.71 -46.39 -10.69
C PHE D 68 -15.94 -46.74 -9.43
N LEU D 69 -16.67 -47.08 -8.36
CA LEU D 69 -16.08 -47.39 -7.06
C LEU D 69 -15.93 -48.89 -6.98
N GLU D 70 -14.70 -49.35 -6.90
CA GLU D 70 -14.41 -50.76 -6.83
C GLU D 70 -14.85 -51.30 -5.46
N PRO D 71 -15.67 -52.38 -5.47
CA PRO D 71 -16.18 -53.02 -4.25
C PRO D 71 -15.13 -53.27 -3.18
N GLU D 72 -13.98 -53.80 -3.56
CA GLU D 72 -12.90 -54.08 -2.62
C GLU D 72 -12.49 -52.85 -1.85
N LEU D 73 -12.47 -51.71 -2.52
CA LEU D 73 -12.06 -50.47 -1.88
C LEU D 73 -13.11 -50.00 -0.92
N GLU D 74 -14.37 -50.17 -1.29
CA GLU D 74 -15.49 -49.79 -0.46
C GLU D 74 -15.48 -50.60 0.85
N ASP D 75 -15.26 -51.92 0.77
CA ASP D 75 -15.23 -52.75 1.98
C ASP D 75 -14.07 -52.38 2.85
N ALA D 76 -12.90 -52.20 2.24
CA ALA D 76 -11.69 -51.76 2.94
C ALA D 76 -11.91 -50.47 3.74
N ILE D 77 -12.52 -49.48 3.10
CA ILE D 77 -12.83 -48.19 3.74
C ILE D 77 -13.70 -48.35 4.98
N LYS D 78 -14.81 -49.08 4.80
CA LYS D 78 -15.79 -49.33 5.84
C LYS D 78 -15.17 -50.12 6.98
N ASP D 79 -14.41 -51.18 6.67
CA ASP D 79 -13.76 -51.96 7.69
C ASP D 79 -12.79 -51.07 8.46
N LEU D 80 -12.04 -50.25 7.76
CA LEU D 80 -11.07 -49.35 8.40
C LEU D 80 -11.74 -48.41 9.40
N HIS D 81 -12.77 -47.71 8.96
CA HIS D 81 -13.43 -46.79 9.85
C HIS D 81 -14.08 -47.55 11.00
N GLY D 82 -14.42 -48.81 10.75
CA GLY D 82 -15.10 -49.61 11.78
C GLY D 82 -14.13 -49.98 12.86
N VAL D 83 -12.90 -50.19 12.46
CA VAL D 83 -11.88 -50.58 13.38
C VAL D 83 -11.33 -49.38 14.10
N VAL D 84 -11.22 -48.26 13.42
CA VAL D 84 -10.74 -47.05 14.06
C VAL D 84 -11.86 -46.34 14.79
N GLY D 85 -13.08 -46.54 14.34
CA GLY D 85 -14.19 -45.88 15.00
C GLY D 85 -14.19 -44.38 14.85
N ASN D 86 -13.45 -43.85 13.87
CA ASN D 86 -13.39 -42.38 13.68
C ASN D 86 -14.52 -41.77 12.86
N ALA D 87 -15.19 -42.58 12.05
CA ALA D 87 -16.25 -42.06 11.20
C ALA D 87 -17.38 -43.05 11.04
N ALA D 88 -18.59 -42.54 10.88
CA ALA D 88 -19.77 -43.38 10.67
C ALA D 88 -19.93 -43.67 9.18
N THR D 89 -20.25 -44.90 8.83
CA THR D 89 -20.38 -45.27 7.44
C THR D 89 -21.73 -45.83 7.05
N GLU D 90 -22.62 -46.01 8.01
CA GLU D 90 -23.96 -46.52 7.73
C GLU D 90 -24.91 -45.44 7.23
N ASP D 91 -25.85 -45.84 6.37
CA ASP D 91 -26.86 -44.91 5.85
C ASP D 91 -26.31 -43.70 5.12
N ARG D 92 -25.37 -43.94 4.22
CA ARG D 92 -24.71 -42.90 3.44
C ARG D 92 -23.95 -43.50 2.24
N TYR D 93 -23.73 -42.65 1.25
CA TYR D 93 -23.05 -43.02 0.01
C TYR D 93 -21.56 -42.71 0.07
N ILE D 94 -20.77 -43.67 -0.44
CA ILE D 94 -19.31 -43.55 -0.52
C ILE D 94 -18.91 -43.12 -1.93
N VAL D 95 -18.17 -42.05 -2.01
CA VAL D 95 -17.78 -41.53 -3.30
C VAL D 95 -16.30 -41.43 -3.24
N VAL D 96 -15.66 -42.05 -4.22
CA VAL D 96 -14.22 -42.04 -4.36
C VAL D 96 -13.87 -41.00 -5.40
N GLY D 97 -12.69 -40.42 -5.30
CA GLY D 97 -12.23 -39.45 -6.27
C GLY D 97 -10.71 -39.47 -6.30
N THR D 98 -10.11 -39.09 -7.40
CA THR D 98 -8.65 -39.05 -7.50
C THR D 98 -8.13 -38.01 -6.54
N GLY D 99 -7.83 -38.45 -5.32
CA GLY D 99 -7.44 -37.55 -4.26
C GLY D 99 -8.63 -36.88 -3.60
N SER D 100 -8.41 -36.45 -2.36
CA SER D 100 -9.42 -35.75 -1.58
C SER D 100 -9.65 -34.40 -2.25
N THR D 101 -8.62 -33.89 -2.90
CA THR D 101 -8.70 -32.61 -3.60
C THR D 101 -9.77 -32.58 -4.71
N GLN D 102 -10.07 -33.75 -5.29
CA GLN D 102 -11.12 -33.84 -6.30
C GLN D 102 -12.47 -33.97 -5.61
N LEU D 103 -12.50 -34.67 -4.49
CA LEU D 103 -13.76 -34.83 -3.77
C LEU D 103 -14.28 -33.48 -3.25
N CYS D 104 -13.37 -32.68 -2.69
CA CYS D 104 -13.76 -31.39 -2.15
C CYS D 104 -14.35 -30.46 -3.22
N GLN D 105 -13.72 -30.42 -4.40
CA GLN D 105 -14.21 -29.64 -5.53
C GLN D 105 -15.54 -30.20 -6.02
N ALA D 106 -15.67 -31.52 -6.03
CA ALA D 106 -16.96 -32.14 -6.38
C ALA D 106 -18.04 -31.75 -5.37
N ALA D 107 -17.69 -31.75 -4.09
CA ALA D 107 -18.66 -31.42 -3.05
C ALA D 107 -19.13 -29.96 -3.14
N VAL D 108 -18.19 -29.03 -3.25
CA VAL D 108 -18.50 -27.63 -3.41
C VAL D 108 -19.36 -27.48 -4.67
N HIS D 109 -19.04 -28.26 -5.70
CA HIS D 109 -19.75 -28.12 -6.95
C HIS D 109 -21.19 -28.54 -6.74
N ALA D 110 -21.36 -29.73 -6.16
CA ALA D 110 -22.69 -30.30 -5.93
C ALA D 110 -23.59 -29.39 -5.08
N LEU D 111 -23.06 -28.95 -3.95
CA LEU D 111 -23.81 -28.10 -3.07
C LEU D 111 -24.24 -26.82 -3.79
N SER D 112 -23.34 -26.28 -4.61
CA SER D 112 -23.62 -25.06 -5.34
C SER D 112 -24.64 -25.30 -6.43
N SER D 113 -24.53 -26.45 -7.08
CA SER D 113 -25.42 -26.78 -8.15
C SER D 113 -26.83 -27.04 -7.63
N LEU D 114 -26.94 -27.32 -6.33
CA LEU D 114 -28.22 -27.58 -5.68
C LEU D 114 -28.71 -26.40 -4.86
N ALA D 115 -27.90 -25.34 -4.82
CA ALA D 115 -28.27 -24.16 -4.06
C ALA D 115 -29.40 -23.43 -4.78
N ARG D 116 -30.16 -22.63 -4.03
CA ARG D 116 -31.27 -21.87 -4.59
C ARG D 116 -30.80 -20.69 -5.44
N SER D 117 -29.64 -20.15 -5.10
CA SER D 117 -29.07 -19.03 -5.84
C SER D 117 -27.55 -19.16 -5.92
N GLN D 118 -26.95 -18.41 -6.85
CA GLN D 118 -25.51 -18.45 -7.03
C GLN D 118 -25.06 -17.01 -7.19
N PRO D 119 -23.78 -16.71 -6.93
CA PRO D 119 -22.72 -17.64 -6.49
C PRO D 119 -22.80 -17.96 -5.01
N VAL D 120 -22.64 -19.24 -4.68
CA VAL D 120 -22.66 -19.68 -3.30
C VAL D 120 -21.36 -19.22 -2.65
N SER D 121 -21.43 -18.74 -1.41
CA SER D 121 -20.23 -18.26 -0.73
C SER D 121 -19.49 -19.43 -0.13
N VAL D 122 -18.16 -19.44 -0.30
CA VAL D 122 -17.32 -20.46 0.31
C VAL D 122 -16.39 -19.76 1.28
N VAL D 123 -16.32 -20.27 2.51
CA VAL D 123 -15.45 -19.70 3.56
C VAL D 123 -14.79 -20.75 4.46
N ALA D 124 -13.76 -20.31 5.19
CA ALA D 124 -13.05 -21.19 6.10
C ALA D 124 -12.46 -20.32 7.20
N ALA D 125 -12.42 -20.88 8.40
CA ALA D 125 -11.86 -20.16 9.54
C ALA D 125 -10.35 -20.03 9.41
N ALA D 126 -9.85 -18.80 9.41
CA ALA D 126 -8.40 -18.54 9.28
C ALA D 126 -7.68 -18.82 10.59
N PRO D 127 -6.44 -19.35 10.52
CA PRO D 127 -5.75 -19.72 9.30
C PRO D 127 -6.34 -21.00 8.66
N PHE D 128 -6.53 -20.95 7.35
CA PHE D 128 -7.09 -22.08 6.59
C PHE D 128 -6.08 -22.74 5.65
N TYR D 129 -6.50 -23.87 5.09
CA TYR D 129 -5.69 -24.64 4.13
C TYR D 129 -5.59 -23.82 2.85
N SER D 130 -4.46 -23.14 2.66
CA SER D 130 -4.22 -22.28 1.49
C SER D 130 -4.74 -22.85 0.16
N THR D 131 -4.52 -24.15 -0.09
CA THR D 131 -4.95 -24.83 -1.32
C THR D 131 -6.44 -24.68 -1.59
N TYR D 132 -7.25 -24.49 -0.56
CA TYR D 132 -8.69 -24.26 -0.75
C TYR D 132 -8.95 -23.03 -1.64
N VAL D 133 -8.15 -21.99 -1.43
CA VAL D 133 -8.24 -20.76 -2.19
C VAL D 133 -8.21 -20.99 -3.70
N GLU D 134 -7.17 -21.64 -4.21
CA GLU D 134 -7.10 -21.90 -5.65
C GLU D 134 -8.17 -22.86 -6.14
N GLU D 135 -8.55 -23.82 -5.30
CA GLU D 135 -9.56 -24.80 -5.68
C GLU D 135 -10.93 -24.19 -5.89
N THR D 136 -11.13 -23.00 -5.33
CA THR D 136 -12.40 -22.29 -5.47
C THR D 136 -12.23 -21.02 -6.30
N THR D 137 -11.13 -20.94 -7.03
CA THR D 137 -10.87 -19.75 -7.83
C THR D 137 -10.34 -20.00 -9.25
N TYR D 138 -9.48 -21.00 -9.42
CA TYR D 138 -8.83 -21.23 -10.72
C TYR D 138 -9.70 -21.42 -11.96
N VAL D 139 -10.97 -21.83 -11.81
CA VAL D 139 -11.86 -22.00 -12.97
C VAL D 139 -12.82 -20.83 -13.24
N ARG D 140 -12.80 -19.82 -12.36
CA ARG D 140 -13.66 -18.64 -12.56
C ARG D 140 -15.12 -19.07 -12.76
N SER D 141 -15.64 -19.85 -11.83
CA SER D 141 -17.00 -20.32 -11.92
C SER D 141 -17.96 -19.31 -11.30
N GLY D 142 -19.19 -19.27 -11.79
CA GLY D 142 -20.18 -18.36 -11.23
C GLY D 142 -21.06 -19.03 -10.18
N MET D 143 -20.84 -20.34 -9.99
CA MET D 143 -21.59 -21.15 -9.05
C MET D 143 -21.22 -20.85 -7.61
N TYR D 144 -19.95 -20.51 -7.38
CA TYR D 144 -19.51 -20.26 -6.01
C TYR D 144 -18.48 -19.15 -6.00
N LYS D 145 -18.14 -18.70 -4.80
CA LYS D 145 -17.19 -17.61 -4.64
C LYS D 145 -16.46 -17.70 -3.30
N TRP D 146 -15.12 -17.65 -3.35
CA TRP D 146 -14.29 -17.67 -2.14
C TRP D 146 -14.38 -16.35 -1.39
N GLU D 147 -14.95 -16.41 -0.19
CA GLU D 147 -15.13 -15.21 0.64
C GLU D 147 -14.09 -15.05 1.75
N GLY D 148 -13.22 -16.04 1.89
CA GLY D 148 -12.17 -15.94 2.88
C GLY D 148 -12.58 -16.42 4.26
N ASP D 149 -11.95 -15.82 5.27
CA ASP D 149 -12.17 -16.21 6.66
C ASP D 149 -13.65 -16.25 7.06
N ALA D 150 -14.06 -17.33 7.71
CA ALA D 150 -15.44 -17.48 8.15
C ALA D 150 -15.76 -16.61 9.37
N TRP D 151 -14.75 -16.38 10.22
CA TRP D 151 -14.89 -15.55 11.42
C TRP D 151 -15.52 -14.19 11.17
N GLY D 152 -15.13 -13.50 10.12
CA GLY D 152 -15.75 -12.22 9.87
C GLY D 152 -16.75 -12.28 8.73
N PHE D 153 -17.35 -13.45 8.53
CA PHE D 153 -18.29 -13.60 7.44
C PHE D 153 -19.73 -13.36 7.86
N ASP D 154 -20.34 -12.35 7.26
CA ASP D 154 -21.73 -12.01 7.57
C ASP D 154 -22.54 -11.72 6.30
N LYS D 155 -21.99 -12.05 5.14
CA LYS D 155 -22.74 -11.89 3.91
C LYS D 155 -23.99 -12.74 3.97
N LYS D 156 -24.96 -12.43 3.13
CA LYS D 156 -26.18 -13.22 3.15
C LYS D 156 -26.35 -14.11 1.94
N GLY D 157 -27.23 -15.10 2.09
CA GLY D 157 -27.45 -16.07 1.05
C GLY D 157 -26.79 -17.39 1.40
N PRO D 158 -26.97 -18.40 0.55
CA PRO D 158 -26.44 -19.76 0.70
C PRO D 158 -24.90 -19.76 0.70
N TYR D 159 -24.32 -20.47 1.66
CA TYR D 159 -22.87 -20.52 1.73
C TYR D 159 -22.40 -21.91 2.16
N ILE D 160 -21.12 -22.17 1.94
CA ILE D 160 -20.50 -23.44 2.29
C ILE D 160 -19.31 -23.14 3.20
N GLU D 161 -19.27 -23.77 4.36
CA GLU D 161 -18.15 -23.57 5.28
C GLU D 161 -17.26 -24.81 5.30
N LEU D 162 -15.98 -24.61 5.03
CA LEU D 162 -14.99 -25.70 5.00
C LEU D 162 -14.35 -25.84 6.38
N VAL D 163 -14.53 -27.02 6.96
CA VAL D 163 -13.98 -27.25 8.27
C VAL D 163 -12.96 -28.36 8.16
N THR D 164 -11.72 -28.04 8.50
CA THR D 164 -10.62 -29.00 8.46
C THR D 164 -10.31 -29.35 9.91
N SER D 165 -10.28 -30.64 10.26
CA SER D 165 -10.01 -31.02 11.65
C SER D 165 -9.43 -32.42 11.78
N PRO D 166 -8.14 -32.54 12.20
CA PRO D 166 -7.18 -31.48 12.53
C PRO D 166 -6.98 -30.48 11.37
N ASN D 167 -6.99 -29.19 11.70
CA ASN D 167 -6.86 -28.14 10.68
C ASN D 167 -5.49 -28.04 10.00
N ASN D 168 -5.49 -27.53 8.78
CA ASN D 168 -4.28 -27.24 8.02
C ASN D 168 -4.32 -25.72 7.95
N PRO D 169 -3.28 -25.03 8.41
CA PRO D 169 -1.99 -25.45 8.97
C PRO D 169 -1.82 -25.70 10.47
N ASP D 170 -2.58 -24.98 11.30
CA ASP D 170 -2.34 -25.06 12.73
C ASP D 170 -2.70 -26.36 13.43
N GLY D 171 -3.43 -27.25 12.78
CA GLY D 171 -3.74 -28.54 13.40
C GLY D 171 -4.74 -28.46 14.54
N THR D 172 -5.54 -27.39 14.56
CA THR D 172 -6.52 -27.22 15.63
C THR D 172 -7.78 -28.00 15.38
N ILE D 173 -8.30 -28.68 16.41
CA ILE D 173 -9.56 -29.42 16.27
C ILE D 173 -10.60 -28.35 16.02
N ARG D 174 -11.43 -28.53 14.99
CA ARG D 174 -12.36 -27.48 14.62
C ARG D 174 -13.82 -27.89 14.47
N GLU D 175 -14.65 -26.86 14.34
CA GLU D 175 -16.08 -27.00 14.13
C GLU D 175 -16.57 -25.76 13.41
N THR D 176 -17.80 -25.81 12.92
CA THR D 176 -18.34 -24.69 12.18
C THR D 176 -18.31 -23.42 13.01
N VAL D 177 -17.63 -22.39 12.52
CA VAL D 177 -17.56 -21.13 13.26
C VAL D 177 -18.57 -20.07 12.77
N VAL D 178 -19.53 -20.47 11.95
CA VAL D 178 -20.52 -19.53 11.44
C VAL D 178 -21.80 -20.27 11.07
N ALA D 186 -27.27 -22.75 3.60
CA ALA D 186 -26.14 -22.97 4.47
C ALA D 186 -25.70 -24.46 4.55
N LYS D 187 -24.53 -24.75 3.98
CA LYS D 187 -23.94 -26.10 3.99
C LYS D 187 -22.50 -26.12 4.53
N VAL D 188 -22.05 -27.30 4.91
CA VAL D 188 -20.70 -27.46 5.47
C VAL D 188 -20.01 -28.75 5.01
N ILE D 189 -18.72 -28.64 4.69
CA ILE D 189 -17.93 -29.79 4.28
C ILE D 189 -16.84 -30.01 5.31
N HIS D 190 -16.74 -31.25 5.77
CA HIS D 190 -15.76 -31.61 6.76
C HIS D 190 -14.60 -32.34 6.11
N ASP D 191 -13.40 -31.81 6.32
CA ASP D 191 -12.17 -32.38 5.79
C ASP D 191 -11.40 -33.04 6.92
N PHE D 192 -11.52 -34.36 7.03
CA PHE D 192 -10.84 -35.10 8.06
C PHE D 192 -9.58 -35.80 7.57
N ALA D 193 -8.79 -35.07 6.79
CA ALA D 193 -7.57 -35.65 6.23
C ALA D 193 -6.62 -36.21 7.27
N TYR D 194 -6.60 -35.61 8.46
CA TYR D 194 -5.69 -36.01 9.53
C TYR D 194 -6.41 -36.57 10.73
N TYR D 195 -7.70 -36.85 10.62
CA TYR D 195 -8.42 -37.36 11.78
C TYR D 195 -8.18 -38.84 11.96
N TRP D 196 -6.93 -39.21 12.27
CA TRP D 196 -6.60 -40.60 12.51
C TRP D 196 -5.76 -40.72 13.76
N PRO D 197 -5.81 -41.90 14.42
CA PRO D 197 -5.14 -42.21 15.68
C PRO D 197 -3.69 -41.78 15.82
N HIS D 198 -2.93 -41.79 14.72
CA HIS D 198 -1.52 -41.40 14.84
C HIS D 198 -1.29 -39.90 14.76
N TYR D 199 -2.34 -39.11 14.58
CA TYR D 199 -2.17 -37.66 14.50
C TYR D 199 -2.82 -36.99 15.69
N THR D 200 -3.94 -37.56 16.12
CA THR D 200 -4.72 -36.95 17.18
C THR D 200 -5.66 -38.01 17.75
N PRO D 201 -6.07 -37.84 19.02
CA PRO D 201 -6.98 -38.80 19.64
C PRO D 201 -8.40 -38.75 19.07
N ILE D 202 -8.99 -39.92 18.84
CA ILE D 202 -10.35 -39.99 18.29
C ILE D 202 -11.33 -39.80 19.44
N THR D 203 -11.79 -38.57 19.62
CA THR D 203 -12.70 -38.29 20.68
C THR D 203 -14.11 -38.75 20.32
N ARG D 204 -14.47 -38.66 19.04
CA ARG D 204 -15.82 -39.06 18.63
C ARG D 204 -15.91 -39.63 17.24
N ARG D 205 -16.86 -40.53 17.05
CA ARG D 205 -17.03 -41.20 15.79
C ARG D 205 -17.84 -40.25 14.94
N GLN D 206 -17.15 -39.34 14.25
CA GLN D 206 -17.77 -38.32 13.39
C GLN D 206 -18.94 -38.83 12.58
N ASP D 207 -19.95 -37.97 12.48
CA ASP D 207 -21.20 -38.27 11.76
C ASP D 207 -21.83 -37.00 11.25
N HIS D 208 -21.18 -36.38 10.29
CA HIS D 208 -21.70 -35.17 9.66
C HIS D 208 -22.21 -35.53 8.26
N ASP D 209 -22.73 -34.54 7.54
CA ASP D 209 -23.32 -34.82 6.24
C ASP D 209 -22.32 -35.11 5.14
N ILE D 210 -21.17 -34.44 5.17
CA ILE D 210 -20.14 -34.61 4.17
C ILE D 210 -18.82 -34.71 4.91
N MET D 211 -18.23 -35.89 4.90
CA MET D 211 -16.93 -36.12 5.52
C MET D 211 -15.95 -36.62 4.46
N LEU D 212 -14.81 -35.91 4.34
CA LEU D 212 -13.72 -36.22 3.38
C LEU D 212 -12.50 -36.86 4.04
N PHE D 213 -11.90 -37.84 3.36
CA PHE D 213 -10.73 -38.56 3.87
C PHE D 213 -9.81 -38.83 2.71
N THR D 214 -8.51 -38.71 2.96
CA THR D 214 -7.49 -38.93 1.94
C THR D 214 -6.53 -40.07 2.32
N PHE D 215 -6.31 -40.98 1.37
CA PHE D 215 -5.41 -42.15 1.54
C PHE D 215 -3.97 -41.68 1.73
N SER D 216 -3.68 -40.55 1.12
CA SER D 216 -2.36 -39.97 1.19
C SER D 216 -1.82 -39.78 2.57
N1 LLP D 217 -6.95 -31.78 2.39
C2 LLP D 217 -6.08 -31.29 3.35
C2' LLP D 217 -6.58 -30.34 4.43
C3 LLP D 217 -4.72 -31.66 3.33
O3 LLP D 217 -3.85 -31.17 4.27
C4 LLP D 217 -4.23 -32.54 2.36
C4' LLP D 217 -2.74 -32.90 2.36
C5 LLP D 217 -5.13 -33.01 1.31
C6 LLP D 217 -6.56 -32.62 1.39
C5' LLP D 217 -4.60 -34.06 0.36
OP4 LLP D 217 -5.58 -34.53 -0.49
P LLP D 217 -5.05 -35.58 -1.56
OP1 LLP D 217 -4.37 -36.79 -1.00
OP2 LLP D 217 -6.24 -35.91 -2.37
OP3 LLP D 217 -4.08 -34.91 -2.51
N LLP D 217 -2.65 -39.07 3.47
CA LLP D 217 -2.17 -38.69 4.78
CB LLP D 217 -2.90 -37.44 5.22
CG LLP D 217 -2.77 -36.34 4.19
CD LLP D 217 -1.31 -35.98 3.88
CE LLP D 217 -1.25 -35.05 2.67
NZ LLP D 217 -2.55 -34.35 2.58
C LLP D 217 -2.29 -39.78 5.83
O LLP D 217 -1.85 -39.63 6.96
N ILE D 218 -2.96 -40.93 5.44
CA ILE D 218 -3.08 -42.07 6.32
C ILE D 218 -1.78 -42.81 6.27
N THR D 219 -1.53 -43.53 5.18
CA THR D 219 -0.33 -44.39 5.10
C THR D 219 0.88 -43.76 4.46
N GLY D 220 0.64 -42.68 3.71
CA GLY D 220 1.71 -41.99 3.00
C GLY D 220 1.66 -42.25 1.52
N HIS D 221 0.68 -43.01 1.04
CA HIS D 221 0.61 -43.32 -0.41
C HIS D 221 -0.10 -42.24 -1.17
N ALA D 222 0.58 -41.11 -1.34
CA ALA D 222 0.02 -39.91 -2.00
C ALA D 222 0.01 -40.09 -3.51
N GLY D 223 0.96 -40.87 -4.01
CA GLY D 223 1.06 -41.16 -5.44
C GLY D 223 -0.09 -42.00 -5.97
N SER D 224 -0.93 -42.48 -5.08
CA SER D 224 -2.08 -43.23 -5.50
C SER D 224 -3.29 -42.37 -5.84
N ARG D 225 -3.26 -41.10 -5.42
CA ARG D 225 -4.35 -40.18 -5.76
C ARG D 225 -5.70 -40.79 -5.42
N ILE D 226 -5.91 -41.12 -4.15
CA ILE D 226 -7.15 -41.76 -3.71
C ILE D 226 -7.78 -41.11 -2.49
N GLY D 227 -9.05 -40.79 -2.62
CA GLY D 227 -9.75 -40.12 -1.54
C GLY D 227 -11.18 -40.55 -1.60
N TRP D 228 -11.86 -40.50 -0.47
CA TRP D 228 -13.27 -40.89 -0.49
C TRP D 228 -14.09 -39.97 0.38
N ALA D 229 -15.36 -39.84 0.03
CA ALA D 229 -16.27 -38.99 0.77
C ALA D 229 -17.46 -39.77 1.30
N LEU D 230 -17.87 -39.48 2.52
CA LEU D 230 -19.06 -40.12 3.11
C LEU D 230 -20.20 -39.10 3.02
N VAL D 231 -21.17 -39.41 2.18
CA VAL D 231 -22.29 -38.49 1.98
C VAL D 231 -23.64 -39.03 2.45
N LYS D 232 -24.37 -38.22 3.21
CA LYS D 232 -25.68 -38.60 3.68
C LYS D 232 -26.73 -38.27 2.64
N ASP D 233 -26.69 -37.05 2.14
CA ASP D 233 -27.68 -36.60 1.16
C ASP D 233 -27.45 -37.19 -0.21
N LYS D 234 -28.39 -38.02 -0.63
CA LYS D 234 -28.28 -38.72 -1.89
C LYS D 234 -28.13 -37.80 -3.09
N GLU D 235 -28.81 -36.67 -3.05
CA GLU D 235 -28.79 -35.73 -4.15
C GLU D 235 -27.40 -35.15 -4.32
N VAL D 236 -26.81 -34.73 -3.21
CA VAL D 236 -25.43 -34.22 -3.18
C VAL D 236 -24.45 -35.26 -3.69
N ALA D 237 -24.56 -36.49 -3.18
CA ALA D 237 -23.71 -37.59 -3.62
C ALA D 237 -23.79 -37.74 -5.12
N LYS D 238 -25.01 -37.84 -5.62
CA LYS D 238 -25.28 -38.00 -7.05
C LYS D 238 -24.54 -36.97 -7.88
N LYS D 239 -24.72 -35.69 -7.53
CA LYS D 239 -24.05 -34.56 -8.20
C LYS D 239 -22.55 -34.72 -8.10
N MET D 240 -22.06 -35.19 -6.96
CA MET D 240 -20.63 -35.37 -6.79
C MET D 240 -20.11 -36.41 -7.76
N VAL D 241 -20.85 -37.49 -7.96
CA VAL D 241 -20.47 -38.55 -8.89
C VAL D 241 -20.46 -37.99 -10.32
N GLU D 242 -21.56 -37.37 -10.69
CA GLU D 242 -21.71 -36.77 -12.02
C GLU D 242 -20.55 -35.85 -12.33
N TYR D 243 -20.17 -35.03 -11.34
CA TYR D 243 -19.07 -34.09 -11.49
C TYR D 243 -17.82 -34.83 -11.89
N ILE D 244 -17.48 -35.85 -11.11
CA ILE D 244 -16.29 -36.67 -11.31
C ILE D 244 -16.33 -37.43 -12.62
N ILE D 245 -17.53 -37.80 -13.08
CA ILE D 245 -17.67 -38.47 -14.37
C ILE D 245 -17.28 -37.58 -15.54
N VAL D 246 -17.69 -36.30 -15.46
CA VAL D 246 -17.35 -35.31 -16.48
C VAL D 246 -15.92 -34.86 -16.31
N ASN D 247 -15.49 -34.74 -15.06
CA ASN D 247 -14.16 -34.28 -14.72
C ASN D 247 -13.03 -35.20 -15.16
N SER D 248 -13.26 -36.53 -15.12
CA SER D 248 -12.24 -37.54 -15.47
C SER D 248 -12.80 -38.92 -15.70
N ILE D 249 -14.10 -39.01 -15.87
CA ILE D 249 -14.75 -40.30 -16.03
C ILE D 249 -14.27 -41.33 -15.02
N GLY D 250 -14.33 -40.99 -13.72
CA GLY D 250 -13.97 -41.99 -12.71
C GLY D 250 -12.58 -41.85 -12.14
N VAL D 251 -12.13 -42.91 -11.47
CA VAL D 251 -10.87 -42.85 -10.76
C VAL D 251 -10.09 -44.11 -11.08
N SER D 252 -8.78 -43.97 -11.26
CA SER D 252 -7.90 -45.09 -11.56
C SER D 252 -8.26 -46.40 -10.84
N LYS D 253 -8.60 -47.43 -11.62
CA LYS D 253 -8.94 -48.74 -11.07
C LYS D 253 -7.78 -49.34 -10.30
N GLU D 254 -6.63 -49.44 -10.92
CA GLU D 254 -5.46 -49.97 -10.19
C GLU D 254 -5.13 -49.23 -8.86
N SER D 255 -5.37 -47.91 -8.80
CA SER D 255 -5.22 -47.16 -7.56
C SER D 255 -6.17 -47.65 -6.48
N GLN D 256 -7.41 -47.92 -6.87
CA GLN D 256 -8.42 -48.36 -5.93
C GLN D 256 -8.05 -49.73 -5.44
N VAL D 257 -7.64 -50.58 -6.36
CA VAL D 257 -7.24 -51.93 -6.01
C VAL D 257 -6.06 -51.98 -5.04
N ARG D 258 -5.11 -51.07 -5.20
CA ARG D 258 -3.96 -51.00 -4.34
C ARG D 258 -4.31 -50.38 -3.00
N THR D 259 -4.95 -49.21 -3.04
CA THR D 259 -5.39 -48.57 -1.83
C THR D 259 -6.16 -49.55 -0.95
N ALA D 260 -6.91 -50.47 -1.57
CA ALA D 260 -7.68 -51.46 -0.82
C ALA D 260 -6.77 -52.52 -0.23
N LYS D 261 -5.80 -52.99 -0.99
CA LYS D 261 -4.86 -53.97 -0.49
C LYS D 261 -4.09 -53.46 0.72
N ILE D 262 -3.51 -52.27 0.60
CA ILE D 262 -2.71 -51.78 1.69
C ILE D 262 -3.53 -51.41 2.94
N LEU D 263 -4.75 -50.92 2.73
CA LEU D 263 -5.65 -50.61 3.84
C LEU D 263 -5.98 -51.89 4.59
N ASN D 264 -6.14 -52.99 3.86
CA ASN D 264 -6.42 -54.28 4.49
C ASN D 264 -5.25 -54.73 5.32
N VAL D 265 -4.06 -54.60 4.79
CA VAL D 265 -2.86 -54.90 5.55
C VAL D 265 -2.80 -53.99 6.78
N LEU D 266 -3.14 -52.72 6.60
CA LEU D 266 -3.11 -51.81 7.72
C LEU D 266 -4.04 -52.31 8.85
N LYS D 267 -5.23 -52.75 8.47
CA LYS D 267 -6.24 -53.26 9.39
C LYS D 267 -5.74 -54.52 10.12
N GLU D 268 -5.19 -55.47 9.37
CA GLU D 268 -4.62 -56.68 9.99
C GLU D 268 -3.58 -56.26 11.00
N THR D 269 -2.96 -55.13 10.73
CA THR D 269 -1.91 -54.60 11.55
C THR D 269 -2.41 -54.03 12.87
N CYS D 270 -3.69 -53.65 12.90
CA CYS D 270 -4.23 -53.03 14.09
C CYS D 270 -4.40 -53.97 15.28
N LYS D 271 -4.43 -55.27 15.01
CA LYS D 271 -4.56 -56.21 16.09
C LYS D 271 -3.22 -56.76 16.55
N SER D 272 -2.13 -56.16 16.05
CA SER D 272 -0.77 -56.53 16.44
C SER D 272 -0.34 -55.67 17.64
N GLU D 273 0.57 -56.20 18.46
CA GLU D 273 1.02 -55.43 19.61
C GLU D 273 2.44 -54.94 19.41
N SER D 274 3.16 -55.55 18.49
CA SER D 274 4.49 -55.07 18.16
C SER D 274 4.38 -53.59 17.77
N GLU D 275 5.14 -52.72 18.43
CA GLU D 275 5.08 -51.29 18.08
C GLU D 275 5.73 -50.93 16.76
N SER D 276 6.29 -51.95 16.13
CA SER D 276 7.00 -51.83 14.89
C SER D 276 6.07 -52.45 13.84
N GLU D 277 5.06 -53.16 14.33
CA GLU D 277 4.05 -53.80 13.49
C GLU D 277 2.84 -52.91 13.34
N ASN D 278 2.13 -52.68 14.44
CA ASN D 278 0.93 -51.85 14.44
C ASN D 278 1.27 -50.49 13.83
N PHE D 279 0.54 -50.12 12.78
CA PHE D 279 0.83 -48.91 12.04
C PHE D 279 0.48 -47.64 12.81
N PHE D 280 -0.73 -47.60 13.33
CA PHE D 280 -1.15 -46.44 14.08
C PHE D 280 -0.32 -46.19 15.30
N LYS D 281 0.24 -47.26 15.88
CA LYS D 281 1.08 -47.11 17.05
C LYS D 281 2.42 -46.54 16.56
N TYR D 282 2.99 -47.20 15.56
CA TYR D 282 4.24 -46.78 14.98
C TYR D 282 4.19 -45.31 14.58
N GLY D 283 3.08 -44.90 13.98
CA GLY D 283 2.96 -43.55 13.47
C GLY D 283 2.90 -42.52 14.57
N ARG D 284 2.14 -42.84 15.60
CA ARG D 284 2.02 -41.95 16.74
C ARG D 284 3.35 -41.78 17.47
N GLU D 285 4.08 -42.87 17.64
CA GLU D 285 5.40 -42.80 18.26
C GLU D 285 6.38 -41.93 17.44
N MET D 286 6.32 -42.08 16.11
CA MET D 286 7.14 -41.28 15.22
C MET D 286 6.76 -39.80 15.33
N MET D 287 5.47 -39.49 15.28
CA MET D 287 5.07 -38.08 15.35
C MET D 287 5.42 -37.49 16.70
N LYS D 288 5.27 -38.31 17.73
CA LYS D 288 5.56 -37.91 19.09
C LYS D 288 7.03 -37.54 19.22
N ASN D 289 7.90 -38.49 18.85
CA ASN D 289 9.32 -38.30 18.89
C ASN D 289 9.76 -37.05 18.15
N ARG D 290 9.25 -36.86 16.93
CA ARG D 290 9.60 -35.70 16.13
C ARG D 290 9.12 -34.41 16.77
N TRP D 291 7.91 -34.40 17.27
CA TRP D 291 7.39 -33.21 17.91
C TRP D 291 8.09 -32.84 19.21
N GLU D 292 8.64 -33.83 19.92
CA GLU D 292 9.39 -33.55 21.15
C GLU D 292 10.71 -32.86 20.82
N LYS D 293 11.45 -33.43 19.86
CA LYS D 293 12.74 -32.85 19.43
C LYS D 293 12.52 -31.41 19.04
N LEU D 294 11.59 -31.18 18.12
CA LEU D 294 11.30 -29.84 17.66
C LEU D 294 11.01 -28.96 18.88
N ARG D 295 10.11 -29.43 19.72
CA ARG D 295 9.68 -28.72 20.91
C ARG D 295 10.87 -28.28 21.73
N GLU D 296 11.89 -29.13 21.82
CA GLU D 296 13.12 -28.81 22.55
C GLU D 296 13.87 -27.68 21.91
N VAL D 297 13.94 -27.71 20.57
CA VAL D 297 14.65 -26.69 19.81
C VAL D 297 13.96 -25.36 20.00
N VAL D 298 12.67 -25.31 19.74
CA VAL D 298 11.94 -24.07 19.89
C VAL D 298 12.06 -23.51 21.31
N LYS D 299 12.17 -24.40 22.29
CA LYS D 299 12.24 -24.02 23.69
C LYS D 299 13.44 -23.15 23.98
N GLU D 300 14.59 -23.59 23.44
CA GLU D 300 15.88 -22.89 23.55
C GLU D 300 15.99 -21.70 22.63
N SER D 301 15.03 -21.53 21.75
CA SER D 301 15.15 -20.42 20.84
C SER D 301 14.60 -19.18 21.55
N ASP D 302 14.75 -18.02 20.90
CA ASP D 302 14.31 -16.78 21.53
C ASP D 302 13.00 -16.25 20.98
N ALA D 303 12.81 -16.40 19.67
CA ALA D 303 11.64 -15.85 19.02
C ALA D 303 10.59 -16.84 18.52
N PHE D 304 10.93 -18.13 18.40
CA PHE D 304 9.99 -19.07 17.84
C PHE D 304 8.90 -19.53 18.80
N THR D 305 7.71 -19.71 18.24
CA THR D 305 6.54 -20.19 18.97
C THR D 305 5.99 -21.47 18.31
N LEU D 306 5.09 -22.16 19.01
CA LEU D 306 4.50 -23.36 18.45
C LEU D 306 3.17 -23.53 19.15
N PRO D 307 2.13 -23.93 18.42
CA PRO D 307 0.80 -24.10 19.00
C PRO D 307 0.77 -25.11 20.15
N LYS D 308 -0.17 -24.91 21.08
CA LYS D 308 -0.35 -25.84 22.21
C LYS D 308 -1.63 -26.62 22.03
N TYR D 309 -1.53 -27.94 22.09
CA TYR D 309 -2.68 -28.82 21.92
C TYR D 309 -3.08 -29.47 23.24
N PRO D 310 -4.38 -29.42 23.59
CA PRO D 310 -4.87 -30.04 24.82
C PRO D 310 -4.82 -31.57 24.73
N GLU D 311 -4.79 -32.21 25.88
CA GLU D 311 -4.79 -33.64 25.94
C GLU D 311 -6.25 -34.07 25.91
N ALA D 312 -6.51 -35.24 25.34
CA ALA D 312 -7.85 -35.77 25.22
C ALA D 312 -7.84 -37.30 25.19
N PHE D 313 -8.97 -37.90 25.56
CA PHE D 313 -9.08 -39.34 25.63
C PHE D 313 -9.42 -39.90 24.25
N CYS D 314 -8.59 -40.84 23.81
CA CYS D 314 -8.71 -41.48 22.51
C CYS D 314 -9.50 -42.76 22.66
N ASN D 315 -10.64 -42.81 21.97
CA ASN D 315 -11.49 -43.98 22.02
C ASN D 315 -10.88 -45.16 21.29
N TYR D 316 -9.87 -44.91 20.46
CA TYR D 316 -9.22 -45.99 19.71
C TYR D 316 -8.19 -46.64 20.58
N PHE D 317 -7.24 -45.84 21.04
CA PHE D 317 -6.15 -46.32 21.90
C PHE D 317 -6.59 -46.64 23.32
N GLY D 318 -7.67 -45.99 23.75
CA GLY D 318 -8.24 -46.20 25.07
C GLY D 318 -7.51 -45.48 26.18
N LYS D 319 -6.68 -44.52 25.79
CA LYS D 319 -5.93 -43.73 26.74
C LYS D 319 -6.20 -42.28 26.50
N SER D 320 -5.68 -41.46 27.40
CA SER D 320 -5.76 -40.03 27.29
C SER D 320 -4.38 -39.57 26.82
N LEU D 321 -4.27 -38.96 25.65
CA LEU D 321 -2.95 -38.53 25.18
C LEU D 321 -2.98 -37.35 24.26
N GLU D 322 -1.80 -36.77 24.02
CA GLU D 322 -1.64 -35.57 23.17
C GLU D 322 -1.65 -35.86 21.70
N SER D 323 -1.99 -34.84 20.91
CA SER D 323 -1.98 -34.94 19.47
C SER D 323 -0.71 -34.29 18.89
N TYR D 324 -0.18 -34.91 17.84
CA TYR D 324 1.03 -34.44 17.16
C TYR D 324 0.76 -34.27 15.67
N PRO D 325 0.32 -33.06 15.29
CA PRO D 325 -0.06 -32.73 13.92
C PRO D 325 0.99 -33.02 12.86
N ALA D 326 0.52 -33.24 11.63
CA ALA D 326 1.40 -33.55 10.50
C ALA D 326 2.07 -32.27 9.98
N PHE D 327 1.68 -31.14 10.58
CA PHE D 327 2.24 -29.84 10.25
C PHE D 327 2.56 -29.06 11.50
N ALA D 328 3.71 -28.37 11.48
CA ALA D 328 4.14 -27.51 12.57
C ALA D 328 3.84 -26.09 12.16
N TRP D 329 2.91 -25.43 12.85
CA TRP D 329 2.56 -24.03 12.54
C TRP D 329 3.58 -23.16 13.27
N LEU D 330 4.74 -22.97 12.66
CA LEU D 330 5.80 -22.20 13.28
C LEU D 330 5.47 -20.69 13.34
N GLY D 331 5.81 -20.06 14.47
CA GLY D 331 5.59 -18.64 14.62
C GLY D 331 6.79 -17.90 15.17
N THR D 332 6.82 -16.59 14.98
CA THR D 332 7.93 -15.81 15.47
C THR D 332 7.40 -14.60 16.21
N LYS D 333 8.03 -14.29 17.34
CA LYS D 333 7.67 -13.16 18.20
C LYS D 333 8.15 -11.86 17.58
N GLU D 334 9.26 -11.95 16.86
CA GLU D 334 9.83 -10.78 16.18
C GLU D 334 9.02 -10.33 14.99
N GLU D 335 9.46 -9.23 14.39
CA GLU D 335 8.81 -8.67 13.22
C GLU D 335 9.62 -9.00 11.99
N THR D 336 9.51 -10.22 11.51
CA THR D 336 10.26 -10.63 10.33
C THR D 336 9.36 -11.26 9.29
N ASP D 337 9.96 -11.54 8.13
CA ASP D 337 9.27 -12.22 7.06
C ASP D 337 9.74 -13.65 7.22
N LEU D 338 9.14 -14.34 8.19
CA LEU D 338 9.54 -15.69 8.56
C LEU D 338 9.82 -16.62 7.37
N VAL D 339 8.94 -16.56 6.37
CA VAL D 339 9.08 -17.41 5.20
C VAL D 339 10.37 -17.09 4.44
N SER D 340 10.68 -15.80 4.34
CA SER D 340 11.88 -15.33 3.65
C SER D 340 13.11 -15.66 4.46
N GLU D 341 13.05 -15.36 5.76
CA GLU D 341 14.16 -15.63 6.67
C GLU D 341 14.54 -17.11 6.69
N LEU D 342 13.53 -17.97 6.65
CA LEU D 342 13.73 -19.40 6.69
C LEU D 342 14.35 -19.86 5.38
N ARG D 343 13.93 -19.23 4.29
CA ARG D 343 14.43 -19.53 2.97
C ARG D 343 15.89 -19.12 2.88
N ARG D 344 16.28 -18.13 3.69
CA ARG D 344 17.65 -17.63 3.71
C ARG D 344 18.60 -18.63 4.33
N HIS D 345 18.02 -19.65 4.97
CA HIS D 345 18.76 -20.73 5.59
C HIS D 345 18.50 -22.01 4.85
N LYS D 346 18.04 -21.87 3.60
CA LYS D 346 17.72 -22.98 2.72
C LYS D 346 16.67 -23.94 3.29
N VAL D 347 15.61 -23.37 3.84
CA VAL D 347 14.49 -24.13 4.39
C VAL D 347 13.20 -23.64 3.74
N MET D 348 12.60 -24.50 2.94
CA MET D 348 11.36 -24.15 2.28
C MET D 348 10.20 -24.39 3.25
N SER D 349 9.25 -23.45 3.29
CA SER D 349 8.05 -23.59 4.11
C SER D 349 6.89 -22.84 3.46
N ARG D 350 5.67 -23.05 3.96
CA ARG D 350 4.52 -22.43 3.34
C ARG D 350 4.20 -21.10 4.05
N ALA D 351 4.22 -20.01 3.29
CA ALA D 351 3.96 -18.66 3.83
C ALA D 351 2.62 -18.55 4.54
N GLY D 352 2.63 -18.09 5.79
CA GLY D 352 1.40 -17.95 6.56
C GLY D 352 0.38 -17.07 5.85
N GLU D 353 0.87 -16.07 5.12
CA GLU D 353 -0.01 -15.16 4.40
C GLU D 353 -0.88 -15.92 3.41
N ARG D 354 -0.34 -17.02 2.90
CA ARG D 354 -1.10 -17.88 1.98
C ARG D 354 -2.29 -18.55 2.67
N CYS D 355 -2.10 -18.92 3.95
CA CYS D 355 -3.11 -19.59 4.75
C CYS D 355 -4.09 -18.62 5.39
N GLY D 356 -3.99 -17.35 5.01
CA GLY D 356 -4.84 -16.32 5.58
C GLY D 356 -4.32 -15.87 6.95
N SER D 357 -3.02 -15.69 7.03
CA SER D 357 -2.41 -15.29 8.28
C SER D 357 -1.46 -14.13 7.99
N ASP D 358 -0.45 -13.95 8.84
CA ASP D 358 0.53 -12.87 8.63
C ASP D 358 1.94 -13.41 8.38
N LYS D 359 2.83 -12.56 7.89
CA LYS D 359 4.21 -12.95 7.58
C LYS D 359 4.99 -13.60 8.74
N LYS D 360 4.52 -13.42 9.97
CA LYS D 360 5.18 -13.97 11.13
C LYS D 360 4.96 -15.45 11.33
N HIS D 361 4.18 -16.07 10.43
CA HIS D 361 3.92 -17.50 10.51
C HIS D 361 4.22 -18.23 9.20
N VAL D 362 4.61 -19.50 9.33
CA VAL D 362 4.86 -20.40 8.19
C VAL D 362 4.47 -21.81 8.58
N ARG D 363 4.13 -22.63 7.59
CA ARG D 363 3.76 -24.01 7.83
C ARG D 363 4.91 -24.92 7.45
N VAL D 364 5.34 -25.78 8.37
CA VAL D 364 6.44 -26.70 8.06
C VAL D 364 5.94 -28.10 8.23
N SER D 365 6.14 -28.91 7.19
CA SER D 365 5.76 -30.33 7.17
C SER D 365 6.55 -31.11 8.18
N MET D 366 5.85 -31.92 8.94
CA MET D 366 6.48 -32.81 9.90
C MET D 366 6.53 -34.22 9.32
N LEU D 367 6.07 -34.40 8.10
CA LEU D 367 6.06 -35.73 7.47
C LEU D 367 7.13 -35.95 6.40
N SER D 368 8.32 -35.39 6.57
CA SER D 368 9.36 -35.61 5.58
C SER D 368 10.20 -36.79 5.98
N ARG D 369 11.23 -37.09 5.20
CA ARG D 369 12.11 -38.17 5.57
C ARG D 369 12.90 -37.81 6.80
N GLU D 370 13.40 -38.86 7.48
CA GLU D 370 14.22 -38.75 8.67
C GLU D 370 15.33 -37.70 8.56
N ASP D 371 16.35 -38.02 7.75
CA ASP D 371 17.47 -37.11 7.58
C ASP D 371 17.07 -35.67 7.22
N VAL D 372 16.05 -35.51 6.38
CA VAL D 372 15.54 -34.18 6.00
C VAL D 372 15.05 -33.45 7.22
N PHE D 373 14.29 -34.18 8.05
CA PHE D 373 13.77 -33.62 9.30
C PHE D 373 14.90 -33.17 10.21
N ASN D 374 15.85 -34.07 10.46
CA ASN D 374 17.01 -33.73 11.28
C ASN D 374 17.69 -32.44 10.84
N VAL D 375 18.04 -32.35 9.56
CA VAL D 375 18.71 -31.17 9.01
C VAL D 375 17.93 -29.90 9.30
N PHE D 376 16.61 -30.01 9.24
CA PHE D 376 15.71 -28.93 9.53
C PHE D 376 15.89 -28.51 10.99
N LEU D 377 15.92 -29.48 11.90
CA LEU D 377 16.05 -29.15 13.31
C LEU D 377 17.33 -28.37 13.59
N GLU D 378 18.45 -28.89 13.07
CA GLU D 378 19.75 -28.21 13.17
C GLU D 378 19.61 -26.75 12.77
N ARG D 379 19.34 -26.54 11.49
CA ARG D 379 19.23 -25.20 10.95
C ARG D 379 18.30 -24.32 11.76
N LEU D 380 17.29 -24.93 12.36
CA LEU D 380 16.29 -24.16 13.11
C LEU D 380 16.93 -23.52 14.34
N ALA D 381 17.79 -24.29 15.01
CA ALA D 381 18.45 -23.82 16.21
C ALA D 381 19.61 -22.94 15.81
N ASN D 382 20.04 -23.07 14.56
CA ASN D 382 21.12 -22.25 14.02
C ASN D 382 20.65 -20.86 13.58
N MET D 383 19.59 -20.34 14.19
CA MET D 383 19.10 -19.03 13.81
C MET D 383 18.24 -18.35 14.89
N MET E 20 -13.38 -3.51 -38.48
CA MET E 20 -12.27 -2.73 -39.13
C MET E 20 -12.73 -1.40 -39.66
N SER E 21 -14.02 -1.24 -39.84
CA SER E 21 -14.56 0.00 -40.36
C SER E 21 -14.66 1.08 -39.27
N ASP E 22 -14.10 0.78 -38.09
CA ASP E 22 -14.11 1.73 -36.98
C ASP E 22 -12.72 2.32 -36.74
N PHE E 23 -11.74 1.86 -37.53
CA PHE E 23 -10.39 2.38 -37.48
C PHE E 23 -10.23 3.65 -38.24
N VAL E 24 -9.87 4.70 -37.54
CA VAL E 24 -9.60 5.95 -38.18
C VAL E 24 -8.19 6.02 -38.73
N VAL E 25 -8.08 6.02 -40.06
CA VAL E 25 -6.77 6.11 -40.70
C VAL E 25 -6.32 7.54 -40.54
N ASN E 26 -5.24 7.73 -39.79
CA ASN E 26 -4.71 9.06 -39.60
C ASN E 26 -3.43 9.30 -40.37
N LEU E 27 -3.57 10.02 -41.50
CA LEU E 27 -2.44 10.35 -42.35
C LEU E 27 -2.40 11.85 -42.51
N ASP E 28 -2.87 12.53 -41.48
CA ASP E 28 -2.89 13.99 -41.44
C ASP E 28 -1.57 14.56 -40.88
N HIS E 29 -0.85 13.76 -40.10
CA HIS E 29 0.42 14.16 -39.51
C HIS E 29 1.57 13.44 -40.23
N GLY E 30 2.77 14.00 -40.20
CA GLY E 30 3.90 13.33 -40.84
C GLY E 30 4.76 12.47 -39.91
N ASP E 31 4.16 11.51 -39.22
CA ASP E 31 4.88 10.65 -38.30
C ASP E 31 5.51 9.51 -39.11
N PRO E 32 6.83 9.55 -39.33
CA PRO E 32 7.52 8.58 -40.15
C PRO E 32 7.72 7.18 -39.54
N THR E 33 6.63 6.51 -39.20
CA THR E 33 6.72 5.22 -38.50
C THR E 33 6.96 4.08 -39.45
N ALA E 34 7.16 4.39 -40.73
CA ALA E 34 7.37 3.37 -41.73
C ALA E 34 8.77 2.77 -41.63
N TYR E 35 9.69 3.51 -41.03
CA TYR E 35 11.08 3.07 -40.91
C TYR E 35 11.33 2.19 -39.67
N GLU E 36 10.41 2.22 -38.73
CA GLU E 36 10.53 1.46 -37.50
C GLU E 36 10.94 0.02 -37.72
N GLU E 37 10.25 -0.66 -38.60
CA GLU E 37 10.58 -2.03 -38.89
C GLU E 37 12.05 -2.21 -39.32
N TYR E 38 12.51 -1.39 -40.26
CA TYR E 38 13.89 -1.42 -40.71
C TYR E 38 14.92 -1.41 -39.56
N TRP E 39 14.79 -0.41 -38.70
CA TRP E 39 15.72 -0.23 -37.61
C TRP E 39 15.65 -1.33 -36.56
N ARG E 40 14.49 -1.94 -36.42
CA ARG E 40 14.36 -3.05 -35.49
C ARG E 40 15.23 -4.23 -35.93
N LYS E 41 15.33 -4.43 -37.23
CA LYS E 41 16.15 -5.50 -37.77
C LYS E 41 17.63 -5.16 -37.70
N MET E 42 17.96 -3.87 -37.71
CA MET E 42 19.36 -3.47 -37.64
C MET E 42 20.05 -4.06 -36.42
N GLY E 43 19.25 -4.39 -35.40
CA GLY E 43 19.80 -5.05 -34.22
C GLY E 43 20.61 -4.18 -33.27
N ASP E 44 21.44 -4.86 -32.48
CA ASP E 44 22.26 -4.28 -31.42
C ASP E 44 23.35 -3.36 -31.94
N ARG E 45 23.41 -3.28 -33.25
CA ARG E 45 24.34 -2.44 -33.98
C ARG E 45 24.05 -0.93 -33.78
N CYS E 46 22.80 -0.63 -33.44
CA CYS E 46 22.34 0.75 -33.29
C CYS E 46 22.18 1.19 -31.85
N THR E 47 22.38 0.24 -30.93
CA THR E 47 22.19 0.47 -29.51
C THR E 47 23.03 1.62 -29.00
N VAL E 48 22.39 2.53 -28.27
CA VAL E 48 23.06 3.67 -27.64
C VAL E 48 23.14 3.48 -26.14
N THR E 49 24.34 3.67 -25.59
CA THR E 49 24.61 3.52 -24.16
C THR E 49 25.03 4.86 -23.56
N ILE E 50 24.32 5.32 -22.53
CA ILE E 50 24.66 6.56 -21.85
C ILE E 50 24.85 6.37 -20.35
N ARG E 51 26.03 6.70 -19.86
CA ARG E 51 26.36 6.56 -18.46
C ARG E 51 25.73 7.65 -17.58
N GLY E 52 25.63 7.37 -16.28
CA GLY E 52 24.99 8.29 -15.37
C GLY E 52 25.72 9.60 -15.21
N CYS E 53 27.01 9.62 -15.57
CA CYS E 53 27.75 10.85 -15.38
C CYS E 53 28.07 11.62 -16.65
N ASP E 54 27.54 11.17 -17.78
CA ASP E 54 27.81 11.80 -19.06
C ASP E 54 26.79 12.91 -19.39
N LEU E 55 27.24 13.87 -20.19
CA LEU E 55 26.42 14.94 -20.72
C LEU E 55 25.74 15.79 -19.64
N MET E 56 26.46 16.09 -18.56
CA MET E 56 25.81 16.77 -17.44
C MET E 56 25.82 18.29 -17.59
N SER E 57 26.91 18.80 -18.14
CA SER E 57 27.04 20.23 -18.32
C SER E 57 26.22 20.82 -19.45
N TYR E 58 25.87 22.08 -19.29
CA TYR E 58 25.11 22.82 -20.29
C TYR E 58 25.93 22.97 -21.54
N PHE E 59 27.26 22.93 -21.36
CA PHE E 59 28.19 23.11 -22.47
C PHE E 59 28.75 21.82 -23.09
N SER E 60 28.83 21.79 -24.43
CA SER E 60 29.44 20.69 -25.16
C SER E 60 30.87 21.03 -25.59
N ASP E 61 31.04 22.23 -26.13
CA ASP E 61 32.33 22.67 -26.66
C ASP E 61 32.39 24.16 -26.86
N MET E 62 33.10 24.84 -25.95
CA MET E 62 33.22 26.29 -25.99
C MET E 62 33.97 26.75 -27.24
N THR E 63 34.74 25.84 -27.82
CA THR E 63 35.50 26.15 -29.01
C THR E 63 34.62 26.42 -30.23
N ASN E 64 33.36 26.02 -30.14
CA ASN E 64 32.42 26.18 -31.20
C ASN E 64 31.46 27.31 -31.01
N LEU E 65 31.07 27.97 -32.10
CA LEU E 65 30.12 29.07 -32.04
C LEU E 65 28.87 28.59 -31.30
N CYS E 66 28.41 27.40 -31.72
CA CYS E 66 27.29 26.67 -31.15
C CYS E 66 27.89 25.73 -30.08
N TRP E 67 28.09 26.28 -28.89
CA TRP E 67 28.76 25.54 -27.83
C TRP E 67 28.01 24.38 -27.25
N PHE E 68 26.75 24.21 -27.67
CA PHE E 68 25.95 23.12 -27.18
C PHE E 68 25.89 22.00 -28.20
N LEU E 69 26.70 22.12 -29.25
CA LEU E 69 26.74 21.11 -30.28
C LEU E 69 27.78 20.01 -29.97
N GLU E 70 27.29 18.78 -29.85
CA GLU E 70 28.15 17.68 -29.50
C GLU E 70 29.02 17.37 -30.70
N PRO E 71 30.28 17.39 -30.55
CA PRO E 71 31.23 17.08 -31.62
C PRO E 71 30.84 15.80 -32.36
N GLU E 72 30.62 14.64 -31.73
CA GLU E 72 30.29 13.42 -32.45
C GLU E 72 29.14 13.63 -33.42
N LEU E 73 28.19 14.48 -33.04
CA LEU E 73 27.05 14.75 -33.90
C LEU E 73 27.50 15.61 -35.05
N GLU E 74 28.37 16.56 -34.78
CA GLU E 74 28.86 17.45 -35.81
C GLU E 74 29.60 16.69 -36.91
N ASP E 75 30.49 15.77 -36.51
CA ASP E 75 31.25 14.92 -37.44
C ASP E 75 30.34 14.06 -38.28
N ALA E 76 29.38 13.43 -37.62
CA ALA E 76 28.39 12.58 -38.27
C ALA E 76 27.63 13.36 -39.33
N ILE E 77 27.18 14.55 -39.00
CA ILE E 77 26.46 15.39 -39.95
C ILE E 77 27.29 15.72 -41.19
N LYS E 78 28.58 15.93 -40.99
CA LYS E 78 29.49 16.26 -42.07
C LYS E 78 29.81 15.07 -42.94
N ASP E 79 30.20 13.96 -42.30
CA ASP E 79 30.48 12.71 -43.03
C ASP E 79 29.28 12.25 -43.83
N LEU E 80 28.08 12.38 -43.25
CA LEU E 80 26.85 11.93 -43.88
C LEU E 80 26.51 12.80 -45.09
N HIS E 81 26.86 14.08 -45.05
CA HIS E 81 26.61 14.95 -46.19
C HIS E 81 27.72 14.77 -47.23
N GLY E 82 28.87 14.30 -46.75
CA GLY E 82 30.02 14.07 -47.61
C GLY E 82 29.86 12.84 -48.47
N VAL E 83 29.15 11.84 -47.96
CA VAL E 83 28.92 10.58 -48.67
C VAL E 83 27.67 10.69 -49.56
N VAL E 84 26.74 11.60 -49.22
CA VAL E 84 25.54 11.70 -50.02
C VAL E 84 25.71 12.78 -51.06
N GLY E 85 26.55 13.76 -50.74
CA GLY E 85 26.83 14.84 -51.64
C GLY E 85 25.65 15.78 -51.89
N ASN E 86 24.70 15.81 -50.96
CA ASN E 86 23.49 16.61 -51.09
C ASN E 86 23.60 18.06 -50.60
N ALA E 87 24.61 18.34 -49.78
CA ALA E 87 24.80 19.66 -49.21
C ALA E 87 26.26 19.91 -48.90
N ALA E 88 26.70 21.15 -49.02
CA ALA E 88 28.08 21.54 -48.71
C ALA E 88 28.13 21.89 -47.23
N THR E 89 29.25 21.55 -46.59
CA THR E 89 29.41 21.79 -45.17
C THR E 89 30.74 22.48 -44.83
N GLU E 90 31.46 22.96 -45.84
CA GLU E 90 32.73 23.62 -45.56
C GLU E 90 32.52 25.10 -45.36
N ASP E 91 33.46 25.73 -44.65
CA ASP E 91 33.43 27.18 -44.42
C ASP E 91 32.10 27.70 -43.95
N ARG E 92 31.37 26.89 -43.19
CA ARG E 92 30.08 27.32 -42.65
C ARG E 92 29.91 26.82 -41.22
N TYR E 93 28.98 27.44 -40.49
CA TYR E 93 28.69 27.07 -39.10
C TYR E 93 27.52 26.11 -39.02
N ILE E 94 27.69 25.04 -38.23
CA ILE E 94 26.61 24.06 -38.00
C ILE E 94 25.91 24.39 -36.69
N VAL E 95 24.59 24.32 -36.73
CA VAL E 95 23.79 24.64 -35.57
C VAL E 95 22.74 23.55 -35.37
N VAL E 96 22.75 22.90 -34.19
CA VAL E 96 21.68 21.96 -33.85
C VAL E 96 20.52 22.63 -33.11
N GLY E 97 19.34 22.04 -33.26
CA GLY E 97 18.18 22.56 -32.59
C GLY E 97 17.28 21.40 -32.24
N THR E 98 16.28 21.66 -31.41
CA THR E 98 15.32 20.65 -31.01
C THR E 98 14.45 20.44 -32.24
N GLY E 99 14.96 19.70 -33.22
CA GLY E 99 14.25 19.58 -34.49
C GLY E 99 14.52 20.74 -35.44
N SER E 100 14.18 20.54 -36.71
CA SER E 100 14.34 21.57 -37.70
C SER E 100 13.37 22.70 -37.39
N THR E 101 12.21 22.37 -36.83
CA THR E 101 11.22 23.40 -36.48
C THR E 101 11.74 24.47 -35.53
N GLN E 102 12.62 24.10 -34.61
CA GLN E 102 13.22 25.12 -33.74
C GLN E 102 14.29 25.93 -34.51
N LEU E 103 15.03 25.25 -35.39
CA LEU E 103 16.07 25.90 -36.22
C LEU E 103 15.45 26.89 -37.18
N CYS E 104 14.29 26.55 -37.74
CA CYS E 104 13.61 27.45 -38.64
C CYS E 104 13.11 28.71 -37.93
N GLN E 105 12.68 28.58 -36.67
CA GLN E 105 12.23 29.72 -35.89
C GLN E 105 13.41 30.58 -35.47
N ALA E 106 14.54 29.92 -35.26
CA ALA E 106 15.77 30.61 -34.88
C ALA E 106 16.28 31.48 -36.03
N ALA E 107 16.19 30.95 -37.25
CA ALA E 107 16.65 31.67 -38.45
C ALA E 107 15.81 32.91 -38.71
N VAL E 108 14.49 32.72 -38.75
CA VAL E 108 13.56 33.82 -38.94
C VAL E 108 13.78 34.89 -37.89
N HIS E 109 14.01 34.48 -36.65
CA HIS E 109 14.27 35.40 -35.59
C HIS E 109 15.58 36.12 -35.85
N ALA E 110 16.67 35.36 -36.10
CA ALA E 110 18.01 35.91 -36.37
C ALA E 110 18.03 36.89 -37.52
N LEU E 111 17.49 36.46 -38.67
CA LEU E 111 17.44 37.31 -39.85
C LEU E 111 16.64 38.60 -39.58
N SER E 112 15.48 38.46 -38.94
CA SER E 112 14.64 39.60 -38.63
C SER E 112 15.25 40.52 -37.61
N SER E 113 16.19 39.96 -36.84
CA SER E 113 16.90 40.66 -35.78
C SER E 113 18.07 41.51 -36.35
N LEU E 114 18.49 41.17 -37.55
CA LEU E 114 19.59 41.85 -38.22
C LEU E 114 19.03 42.79 -39.29
N ALA E 115 17.76 42.64 -39.63
CA ALA E 115 17.14 43.47 -40.66
C ALA E 115 17.19 44.96 -40.25
N ARG E 116 17.11 45.84 -41.24
CA ARG E 116 17.18 47.29 -40.97
C ARG E 116 15.85 47.89 -40.50
N SER E 117 14.80 47.08 -40.58
CA SER E 117 13.49 47.51 -40.16
C SER E 117 12.63 46.29 -39.89
N GLN E 118 11.64 46.48 -39.03
CA GLN E 118 10.73 45.41 -38.66
C GLN E 118 9.32 45.97 -38.67
N PRO E 119 8.31 45.11 -38.85
CA PRO E 119 8.40 43.65 -39.06
C PRO E 119 8.85 43.23 -40.47
N VAL E 120 9.70 42.22 -40.52
CA VAL E 120 10.20 41.66 -41.75
C VAL E 120 9.11 40.73 -42.27
N SER E 121 8.83 40.79 -43.57
CA SER E 121 7.80 39.93 -44.14
C SER E 121 8.33 38.48 -44.32
N VAL E 122 7.46 37.50 -44.05
CA VAL E 122 7.83 36.11 -44.22
C VAL E 122 6.82 35.45 -45.15
N VAL E 123 7.31 34.85 -46.23
CA VAL E 123 6.44 34.28 -47.27
C VAL E 123 6.93 32.90 -47.69
N ALA E 124 6.08 32.19 -48.41
CA ALA E 124 6.36 30.86 -48.95
C ALA E 124 5.45 30.57 -50.14
N ALA E 125 6.03 30.04 -51.20
CA ALA E 125 5.28 29.74 -52.39
C ALA E 125 4.18 28.75 -52.08
N ALA E 126 2.92 29.12 -52.38
CA ALA E 126 1.77 28.24 -52.16
C ALA E 126 1.72 27.17 -53.23
N PRO E 127 1.30 25.95 -52.87
CA PRO E 127 0.95 25.53 -51.51
C PRO E 127 2.21 25.38 -50.64
N PHE E 128 2.12 25.79 -49.38
CA PHE E 128 3.26 25.76 -48.50
C PHE E 128 3.02 24.86 -47.30
N TYR E 129 4.10 24.57 -46.57
CA TYR E 129 4.07 23.77 -45.34
C TYR E 129 3.30 24.50 -44.24
N SER E 130 2.02 24.16 -44.07
CA SER E 130 1.12 24.83 -43.13
C SER E 130 1.74 25.23 -41.80
N THR E 131 2.52 24.32 -41.22
CA THR E 131 3.15 24.56 -39.93
C THR E 131 3.99 25.83 -39.93
N TYR E 132 4.37 26.32 -41.10
CA TYR E 132 5.11 27.57 -41.15
C TYR E 132 4.25 28.72 -40.66
N VAL E 133 2.94 28.62 -40.90
CA VAL E 133 2.03 29.70 -40.52
C VAL E 133 2.00 29.91 -39.02
N GLU E 134 1.75 28.83 -38.27
CA GLU E 134 1.67 28.96 -36.83
C GLU E 134 3.00 29.33 -36.20
N GLU E 135 4.09 28.85 -36.79
CA GLU E 135 5.45 29.16 -36.34
C GLU E 135 5.81 30.64 -36.37
N THR E 136 5.19 31.40 -37.28
CA THR E 136 5.45 32.83 -37.43
C THR E 136 4.27 33.68 -36.94
N THR E 137 3.42 33.07 -36.12
CA THR E 137 2.22 33.76 -35.67
C THR E 137 1.91 33.69 -34.18
N TYR E 138 2.00 32.48 -33.61
CA TYR E 138 1.63 32.21 -32.20
C TYR E 138 2.14 33.13 -31.10
N VAL E 139 3.33 33.70 -31.28
CA VAL E 139 3.91 34.58 -30.28
C VAL E 139 3.61 36.05 -30.56
N ARG E 140 2.97 36.34 -31.69
CA ARG E 140 2.62 37.72 -32.01
C ARG E 140 3.83 38.65 -31.94
N SER E 141 4.95 38.17 -32.51
CA SER E 141 6.18 38.91 -32.52
C SER E 141 6.11 40.09 -33.48
N GLY E 142 6.72 41.22 -33.11
CA GLY E 142 6.76 42.39 -34.00
C GLY E 142 7.97 42.35 -34.93
N MET E 143 8.87 41.40 -34.70
CA MET E 143 10.09 41.32 -35.47
C MET E 143 9.81 40.82 -36.88
N TYR E 144 8.67 40.18 -37.08
CA TYR E 144 8.33 39.64 -38.39
C TYR E 144 6.84 39.47 -38.53
N LYS E 145 6.39 39.11 -39.74
CA LYS E 145 4.96 38.96 -39.99
C LYS E 145 4.74 38.06 -41.20
N TRP E 146 3.92 37.03 -41.00
CA TRP E 146 3.58 36.11 -42.07
C TRP E 146 2.75 36.83 -43.14
N GLU E 147 3.20 36.77 -44.40
CA GLU E 147 2.50 37.43 -45.50
C GLU E 147 1.81 36.44 -46.43
N GLY E 148 2.11 35.16 -46.27
CA GLY E 148 1.51 34.12 -47.10
C GLY E 148 2.25 33.78 -48.39
N ASP E 149 1.49 33.48 -49.43
CA ASP E 149 2.03 33.12 -50.75
C ASP E 149 3.11 34.07 -51.25
N ALA E 150 4.23 33.50 -51.69
CA ALA E 150 5.34 34.31 -52.18
C ALA E 150 5.07 34.85 -53.58
N TRP E 151 4.30 34.09 -54.35
CA TRP E 151 3.97 34.44 -55.73
C TRP E 151 3.42 35.85 -55.86
N GLY E 152 2.38 36.17 -55.11
CA GLY E 152 1.85 37.51 -55.20
C GLY E 152 2.42 38.42 -54.12
N PHE E 153 3.74 38.41 -53.96
CA PHE E 153 4.36 39.27 -52.96
C PHE E 153 5.15 40.40 -53.60
N ASP E 154 4.59 41.60 -53.53
CA ASP E 154 5.22 42.78 -54.09
C ASP E 154 5.39 43.89 -53.04
N LYS E 155 5.11 43.57 -51.77
CA LYS E 155 5.28 44.52 -50.69
C LYS E 155 6.72 44.94 -50.63
N LYS E 156 6.98 46.00 -49.91
CA LYS E 156 8.30 46.58 -49.83
C LYS E 156 9.04 46.16 -48.58
N GLY E 157 10.33 46.48 -48.53
CA GLY E 157 11.10 46.36 -47.30
C GLY E 157 11.68 44.97 -47.14
N PRO E 158 12.29 44.71 -45.97
CA PRO E 158 12.98 43.43 -45.65
C PRO E 158 12.02 42.23 -45.62
N TYR E 159 12.42 41.14 -46.26
CA TYR E 159 11.55 39.96 -46.23
C TYR E 159 12.37 38.69 -46.20
N ILE E 160 11.72 37.61 -45.79
CA ILE E 160 12.40 36.32 -45.74
C ILE E 160 11.52 35.35 -46.50
N GLU E 161 12.12 34.59 -47.41
CA GLU E 161 11.38 33.60 -48.18
C GLU E 161 11.83 32.21 -47.78
N LEU E 162 10.83 31.35 -47.60
CA LEU E 162 11.06 29.96 -47.19
C LEU E 162 10.93 29.04 -48.39
N VAL E 163 11.98 28.25 -48.64
CA VAL E 163 11.97 27.35 -49.77
C VAL E 163 12.10 25.91 -49.36
N THR E 164 10.99 25.19 -49.43
CA THR E 164 10.97 23.79 -49.07
C THR E 164 11.21 22.94 -50.31
N SER E 165 12.21 22.08 -50.28
CA SER E 165 12.50 21.26 -51.45
C SER E 165 13.24 19.94 -51.11
N PRO E 166 12.58 18.79 -51.32
CA PRO E 166 11.18 18.59 -51.76
C PRO E 166 10.16 19.36 -50.90
N ASN E 167 9.21 20.01 -51.56
CA ASN E 167 8.25 20.82 -50.84
C ASN E 167 7.26 19.99 -50.02
N ASN E 168 6.60 20.69 -49.08
CA ASN E 168 5.52 20.15 -48.27
C ASN E 168 4.38 21.10 -48.57
N PRO E 169 3.26 20.59 -49.06
CA PRO E 169 2.80 19.21 -49.33
C PRO E 169 3.06 18.50 -50.66
N ASP E 170 3.09 19.26 -51.76
CA ASP E 170 3.20 18.67 -53.10
C ASP E 170 4.50 17.97 -53.52
N GLY E 171 5.52 17.96 -52.65
CA GLY E 171 6.82 17.37 -53.01
C GLY E 171 7.55 17.96 -54.22
N THR E 172 7.18 19.18 -54.63
CA THR E 172 7.81 19.83 -55.76
C THR E 172 9.21 20.32 -55.43
N ILE E 173 10.13 20.21 -56.37
CA ILE E 173 11.48 20.77 -56.20
C ILE E 173 11.31 22.27 -56.36
N ARG E 174 11.83 23.04 -55.42
CA ARG E 174 11.64 24.49 -55.48
C ARG E 174 12.89 25.36 -55.39
N GLU E 175 12.66 26.63 -55.72
CA GLU E 175 13.69 27.65 -55.72
C GLU E 175 12.97 28.92 -55.27
N THR E 176 13.72 30.00 -55.07
CA THR E 176 13.11 31.28 -54.70
C THR E 176 12.23 31.78 -55.84
N VAL E 177 11.02 32.21 -55.52
CA VAL E 177 10.11 32.72 -56.55
C VAL E 177 9.80 34.21 -56.45
N VAL E 178 10.67 34.98 -55.80
CA VAL E 178 10.41 36.42 -55.67
C VAL E 178 11.71 37.20 -55.70
N ALA E 186 16.43 41.30 -48.40
CA ALA E 186 15.95 40.06 -49.00
C ALA E 186 16.75 38.84 -48.55
N LYS E 187 16.11 37.99 -47.74
CA LYS E 187 16.74 36.80 -47.18
C LYS E 187 15.94 35.55 -47.52
N VAL E 188 16.61 34.42 -47.53
CA VAL E 188 15.97 33.16 -47.87
C VAL E 188 16.42 32.05 -46.94
N ILE E 189 15.51 31.12 -46.64
CA ILE E 189 15.80 29.95 -45.81
C ILE E 189 15.42 28.69 -46.56
N HIS E 190 16.38 27.82 -46.79
CA HIS E 190 16.14 26.60 -47.54
C HIS E 190 15.86 25.41 -46.63
N ASP E 191 14.65 24.85 -46.72
CA ASP E 191 14.24 23.75 -45.87
C ASP E 191 14.39 22.46 -46.68
N PHE E 192 15.47 21.74 -46.47
CA PHE E 192 15.71 20.50 -47.23
C PHE E 192 15.41 19.28 -46.39
N ALA E 193 14.24 19.29 -45.76
CA ALA E 193 13.82 18.22 -44.88
C ALA E 193 13.82 16.89 -45.60
N TYR E 194 13.42 16.90 -46.87
CA TYR E 194 13.28 15.66 -47.62
C TYR E 194 14.27 15.53 -48.77
N TYR E 195 15.24 16.42 -48.79
CA TYR E 195 16.23 16.38 -49.85
C TYR E 195 17.21 15.22 -49.65
N TRP E 196 16.71 14.00 -49.68
CA TRP E 196 17.61 12.84 -49.52
C TRP E 196 17.32 11.84 -50.60
N PRO E 197 18.30 10.96 -50.87
CA PRO E 197 18.27 9.94 -51.93
C PRO E 197 17.01 9.09 -52.02
N HIS E 198 16.36 8.80 -50.90
CA HIS E 198 15.19 7.93 -50.94
C HIS E 198 13.89 8.70 -51.22
N TYR E 199 13.97 10.03 -51.20
CA TYR E 199 12.78 10.86 -51.50
C TYR E 199 12.87 11.50 -52.88
N THR E 200 14.08 11.75 -53.34
CA THR E 200 14.25 12.40 -54.62
C THR E 200 15.72 12.26 -55.04
N PRO E 201 15.99 12.30 -56.36
CA PRO E 201 17.39 12.22 -56.83
C PRO E 201 18.23 13.47 -56.48
N ILE E 202 19.49 13.25 -56.10
CA ILE E 202 20.37 14.35 -55.72
C ILE E 202 20.97 14.98 -56.96
N THR E 203 20.29 15.98 -57.49
CA THR E 203 20.73 16.65 -58.70
C THR E 203 21.93 17.55 -58.46
N ARG E 204 22.03 18.10 -57.25
CA ARG E 204 23.13 19.01 -56.94
C ARG E 204 23.48 19.04 -55.46
N ARG E 205 24.69 19.52 -55.18
CA ARG E 205 25.23 19.66 -53.85
C ARG E 205 24.95 21.09 -53.40
N GLN E 206 23.77 21.25 -52.79
CA GLN E 206 23.28 22.54 -52.31
C GLN E 206 24.34 23.32 -51.57
N ASP E 207 24.33 24.61 -51.78
CA ASP E 207 25.30 25.44 -51.13
C ASP E 207 24.74 26.86 -50.93
N HIS E 208 23.61 26.96 -50.25
CA HIS E 208 22.98 28.28 -50.05
C HIS E 208 23.42 28.84 -48.71
N ASP E 209 22.80 29.94 -48.28
CA ASP E 209 23.21 30.60 -47.02
C ASP E 209 22.74 29.92 -45.74
N ILE E 210 21.48 29.52 -45.71
CA ILE E 210 20.89 28.87 -44.55
C ILE E 210 20.20 27.61 -45.02
N MET E 211 20.76 26.45 -44.68
CA MET E 211 20.18 25.18 -45.10
C MET E 211 19.69 24.39 -43.89
N LEU E 212 18.42 23.94 -43.91
CA LEU E 212 17.82 23.19 -42.79
C LEU E 212 17.66 21.70 -43.09
N PHE E 213 17.92 20.88 -42.08
CA PHE E 213 17.78 19.43 -42.25
C PHE E 213 17.22 18.85 -40.94
N THR E 214 16.34 17.87 -41.07
CA THR E 214 15.77 17.26 -39.87
C THR E 214 16.11 15.78 -39.83
N PHE E 215 16.53 15.31 -38.66
CA PHE E 215 16.86 13.88 -38.43
C PHE E 215 15.60 13.01 -38.54
N SER E 216 14.46 13.66 -38.34
CA SER E 216 13.15 13.03 -38.34
C SER E 216 12.75 12.31 -39.61
N1 LLP E 217 10.14 20.87 -42.14
C2 LLP E 217 9.27 20.30 -43.05
C2' LLP E 217 9.07 20.99 -44.38
C3 LLP E 217 8.60 19.06 -42.78
O3 LLP E 217 7.74 18.50 -43.70
C4 LLP E 217 8.82 18.42 -41.53
C4' LLP E 217 8.08 17.11 -41.21
C5 LLP E 217 9.71 19.07 -40.56
C6 LLP E 217 10.40 20.31 -40.95
C5' LLP E 217 9.98 18.41 -39.24
OP4 LLP E 217 10.95 19.07 -38.47
P LLP E 217 11.21 18.35 -37.09
OP1 LLP E 217 11.63 16.95 -37.26
OP2 LLP E 217 12.19 19.17 -36.40
OP3 LLP E 217 9.99 18.44 -36.25
N LLP E 217 12.82 13.05 -40.80
CA LLP E 217 12.41 12.55 -42.08
CB LLP E 217 12.02 13.74 -42.95
CG LLP E 217 10.98 14.61 -42.24
CD LLP E 217 9.74 13.80 -41.84
CE LLP E 217 8.79 14.58 -40.96
NZ LLP E 217 9.06 16.02 -41.13
C LLP E 217 13.48 11.69 -42.76
O LLP E 217 13.19 11.04 -43.75
N ILE E 218 14.77 11.70 -42.22
CA ILE E 218 15.81 10.91 -42.86
C ILE E 218 15.62 9.43 -42.49
N THR E 219 15.70 9.15 -41.17
CA THR E 219 15.59 7.79 -40.63
C THR E 219 14.24 7.50 -39.95
N GLY E 220 13.45 8.55 -39.72
CA GLY E 220 12.19 8.39 -39.04
C GLY E 220 12.26 8.54 -37.54
N HIS E 221 13.43 8.89 -37.00
CA HIS E 221 13.60 9.10 -35.58
C HIS E 221 13.13 10.52 -35.19
N ALA E 222 11.83 10.79 -35.40
CA ALA E 222 11.21 12.09 -35.07
C ALA E 222 11.26 12.44 -33.60
N GLY E 223 11.15 11.38 -32.79
CA GLY E 223 11.13 11.49 -31.35
C GLY E 223 12.42 12.01 -30.74
N SER E 224 13.48 11.98 -31.53
CA SER E 224 14.74 12.49 -31.04
C SER E 224 14.78 14.01 -30.98
N ARG E 225 13.88 14.68 -31.70
CA ARG E 225 13.85 16.14 -31.78
C ARG E 225 15.23 16.68 -32.11
N ILE E 226 15.79 16.23 -33.22
CA ILE E 226 17.12 16.67 -33.66
C ILE E 226 17.08 17.18 -35.08
N GLY E 227 17.65 18.37 -35.26
CA GLY E 227 17.70 19.05 -36.56
C GLY E 227 19.01 19.80 -36.62
N TRP E 228 19.44 20.19 -37.81
CA TRP E 228 20.65 21.00 -37.90
C TRP E 228 20.57 21.93 -39.05
N ALA E 229 21.29 23.04 -38.96
CA ALA E 229 21.30 24.05 -40.01
C ALA E 229 22.74 24.23 -40.49
N LEU E 230 22.88 24.65 -41.74
CA LEU E 230 24.17 24.98 -42.33
C LEU E 230 24.09 26.47 -42.63
N VAL E 231 24.87 27.27 -41.91
CA VAL E 231 24.83 28.73 -42.04
C VAL E 231 26.22 29.27 -42.38
N LYS E 232 26.26 30.09 -43.44
CA LYS E 232 27.49 30.68 -43.91
C LYS E 232 27.74 31.96 -43.11
N ASP E 233 26.76 32.87 -43.12
CA ASP E 233 26.93 34.13 -42.42
C ASP E 233 27.05 33.91 -40.93
N LYS E 234 28.22 34.20 -40.40
CA LYS E 234 28.49 33.98 -39.00
C LYS E 234 27.56 34.74 -38.08
N GLU E 235 27.32 36.01 -38.39
CA GLU E 235 26.45 36.86 -37.61
C GLU E 235 25.05 36.24 -37.45
N VAL E 236 24.55 35.63 -38.51
CA VAL E 236 23.25 34.96 -38.50
C VAL E 236 23.33 33.75 -37.58
N ALA E 237 24.34 32.90 -37.79
CA ALA E 237 24.50 31.70 -36.99
C ALA E 237 24.56 32.03 -35.50
N LYS E 238 25.24 33.14 -35.19
CA LYS E 238 25.44 33.64 -33.83
C LYS E 238 24.11 34.01 -33.18
N LYS E 239 23.25 34.68 -33.94
CA LYS E 239 21.95 35.09 -33.45
C LYS E 239 21.02 33.89 -33.33
N MET E 240 21.23 32.90 -34.19
CA MET E 240 20.45 31.68 -34.13
C MET E 240 20.79 30.91 -32.86
N VAL E 241 22.07 30.80 -32.53
CA VAL E 241 22.51 30.16 -31.29
C VAL E 241 21.91 30.96 -30.09
N GLU E 242 22.13 32.26 -30.04
CA GLU E 242 21.57 33.08 -28.98
C GLU E 242 20.09 32.87 -28.76
N TYR E 243 19.36 32.60 -29.83
CA TYR E 243 17.92 32.36 -29.78
C TYR E 243 17.61 31.04 -29.08
N ILE E 244 18.33 30.01 -29.44
CA ILE E 244 18.09 28.70 -28.87
C ILE E 244 18.48 28.69 -27.41
N ILE E 245 19.52 29.42 -27.04
CA ILE E 245 19.98 29.54 -25.64
C ILE E 245 18.87 30.10 -24.75
N VAL E 246 18.26 31.21 -25.16
CA VAL E 246 17.17 31.81 -24.40
C VAL E 246 15.90 30.97 -24.50
N ASN E 247 15.72 30.33 -25.63
CA ASN E 247 14.55 29.50 -25.87
C ASN E 247 14.54 28.16 -25.08
N SER E 248 15.72 27.59 -24.83
CA SER E 248 15.77 26.30 -24.15
C SER E 248 17.17 25.93 -23.73
N ILE E 249 18.06 26.91 -23.65
CA ILE E 249 19.44 26.69 -23.31
C ILE E 249 20.03 25.45 -23.98
N GLY E 250 19.87 25.35 -25.29
CA GLY E 250 20.45 24.24 -25.99
C GLY E 250 19.51 23.11 -26.34
N VAL E 251 20.10 21.97 -26.69
CA VAL E 251 19.37 20.82 -27.20
C VAL E 251 19.77 19.57 -26.40
N SER E 252 18.84 18.66 -26.18
CA SER E 252 19.10 17.44 -25.46
C SER E 252 20.40 16.78 -25.91
N LYS E 253 21.34 16.63 -24.98
CA LYS E 253 22.60 16.00 -25.28
C LYS E 253 22.38 14.58 -25.70
N GLU E 254 21.52 13.86 -25.00
CA GLU E 254 21.37 12.45 -25.32
C GLU E 254 20.84 12.24 -26.74
N SER E 255 19.88 13.08 -27.14
CA SER E 255 19.34 13.04 -28.50
C SER E 255 20.48 13.24 -29.47
N GLN E 256 21.35 14.21 -29.19
CA GLN E 256 22.47 14.48 -30.08
C GLN E 256 23.35 13.24 -30.20
N VAL E 257 23.71 12.69 -29.06
CA VAL E 257 24.52 11.48 -28.99
C VAL E 257 23.91 10.34 -29.78
N ARG E 258 22.65 10.03 -29.56
CA ARG E 258 22.02 8.95 -30.30
C ARG E 258 21.92 9.20 -31.81
N THR E 259 21.51 10.42 -32.18
CA THR E 259 21.42 10.80 -33.59
C THR E 259 22.76 10.49 -34.28
N ALA E 260 23.85 10.80 -33.58
CA ALA E 260 25.17 10.55 -34.12
C ALA E 260 25.42 9.06 -34.34
N LYS E 261 24.99 8.25 -33.37
CA LYS E 261 25.14 6.79 -33.49
C LYS E 261 24.36 6.26 -34.71
N ILE E 262 23.09 6.65 -34.79
CA ILE E 262 22.19 6.26 -35.87
C ILE E 262 22.74 6.68 -37.22
N LEU E 263 23.06 7.95 -37.35
CA LEU E 263 23.61 8.45 -38.59
C LEU E 263 24.90 7.73 -38.98
N ASN E 264 25.74 7.44 -38.00
CA ASN E 264 26.98 6.73 -38.29
C ASN E 264 26.72 5.35 -38.79
N VAL E 265 25.70 4.69 -38.24
CA VAL E 265 25.31 3.37 -38.69
C VAL E 265 24.72 3.49 -40.09
N LEU E 266 24.00 4.59 -40.32
CA LEU E 266 23.40 4.86 -41.61
C LEU E 266 24.48 4.95 -42.67
N LYS E 267 25.56 5.66 -42.34
CA LYS E 267 26.70 5.81 -43.25
C LYS E 267 27.35 4.47 -43.57
N GLU E 268 27.71 3.70 -42.56
CA GLU E 268 28.32 2.39 -42.76
C GLU E 268 27.41 1.54 -43.63
N THR E 269 26.15 1.91 -43.63
CA THR E 269 25.13 1.20 -44.36
C THR E 269 25.17 1.50 -45.87
N CYS E 270 25.64 2.70 -46.19
CA CYS E 270 25.65 3.15 -47.56
C CYS E 270 26.51 2.32 -48.47
N LYS E 271 27.64 1.84 -47.95
CA LYS E 271 28.50 1.02 -48.80
C LYS E 271 28.20 -0.45 -48.68
N SER E 272 26.91 -0.78 -48.70
CA SER E 272 26.49 -2.18 -48.62
C SER E 272 25.73 -2.46 -49.91
N GLU E 273 25.54 -3.75 -50.22
CA GLU E 273 24.81 -4.12 -51.42
C GLU E 273 23.68 -5.06 -51.10
N SER E 274 22.73 -4.61 -50.23
CA SER E 274 21.64 -5.51 -49.95
C SER E 274 20.56 -4.48 -49.84
N GLU E 275 19.38 -4.78 -50.35
CA GLU E 275 18.26 -3.86 -50.28
C GLU E 275 17.69 -3.78 -48.86
N SER E 276 18.08 -4.73 -48.01
CA SER E 276 17.61 -4.77 -46.62
C SER E 276 18.71 -4.24 -45.68
N GLU E 277 19.86 -3.88 -46.26
CA GLU E 277 20.99 -3.33 -45.53
C GLU E 277 21.12 -1.85 -45.84
N ASN E 278 21.45 -1.54 -47.10
CA ASN E 278 21.60 -0.17 -47.54
C ASN E 278 20.30 0.56 -47.32
N PHE E 279 20.29 1.47 -46.34
CA PHE E 279 19.10 2.24 -45.95
C PHE E 279 18.50 3.04 -47.09
N PHE E 280 19.33 3.79 -47.79
CA PHE E 280 18.82 4.62 -48.88
C PHE E 280 18.18 3.79 -49.98
N LYS E 281 18.71 2.60 -50.18
CA LYS E 281 18.16 1.70 -51.18
C LYS E 281 16.84 1.13 -50.67
N TYR E 282 16.80 0.79 -49.40
CA TYR E 282 15.62 0.27 -48.76
C TYR E 282 14.51 1.32 -48.79
N GLY E 283 14.82 2.52 -48.31
CA GLY E 283 13.80 3.56 -48.26
C GLY E 283 13.24 3.89 -49.63
N ARG E 284 14.10 3.92 -50.64
CA ARG E 284 13.68 4.26 -52.00
C ARG E 284 12.73 3.22 -52.59
N GLU E 285 13.10 1.95 -52.46
CA GLU E 285 12.27 0.87 -52.95
C GLU E 285 10.92 0.87 -52.23
N MET E 286 10.97 1.19 -50.93
CA MET E 286 9.75 1.25 -50.14
C MET E 286 8.87 2.36 -50.67
N MET E 287 9.44 3.55 -50.83
CA MET E 287 8.65 4.69 -51.30
C MET E 287 8.11 4.45 -52.70
N LYS E 288 8.96 3.87 -53.54
CA LYS E 288 8.61 3.52 -54.92
C LYS E 288 7.41 2.57 -55.00
N ASN E 289 7.47 1.48 -54.25
CA ASN E 289 6.35 0.53 -54.14
C ASN E 289 5.04 1.23 -53.72
N ARG E 290 5.09 1.98 -52.61
CA ARG E 290 3.92 2.67 -52.11
C ARG E 290 3.32 3.62 -53.12
N TRP E 291 4.17 4.37 -53.80
CA TRP E 291 3.67 5.31 -54.79
C TRP E 291 3.04 4.60 -56.01
N GLU E 292 3.55 3.43 -56.33
CA GLU E 292 3.02 2.68 -57.46
C GLU E 292 1.62 2.19 -57.16
N LYS E 293 1.44 1.59 -55.98
CA LYS E 293 0.15 1.10 -55.53
C LYS E 293 -0.86 2.23 -55.49
N LEU E 294 -0.46 3.35 -54.88
CA LEU E 294 -1.31 4.53 -54.85
C LEU E 294 -1.59 5.02 -56.27
N ARG E 295 -0.60 4.93 -57.14
CA ARG E 295 -0.75 5.34 -58.53
C ARG E 295 -1.82 4.50 -59.23
N GLU E 296 -1.77 3.19 -59.01
CA GLU E 296 -2.74 2.25 -59.55
C GLU E 296 -4.15 2.61 -59.14
N VAL E 297 -4.30 2.91 -57.86
CA VAL E 297 -5.60 3.26 -57.30
C VAL E 297 -6.14 4.52 -57.98
N VAL E 298 -5.38 5.59 -57.90
CA VAL E 298 -5.76 6.90 -58.46
C VAL E 298 -6.08 6.78 -59.95
N LYS E 299 -5.40 5.86 -60.62
CA LYS E 299 -5.61 5.61 -62.03
C LYS E 299 -7.08 5.30 -62.37
N GLU E 300 -7.59 4.17 -61.87
CA GLU E 300 -8.97 3.83 -62.18
C GLU E 300 -9.98 4.55 -61.30
N SER E 301 -9.54 5.62 -60.64
CA SER E 301 -10.46 6.46 -59.88
C SER E 301 -11.06 7.41 -60.87
N ASP E 302 -12.13 8.06 -60.45
CA ASP E 302 -12.79 9.03 -61.31
C ASP E 302 -12.32 10.44 -61.14
N ALA E 303 -12.36 10.90 -59.90
CA ALA E 303 -12.07 12.30 -59.65
C ALA E 303 -10.76 12.58 -58.94
N PHE E 304 -9.89 11.58 -58.77
CA PHE E 304 -8.65 11.80 -58.03
C PHE E 304 -7.44 12.08 -58.91
N THR E 305 -6.75 13.18 -58.56
CA THR E 305 -5.52 13.62 -59.25
C THR E 305 -4.31 13.49 -58.33
N LEU E 306 -3.13 13.45 -58.93
CA LEU E 306 -1.91 13.28 -58.17
C LEU E 306 -0.85 14.00 -58.95
N PRO E 307 0.05 14.72 -58.25
CA PRO E 307 1.15 15.45 -58.88
C PRO E 307 2.08 14.56 -59.67
N LYS E 308 2.75 15.16 -60.65
CA LYS E 308 3.65 14.42 -61.52
C LYS E 308 5.06 14.95 -61.26
N TYR E 309 6.04 14.04 -61.25
CA TYR E 309 7.41 14.44 -61.04
C TYR E 309 8.33 14.02 -62.19
N PRO E 310 9.14 14.97 -62.71
CA PRO E 310 10.06 14.69 -63.81
C PRO E 310 11.20 13.82 -63.32
N GLU E 311 11.63 12.89 -64.16
CA GLU E 311 12.75 12.01 -63.84
C GLU E 311 14.03 12.84 -63.90
N ALA E 312 14.98 12.57 -63.02
CA ALA E 312 16.22 13.33 -63.00
C ALA E 312 17.35 12.41 -62.62
N PHE E 313 18.57 12.83 -62.95
CA PHE E 313 19.77 12.03 -62.69
C PHE E 313 20.23 12.24 -61.25
N CYS E 314 20.36 11.15 -60.49
CA CYS E 314 20.80 11.24 -59.11
C CYS E 314 22.29 11.01 -58.99
N ASN E 315 22.99 12.02 -58.45
CA ASN E 315 24.44 11.93 -58.27
C ASN E 315 24.88 10.95 -57.18
N TYR E 316 23.93 10.46 -56.40
CA TYR E 316 24.25 9.48 -55.34
C TYR E 316 24.15 8.05 -55.86
N PHE E 317 23.01 7.77 -56.53
CA PHE E 317 22.80 6.45 -57.09
C PHE E 317 23.47 6.34 -58.45
N GLY E 318 23.70 7.49 -59.08
CA GLY E 318 24.35 7.49 -60.38
C GLY E 318 23.43 7.06 -61.50
N LYS E 319 22.14 6.99 -61.23
CA LYS E 319 21.19 6.64 -62.26
C LYS E 319 20.21 7.77 -62.39
N SER E 320 19.34 7.65 -63.38
CA SER E 320 18.33 8.65 -63.62
C SER E 320 17.08 8.01 -63.08
N LEU E 321 16.38 8.72 -62.20
CA LEU E 321 15.20 8.12 -61.61
C LEU E 321 14.16 9.13 -61.07
N GLU E 322 12.98 8.60 -60.76
CA GLU E 322 11.84 9.37 -60.29
C GLU E 322 11.94 9.73 -58.81
N SER E 323 11.16 10.72 -58.40
CA SER E 323 11.10 11.13 -57.02
C SER E 323 9.78 10.64 -56.41
N TYR E 324 9.85 10.15 -55.17
CA TYR E 324 8.72 9.57 -54.44
C TYR E 324 8.55 10.29 -53.12
N PRO E 325 7.91 11.46 -53.17
CA PRO E 325 7.69 12.31 -52.00
C PRO E 325 7.09 11.59 -50.79
N ALA E 326 7.34 12.13 -49.60
CA ALA E 326 6.88 11.52 -48.38
C ALA E 326 5.40 11.83 -48.18
N PHE E 327 4.88 12.73 -49.02
CA PHE E 327 3.48 13.11 -48.96
C PHE E 327 2.84 13.02 -50.36
N ALA E 328 1.55 12.69 -50.39
CA ALA E 328 0.78 12.62 -51.62
C ALA E 328 -0.22 13.78 -51.59
N TRP E 329 -0.03 14.75 -52.50
CA TRP E 329 -0.86 15.94 -52.57
C TRP E 329 -2.10 15.55 -53.33
N LEU E 330 -3.00 14.85 -52.64
CA LEU E 330 -4.22 14.32 -53.27
C LEU E 330 -5.18 15.42 -53.69
N GLY E 331 -5.57 15.42 -54.96
CA GLY E 331 -6.50 16.40 -55.46
C GLY E 331 -7.74 15.75 -56.04
N THR E 332 -8.71 16.58 -56.37
CA THR E 332 -9.96 16.10 -56.92
C THR E 332 -10.43 17.05 -58.02
N LYS E 333 -10.83 16.48 -59.15
CA LYS E 333 -11.35 17.25 -60.27
C LYS E 333 -12.70 17.87 -59.95
N GLU E 334 -13.52 17.10 -59.25
CA GLU E 334 -14.84 17.54 -58.85
C GLU E 334 -14.76 18.68 -57.84
N GLU E 335 -15.92 19.18 -57.46
CA GLU E 335 -16.02 20.22 -56.45
C GLU E 335 -16.44 19.53 -55.18
N THR E 336 -15.45 19.14 -54.40
CA THR E 336 -15.74 18.46 -53.13
C THR E 336 -14.85 18.92 -52.01
N ASP E 337 -15.41 19.02 -50.80
CA ASP E 337 -14.61 19.35 -49.65
C ASP E 337 -13.90 18.04 -49.41
N LEU E 338 -12.76 17.86 -50.07
CA LEU E 338 -12.01 16.61 -49.97
C LEU E 338 -11.62 16.18 -48.54
N VAL E 339 -11.15 17.14 -47.74
CA VAL E 339 -10.78 16.82 -46.37
C VAL E 339 -11.96 16.23 -45.60
N SER E 340 -13.15 16.78 -45.83
CA SER E 340 -14.37 16.30 -45.18
C SER E 340 -14.78 14.95 -45.74
N GLU E 341 -14.80 14.83 -47.06
CA GLU E 341 -15.21 13.60 -47.69
C GLU E 341 -14.31 12.44 -47.31
N LEU E 342 -13.05 12.73 -47.03
CA LEU E 342 -12.10 11.70 -46.59
C LEU E 342 -12.39 11.34 -45.13
N ARG E 343 -12.68 12.37 -44.34
CA ARG E 343 -13.01 12.17 -42.93
C ARG E 343 -14.24 11.30 -42.76
N ARG E 344 -15.18 11.46 -43.68
CA ARG E 344 -16.40 10.66 -43.70
C ARG E 344 -16.13 9.18 -43.91
N HIS E 345 -14.95 8.85 -44.43
CA HIS E 345 -14.58 7.46 -44.62
C HIS E 345 -13.56 7.09 -43.56
N LYS E 346 -13.48 7.96 -42.56
CA LYS E 346 -12.58 7.76 -41.43
C LYS E 346 -11.11 7.81 -41.81
N VAL E 347 -10.81 8.76 -42.69
CA VAL E 347 -9.45 9.01 -43.16
C VAL E 347 -9.13 10.46 -42.84
N MET E 348 -8.19 10.64 -41.92
CA MET E 348 -7.71 11.96 -41.51
C MET E 348 -6.61 12.42 -42.47
N SER E 349 -6.68 13.68 -42.87
CA SER E 349 -5.70 14.28 -43.78
C SER E 349 -5.61 15.79 -43.56
N ARG E 350 -4.54 16.40 -44.06
CA ARG E 350 -4.29 17.80 -43.88
C ARG E 350 -4.97 18.59 -44.99
N ALA E 351 -5.99 19.35 -44.60
CA ALA E 351 -6.78 20.17 -45.52
C ALA E 351 -5.86 21.09 -46.30
N GLY E 352 -5.90 20.98 -47.62
CA GLY E 352 -5.10 21.84 -48.48
C GLY E 352 -5.31 23.32 -48.18
N GLU E 353 -6.49 23.66 -47.65
CA GLU E 353 -6.81 25.02 -47.32
C GLU E 353 -5.80 25.56 -46.30
N ARG E 354 -5.26 24.65 -45.49
CA ARG E 354 -4.27 25.03 -44.48
C ARG E 354 -2.88 25.26 -45.10
N CYS E 355 -2.66 24.62 -46.23
CA CYS E 355 -1.41 24.74 -46.95
C CYS E 355 -1.47 25.87 -47.97
N GLY E 356 -2.53 26.69 -47.89
CA GLY E 356 -2.69 27.79 -48.82
C GLY E 356 -3.25 27.35 -50.16
N SER E 357 -4.17 26.38 -50.12
CA SER E 357 -4.83 25.88 -51.31
C SER E 357 -6.33 26.01 -51.19
N ASP E 358 -7.04 25.09 -51.85
CA ASP E 358 -8.51 25.05 -51.84
C ASP E 358 -9.05 23.72 -51.29
N LYS E 359 -10.37 23.65 -51.11
CA LYS E 359 -10.98 22.46 -50.52
C LYS E 359 -10.84 21.20 -51.36
N LYS E 360 -10.30 21.34 -52.56
CA LYS E 360 -10.15 20.20 -53.47
C LYS E 360 -8.86 19.42 -53.27
N HIS E 361 -7.97 19.96 -52.44
CA HIS E 361 -6.70 19.31 -52.16
C HIS E 361 -6.54 18.96 -50.67
N VAL E 362 -5.74 17.92 -50.43
CA VAL E 362 -5.43 17.47 -49.07
C VAL E 362 -4.03 16.86 -49.08
N ARG E 363 -3.42 16.78 -47.91
CA ARG E 363 -2.09 16.17 -47.80
C ARG E 363 -2.25 14.86 -47.07
N VAL E 364 -1.66 13.81 -47.62
CA VAL E 364 -1.74 12.52 -46.98
C VAL E 364 -0.33 11.94 -46.89
N SER E 365 0.11 11.67 -45.65
CA SER E 365 1.41 11.10 -45.36
C SER E 365 1.56 9.75 -46.04
N MET E 366 2.76 9.51 -46.57
CA MET E 366 3.10 8.25 -47.21
C MET E 366 4.07 7.46 -46.38
N LEU E 367 4.43 8.01 -45.22
CA LEU E 367 5.41 7.40 -44.31
C LEU E 367 4.76 6.71 -43.11
N SER E 368 3.49 6.41 -43.25
CA SER E 368 2.72 5.77 -42.21
C SER E 368 3.06 4.29 -42.10
N ARG E 369 2.48 3.60 -41.13
CA ARG E 369 2.75 2.21 -40.95
C ARG E 369 2.12 1.48 -42.13
N GLU E 370 2.66 0.31 -42.48
CA GLU E 370 2.19 -0.49 -43.62
C GLU E 370 0.67 -0.75 -43.62
N ASP E 371 0.15 -1.25 -42.50
CA ASP E 371 -1.28 -1.58 -42.38
C ASP E 371 -2.15 -0.38 -42.63
N VAL E 372 -1.75 0.72 -42.02
CA VAL E 372 -2.48 1.96 -42.15
C VAL E 372 -2.46 2.41 -43.62
N PHE E 373 -1.32 2.26 -44.27
CA PHE E 373 -1.24 2.61 -45.65
C PHE E 373 -2.20 1.76 -46.49
N ASN E 374 -2.04 0.43 -46.43
CA ASN E 374 -2.88 -0.48 -47.19
C ASN E 374 -4.35 -0.25 -46.97
N VAL E 375 -4.72 0.13 -45.74
CA VAL E 375 -6.11 0.37 -45.43
C VAL E 375 -6.54 1.65 -46.13
N PHE E 376 -5.64 2.62 -46.19
CA PHE E 376 -5.93 3.91 -46.81
C PHE E 376 -6.24 3.74 -48.30
N LEU E 377 -5.53 2.81 -48.93
CA LEU E 377 -5.73 2.52 -50.35
C LEU E 377 -7.11 1.89 -50.58
N GLU E 378 -7.49 0.94 -49.72
CA GLU E 378 -8.77 0.26 -49.85
C GLU E 378 -9.88 1.28 -49.80
N ARG E 379 -9.89 2.10 -48.76
CA ARG E 379 -10.94 3.09 -48.60
C ARG E 379 -10.91 4.16 -49.67
N LEU E 380 -9.73 4.45 -50.21
CA LEU E 380 -9.57 5.47 -51.22
C LEU E 380 -10.16 5.02 -52.57
N ALA E 381 -9.97 3.76 -52.91
CA ALA E 381 -10.42 3.26 -54.20
C ALA E 381 -11.89 2.91 -54.18
N ASN E 382 -12.49 2.89 -53.00
CA ASN E 382 -13.86 2.47 -52.92
C ASN E 382 -14.82 3.60 -52.65
N MET E 383 -14.29 4.82 -52.55
CA MET E 383 -15.13 5.97 -52.23
C MET E 383 -15.69 6.71 -53.46
N LYS E 384 -16.69 7.56 -53.22
CA LYS E 384 -17.37 8.29 -54.29
C LYS E 384 -17.51 9.78 -53.97
N LEU E 385 -17.51 10.62 -55.00
CA LEU E 385 -17.60 12.08 -54.80
C LEU E 385 -18.97 12.63 -55.24
N ILE E 386 -19.02 13.85 -55.80
CA ILE E 386 -20.33 14.40 -56.13
C ILE E 386 -20.37 15.70 -56.97
N LYS E 387 -19.20 16.36 -57.12
CA LYS E 387 -19.12 17.60 -57.88
C LYS E 387 -20.05 18.63 -57.25
N ILE F 18 51.19 22.99 -17.80
CA ILE F 18 49.82 23.16 -18.44
C ILE F 18 48.90 24.05 -17.52
N PRO F 19 49.01 25.38 -17.66
CA PRO F 19 49.01 26.67 -16.78
C PRO F 19 48.48 26.41 -15.33
N MET F 20 48.47 27.47 -14.53
CA MET F 20 47.22 28.22 -14.31
C MET F 20 47.39 29.53 -13.50
N SER F 21 46.41 30.01 -12.76
CA SER F 21 46.79 31.39 -12.34
C SER F 21 46.45 32.22 -13.67
N ASP F 22 46.53 31.57 -14.72
CA ASP F 22 46.16 32.08 -16.09
C ASP F 22 44.75 31.66 -16.41
N PHE F 23 44.14 31.06 -15.41
CA PHE F 23 42.75 30.71 -15.60
C PHE F 23 41.77 31.45 -14.88
N VAL F 24 40.72 31.62 -15.66
CA VAL F 24 39.58 32.34 -15.17
C VAL F 24 38.57 31.43 -14.54
N VAL F 25 38.15 31.83 -13.34
CA VAL F 25 37.14 31.12 -12.56
C VAL F 25 35.81 31.68 -13.00
N ASN F 26 35.06 30.89 -13.76
CA ASN F 26 33.78 31.33 -14.26
C ASN F 26 32.62 30.79 -13.44
N LEU F 27 32.09 31.64 -12.57
CA LEU F 27 30.97 31.29 -11.71
C LEU F 27 29.83 32.25 -11.97
N ASP F 28 29.73 32.67 -13.24
CA ASP F 28 28.68 33.55 -13.74
C ASP F 28 27.43 32.76 -14.11
N HIS F 29 27.61 31.51 -14.52
CA HIS F 29 26.50 30.67 -14.92
C HIS F 29 26.19 29.68 -13.78
N GLY F 30 25.08 28.95 -13.88
CA GLY F 30 24.77 27.94 -12.87
C GLY F 30 24.95 26.47 -13.29
N ASP F 31 26.01 26.17 -14.02
CA ASP F 31 26.28 24.82 -14.50
C ASP F 31 26.61 23.96 -13.26
N PRO F 32 25.67 23.08 -12.88
CA PRO F 32 25.81 22.20 -11.72
C PRO F 32 26.77 21.02 -11.90
N THR F 33 28.02 21.32 -12.26
CA THR F 33 29.02 20.30 -12.47
C THR F 33 29.57 19.74 -11.16
N ALA F 34 29.05 20.20 -10.04
CA ALA F 34 29.50 19.76 -8.75
C ALA F 34 29.08 18.34 -8.38
N TYR F 35 28.09 17.82 -9.12
CA TYR F 35 27.50 16.49 -8.91
C TYR F 35 28.06 15.42 -9.85
N GLU F 36 29.06 15.77 -10.64
CA GLU F 36 29.62 14.84 -11.59
C GLU F 36 30.36 13.68 -10.87
N GLU F 37 31.13 14.02 -9.83
CA GLU F 37 31.82 13.02 -9.00
C GLU F 37 30.88 11.95 -8.51
N TYR F 38 29.81 12.40 -7.85
CA TYR F 38 28.78 11.53 -7.32
C TYR F 38 28.26 10.53 -8.35
N TRP F 39 27.73 11.01 -9.46
CA TRP F 39 27.16 10.12 -10.44
C TRP F 39 28.18 9.25 -11.10
N ARG F 40 29.44 9.65 -11.01
CA ARG F 40 30.49 8.84 -11.57
C ARG F 40 30.81 7.62 -10.72
N LYS F 41 30.48 7.69 -9.43
CA LYS F 41 30.69 6.57 -8.53
C LYS F 41 29.51 5.60 -8.54
N MET F 42 28.29 6.12 -8.74
CA MET F 42 27.09 5.29 -8.78
C MET F 42 27.23 4.18 -9.80
N GLY F 43 28.08 4.39 -10.79
CA GLY F 43 28.35 3.39 -11.81
C GLY F 43 27.20 3.00 -12.72
N ASP F 44 27.34 1.81 -13.29
CA ASP F 44 26.40 1.25 -14.26
C ASP F 44 24.94 1.27 -13.84
N ARG F 45 24.67 1.49 -12.56
CA ARG F 45 23.28 1.52 -12.11
C ARG F 45 22.49 2.56 -12.86
N CYS F 46 23.17 3.63 -13.27
CA CYS F 46 22.53 4.74 -13.96
C CYS F 46 22.56 4.63 -15.48
N THR F 47 23.30 3.67 -16.01
CA THR F 47 23.41 3.55 -17.45
C THR F 47 22.06 3.37 -18.15
N VAL F 48 21.88 4.14 -19.23
CA VAL F 48 20.68 4.11 -20.04
C VAL F 48 21.00 3.46 -21.38
N THR F 49 20.17 2.51 -21.79
CA THR F 49 20.37 1.80 -23.04
C THR F 49 19.21 2.02 -23.97
N ILE F 50 19.47 2.53 -25.17
CA ILE F 50 18.38 2.79 -26.10
C ILE F 50 18.60 2.00 -27.38
N ARG F 51 17.58 1.27 -27.82
CA ARG F 51 17.65 0.45 -29.02
C ARG F 51 17.46 1.32 -30.26
N GLY F 52 17.91 0.82 -31.43
CA GLY F 52 17.79 1.58 -32.66
C GLY F 52 16.38 1.94 -33.11
N CYS F 53 15.39 1.18 -32.65
CA CYS F 53 13.99 1.39 -33.07
C CYS F 53 13.09 1.96 -31.99
N ASP F 54 13.70 2.46 -30.92
CA ASP F 54 12.95 3.04 -29.81
C ASP F 54 12.74 4.53 -29.95
N LEU F 55 11.64 5.01 -29.37
CA LEU F 55 11.31 6.43 -29.31
C LEU F 55 11.24 7.13 -30.65
N MET F 56 10.86 6.41 -31.69
CA MET F 56 10.83 6.97 -33.03
C MET F 56 9.71 7.94 -33.27
N SER F 57 8.49 7.56 -32.88
CA SER F 57 7.31 8.40 -33.06
C SER F 57 7.33 9.75 -32.35
N TYR F 58 6.57 10.67 -32.91
CA TYR F 58 6.44 11.98 -32.33
C TYR F 58 5.60 11.91 -31.08
N PHE F 59 4.73 10.90 -31.00
CA PHE F 59 3.79 10.76 -29.90
C PHE F 59 4.22 9.74 -28.83
N SER F 60 3.88 10.05 -27.58
CA SER F 60 4.18 9.13 -26.48
C SER F 60 2.87 8.46 -26.03
N ASP F 61 1.83 9.28 -25.83
CA ASP F 61 0.54 8.81 -25.34
C ASP F 61 -0.54 9.86 -25.65
N MET F 62 -1.32 9.62 -26.70
CA MET F 62 -2.40 10.52 -27.09
C MET F 62 -3.54 10.55 -26.08
N THR F 63 -3.42 9.73 -25.05
CA THR F 63 -4.43 9.61 -24.01
C THR F 63 -4.28 10.73 -22.99
N ASN F 64 -3.15 11.46 -23.09
CA ASN F 64 -2.81 12.53 -22.17
C ASN F 64 -2.88 13.89 -22.77
N LEU F 65 -3.17 14.87 -21.93
CA LEU F 65 -3.18 16.25 -22.35
C LEU F 65 -1.85 16.59 -23.05
N CYS F 66 -0.74 16.34 -22.35
CA CYS F 66 0.58 16.45 -22.94
C CYS F 66 0.93 15.09 -23.59
N TRP F 67 0.58 14.90 -24.86
CA TRP F 67 0.81 13.59 -25.51
C TRP F 67 2.25 13.22 -25.80
N PHE F 68 3.16 14.17 -25.56
CA PHE F 68 4.58 13.92 -25.80
C PHE F 68 5.36 13.68 -24.51
N LEU F 69 4.64 13.36 -23.45
CA LEU F 69 5.21 13.05 -22.12
C LEU F 69 5.36 11.55 -21.95
N GLU F 70 6.58 11.08 -21.87
CA GLU F 70 6.84 9.65 -21.70
C GLU F 70 6.35 9.18 -20.34
N PRO F 71 5.44 8.22 -20.35
CA PRO F 71 4.89 7.64 -19.12
C PRO F 71 5.99 7.37 -18.10
N GLU F 72 7.06 6.70 -18.33
CA GLU F 72 8.05 6.40 -17.32
C GLU F 72 8.52 7.67 -16.59
N LEU F 73 8.59 8.79 -17.32
CA LEU F 73 9.01 10.05 -16.71
C LEU F 73 7.94 10.59 -15.81
N GLU F 74 6.70 10.38 -16.21
CA GLU F 74 5.57 10.80 -15.41
C GLU F 74 5.58 10.15 -14.03
N ASP F 75 5.70 8.83 -14.00
CA ASP F 75 5.76 8.07 -12.75
C ASP F 75 6.95 8.50 -11.93
N ALA F 76 8.13 8.56 -12.55
CA ALA F 76 9.33 9.00 -11.86
C ALA F 76 9.15 10.35 -11.17
N ILE F 77 8.49 11.29 -11.85
CA ILE F 77 8.27 12.63 -11.31
C ILE F 77 7.31 12.56 -10.14
N LYS F 78 6.27 11.75 -10.28
CA LYS F 78 5.33 11.62 -9.19
C LYS F 78 5.89 10.88 -8.00
N ASP F 79 6.73 9.87 -8.27
CA ASP F 79 7.37 9.08 -7.19
C ASP F 79 8.38 9.91 -6.41
N LEU F 80 9.09 10.78 -7.12
CA LEU F 80 10.08 11.65 -6.50
C LEU F 80 9.42 12.64 -5.54
N HIS F 81 8.38 13.34 -6.02
CA HIS F 81 7.67 14.30 -5.20
C HIS F 81 7.01 13.57 -4.05
N GLY F 82 6.68 12.31 -4.25
CA GLY F 82 5.99 11.56 -3.22
C GLY F 82 6.92 11.32 -2.05
N VAL F 83 8.10 10.79 -2.33
CA VAL F 83 9.07 10.56 -1.28
C VAL F 83 9.58 11.87 -0.63
N VAL F 84 10.09 12.79 -1.42
CA VAL F 84 10.56 14.08 -0.91
C VAL F 84 9.44 14.88 -0.25
N GLY F 85 8.21 14.74 -0.73
CA GLY F 85 7.09 15.47 -0.16
C GLY F 85 7.19 16.97 -0.23
N ASN F 86 7.76 17.50 -1.33
CA ASN F 86 7.96 18.93 -1.57
C ASN F 86 6.94 19.56 -2.50
N ALA F 87 6.17 18.73 -3.18
CA ALA F 87 5.14 19.24 -4.08
C ALA F 87 3.97 18.28 -4.28
N ALA F 88 2.77 18.82 -4.43
CA ALA F 88 1.59 17.99 -4.64
C ALA F 88 1.48 17.69 -6.13
N THR F 89 1.16 16.44 -6.48
CA THR F 89 1.02 16.09 -7.88
C THR F 89 -0.35 15.55 -8.26
N GLU F 90 -1.26 15.40 -7.30
CA GLU F 90 -2.59 14.88 -7.58
C GLU F 90 -3.50 15.99 -8.09
N ASP F 91 -4.48 15.58 -8.92
CA ASP F 91 -5.48 16.51 -9.44
C ASP F 91 -4.90 17.66 -10.25
N ARG F 92 -3.89 17.35 -11.03
CA ARG F 92 -3.24 18.35 -11.87
C ARG F 92 -2.55 17.70 -13.06
N TYR F 93 -2.26 18.53 -14.06
CA TYR F 93 -1.59 18.10 -15.28
C TYR F 93 -0.07 18.31 -15.26
N ILE F 94 0.67 17.29 -15.68
CA ILE F 94 2.11 17.38 -15.74
C ILE F 94 2.49 17.67 -17.17
N VAL F 95 3.29 18.71 -17.36
CA VAL F 95 3.75 19.12 -18.67
C VAL F 95 5.27 19.14 -18.68
N VAL F 96 5.88 18.33 -19.55
CA VAL F 96 7.32 18.26 -19.68
C VAL F 96 7.79 19.21 -20.75
N GLY F 97 8.99 19.74 -20.62
CA GLY F 97 9.46 20.64 -21.65
C GLY F 97 10.96 20.69 -21.62
N THR F 98 11.57 21.04 -22.75
CA THR F 98 13.02 21.09 -22.82
C THR F 98 13.54 22.09 -21.79
N GLY F 99 13.72 21.56 -20.58
CA GLY F 99 14.11 22.36 -19.43
C GLY F 99 12.94 23.14 -18.87
N SER F 100 13.13 23.70 -17.69
CA SER F 100 12.15 24.58 -17.04
C SER F 100 12.05 25.88 -17.81
N THR F 101 13.18 26.31 -18.36
CA THR F 101 13.24 27.51 -19.16
C THR F 101 12.26 27.52 -20.34
N GLN F 102 11.81 26.35 -20.81
CA GLN F 102 10.87 26.32 -21.90
C GLN F 102 9.48 26.32 -21.32
N LEU F 103 9.31 25.59 -20.23
CA LEU F 103 8.02 25.52 -19.56
C LEU F 103 7.59 26.91 -19.07
N CYS F 104 8.53 27.69 -18.56
CA CYS F 104 8.25 29.03 -18.07
C CYS F 104 7.67 29.90 -19.18
N GLN F 105 8.36 29.90 -20.30
CA GLN F 105 7.95 30.65 -21.49
C GLN F 105 6.63 30.17 -22.01
N ALA F 106 6.37 28.86 -21.85
CA ALA F 106 5.12 28.26 -22.23
C ALA F 106 3.98 28.76 -21.36
N ALA F 107 4.23 28.81 -20.04
CA ALA F 107 3.23 29.24 -19.09
C ALA F 107 2.90 30.69 -19.35
N VAL F 108 3.91 31.55 -19.39
CA VAL F 108 3.71 32.97 -19.62
C VAL F 108 2.91 33.16 -20.88
N HIS F 109 3.18 32.32 -21.88
CA HIS F 109 2.49 32.38 -23.16
C HIS F 109 1.02 31.98 -23.02
N ALA F 110 0.82 30.85 -22.36
CA ALA F 110 -0.52 30.33 -22.09
C ALA F 110 -1.38 31.33 -21.32
N LEU F 111 -0.88 31.83 -20.19
CA LEU F 111 -1.66 32.75 -19.36
C LEU F 111 -2.01 34.00 -20.16
N SER F 112 -1.02 34.63 -20.75
CA SER F 112 -1.23 35.82 -21.58
C SER F 112 -2.19 35.57 -22.75
N SER F 113 -2.21 34.34 -23.21
CA SER F 113 -3.11 33.91 -24.27
C SER F 113 -4.54 33.73 -23.77
N LEU F 114 -4.72 33.70 -22.45
CA LEU F 114 -6.05 33.50 -21.86
C LEU F 114 -6.48 34.76 -21.14
N ALA F 115 -5.59 35.73 -21.08
CA ALA F 115 -5.89 37.02 -20.43
C ALA F 115 -6.96 37.78 -21.23
N ARG F 116 -7.74 38.62 -20.53
CA ARG F 116 -8.83 39.35 -21.17
C ARG F 116 -8.33 40.48 -22.05
N SER F 117 -7.06 40.83 -21.91
CA SER F 117 -6.46 41.91 -22.69
C SER F 117 -4.96 41.71 -22.68
N GLN F 118 -4.30 42.31 -23.67
CA GLN F 118 -2.86 42.23 -23.82
C GLN F 118 -2.32 43.63 -24.11
N PRO F 119 -1.04 43.87 -23.82
CA PRO F 119 -0.07 42.94 -23.23
C PRO F 119 -0.24 42.76 -21.73
N VAL F 120 -0.01 41.54 -21.28
CA VAL F 120 -0.07 41.20 -19.86
C VAL F 120 1.24 41.62 -19.23
N SER F 121 1.18 42.18 -18.03
CA SER F 121 2.39 42.62 -17.34
C SER F 121 3.08 41.44 -16.65
N VAL F 122 4.38 41.32 -16.87
CA VAL F 122 5.12 40.26 -16.21
C VAL F 122 6.04 40.96 -15.23
N VAL F 123 6.04 40.50 -13.97
CA VAL F 123 6.92 41.09 -12.98
C VAL F 123 7.58 40.05 -12.08
N ALA F 124 8.60 40.47 -11.35
CA ALA F 124 9.29 39.63 -10.39
C ALA F 124 9.97 40.51 -9.34
N ALA F 125 9.77 40.18 -8.06
CA ALA F 125 10.39 40.90 -6.96
C ALA F 125 11.92 40.90 -7.08
N ALA F 126 12.52 42.08 -7.09
CA ALA F 126 13.97 42.19 -7.20
C ALA F 126 14.62 41.93 -5.84
N PRO F 127 15.82 41.32 -5.84
CA PRO F 127 16.53 40.83 -7.03
C PRO F 127 15.89 39.56 -7.63
N PHE F 128 15.73 39.56 -8.95
CA PHE F 128 15.14 38.46 -9.66
C PHE F 128 16.13 37.72 -10.55
N TYR F 129 15.67 36.60 -11.07
CA TYR F 129 16.44 35.76 -11.97
C TYR F 129 16.56 36.48 -13.30
N SER F 130 17.75 37.04 -13.52
CA SER F 130 18.09 37.82 -14.71
C SER F 130 17.55 37.24 -16.01
N THR F 131 17.71 35.93 -16.18
CA THR F 131 17.27 35.25 -17.39
C THR F 131 15.80 35.53 -17.66
N TYR F 132 15.01 35.85 -16.62
CA TYR F 132 13.58 36.13 -16.81
C TYR F 132 13.36 37.25 -17.80
N VAL F 133 14.18 38.28 -17.69
CA VAL F 133 14.09 39.46 -18.55
C VAL F 133 14.12 39.11 -20.02
N GLU F 134 15.21 38.52 -20.49
CA GLU F 134 15.31 38.15 -21.89
C GLU F 134 14.18 37.25 -22.35
N GLU F 135 13.86 36.22 -21.58
CA GLU F 135 12.77 35.31 -21.94
C GLU F 135 11.47 36.02 -22.25
N THR F 136 11.26 37.16 -21.62
CA THR F 136 10.04 37.92 -21.77
C THR F 136 10.31 39.15 -22.61
N THR F 137 11.27 39.04 -23.52
CA THR F 137 11.57 40.20 -24.35
C THR F 137 12.17 39.87 -25.71
N TYR F 138 12.99 38.83 -25.78
CA TYR F 138 13.74 38.53 -26.99
C TYR F 138 12.96 38.28 -28.29
N VAL F 139 11.64 38.13 -28.20
CA VAL F 139 10.84 37.93 -29.41
C VAL F 139 9.92 39.11 -29.72
N ARG F 140 9.91 40.10 -28.84
CA ARG F 140 9.03 41.26 -29.01
C ARG F 140 7.58 40.90 -29.22
N SER F 141 6.99 40.27 -28.21
CA SER F 141 5.62 39.81 -28.28
C SER F 141 4.70 40.85 -27.63
N GLY F 142 3.55 41.09 -28.27
CA GLY F 142 2.57 42.03 -27.74
C GLY F 142 1.69 41.37 -26.71
N MET F 143 1.86 40.06 -26.53
CA MET F 143 1.05 39.29 -25.56
C MET F 143 1.42 39.61 -24.13
N TYR F 144 2.68 40.02 -23.92
CA TYR F 144 3.15 40.31 -22.58
C TYR F 144 4.29 41.32 -22.61
N LYS F 145 4.57 41.93 -21.45
CA LYS F 145 5.62 42.93 -21.38
C LYS F 145 6.26 42.95 -20.01
N TRP F 146 7.58 42.76 -19.99
CA TRP F 146 8.34 42.74 -18.76
C TRP F 146 8.29 44.11 -18.09
N GLU F 147 7.68 44.15 -16.90
CA GLU F 147 7.52 45.40 -16.14
C GLU F 147 8.57 45.60 -15.04
N GLY F 148 9.31 44.54 -14.72
CA GLY F 148 10.37 44.67 -13.74
C GLY F 148 9.97 44.31 -12.33
N ASP F 149 10.62 44.96 -11.38
CA ASP F 149 10.39 44.75 -9.96
C ASP F 149 8.90 44.60 -9.63
N ALA F 150 8.57 43.59 -8.85
CA ALA F 150 7.20 43.36 -8.46
C ALA F 150 6.80 44.31 -7.35
N TRP F 151 7.74 44.66 -6.49
CA TRP F 151 7.47 45.54 -5.36
C TRP F 151 6.86 46.86 -5.77
N GLY F 152 7.53 47.58 -6.64
CA GLY F 152 6.98 48.85 -7.07
C GLY F 152 6.06 48.70 -8.26
N PHE F 153 5.16 47.72 -8.23
CA PHE F 153 4.26 47.53 -9.35
C PHE F 153 2.81 47.85 -8.97
N ASP F 154 2.26 48.85 -9.63
CA ASP F 154 0.88 49.24 -9.38
C ASP F 154 0.15 49.46 -10.69
N LYS F 155 0.80 49.12 -11.80
CA LYS F 155 0.15 49.21 -13.08
C LYS F 155 -1.09 48.37 -13.04
N LYS F 156 -2.02 48.70 -13.91
CA LYS F 156 -3.35 48.16 -13.85
C LYS F 156 -3.60 47.18 -14.99
N GLY F 157 -4.52 46.27 -14.79
CA GLY F 157 -4.80 45.31 -15.83
C GLY F 157 -4.24 43.96 -15.50
N PRO F 158 -4.33 43.02 -16.45
CA PRO F 158 -3.87 41.66 -16.26
C PRO F 158 -2.37 41.62 -16.03
N TYR F 159 -1.92 40.79 -15.11
CA TYR F 159 -0.49 40.64 -14.86
C TYR F 159 -0.09 39.23 -14.44
N ILE F 160 1.20 38.97 -14.52
CA ILE F 160 1.76 37.68 -14.12
C ILE F 160 2.92 37.97 -13.16
N GLU F 161 2.91 37.30 -12.01
CA GLU F 161 3.98 37.49 -11.07
C GLU F 161 4.81 36.21 -11.03
N LEU F 162 6.12 36.38 -11.10
CA LEU F 162 7.04 35.28 -11.08
C LEU F 162 7.57 35.14 -9.70
N VAL F 163 7.40 33.96 -9.11
CA VAL F 163 7.92 33.71 -7.74
C VAL F 163 8.93 32.57 -7.77
N THR F 164 10.20 32.90 -7.55
CA THR F 164 11.27 31.91 -7.54
C THR F 164 11.60 31.59 -6.10
N SER F 165 11.46 30.33 -5.70
CA SER F 165 11.76 29.99 -4.30
C SER F 165 12.31 28.56 -4.17
N PRO F 166 13.56 28.40 -3.67
CA PRO F 166 14.52 29.47 -3.28
C PRO F 166 14.80 30.39 -4.45
N ASN F 167 14.89 31.70 -4.19
CA ASN F 167 15.11 32.69 -5.24
C ASN F 167 16.50 32.70 -5.85
N ASN F 168 16.56 33.05 -7.13
CA ASN F 168 17.81 33.22 -7.85
C ASN F 168 17.78 34.71 -8.08
N PRO F 169 18.84 35.45 -7.69
CA PRO F 169 20.10 35.05 -7.12
C PRO F 169 20.29 34.92 -5.60
N ASP F 170 19.47 35.60 -4.79
CA ASP F 170 19.72 35.59 -3.33
C ASP F 170 19.37 34.37 -2.53
N GLY F 171 18.71 33.38 -3.13
CA GLY F 171 18.32 32.19 -2.39
C GLY F 171 17.26 32.38 -1.29
N THR F 172 16.51 33.47 -1.36
CA THR F 172 15.49 33.76 -0.37
C THR F 172 14.21 33.00 -0.61
N ILE F 173 13.61 32.45 0.44
CA ILE F 173 12.34 31.78 0.29
C ILE F 173 11.35 32.88 0.02
N ARG F 174 10.57 32.74 -1.05
CA ARG F 174 9.66 33.83 -1.46
C ARG F 174 8.20 33.49 -1.61
N GLU F 175 7.40 34.54 -1.63
CA GLU F 175 5.96 34.46 -1.77
C GLU F 175 5.58 35.57 -2.74
N THR F 176 4.34 35.57 -3.21
CA THR F 176 3.86 36.64 -4.08
C THR F 176 3.93 37.97 -3.34
N VAL F 177 4.16 39.07 -4.06
CA VAL F 177 4.27 40.37 -3.39
C VAL F 177 3.45 41.48 -4.04
N VAL F 178 2.57 41.09 -4.95
CA VAL F 178 1.73 42.09 -5.61
C VAL F 178 0.34 41.59 -6.11
N ALA F 186 -3.20 39.05 -12.30
CA ALA F 186 -3.86 38.20 -11.34
C ALA F 186 -3.40 36.73 -11.45
N LYS F 187 -2.33 36.45 -12.20
CA LYS F 187 -1.78 35.09 -12.30
C LYS F 187 -0.37 35.00 -11.71
N VAL F 188 0.01 33.79 -11.31
CA VAL F 188 1.31 33.56 -10.67
C VAL F 188 1.94 32.25 -11.12
N ILE F 189 3.26 32.30 -11.33
CA ILE F 189 4.02 31.11 -11.71
C ILE F 189 5.08 30.89 -10.65
N HIS F 190 5.05 29.74 -9.97
CA HIS F 190 6.08 29.44 -8.97
C HIS F 190 7.23 28.64 -9.57
N ASP F 191 8.44 29.13 -9.37
CA ASP F 191 9.65 28.49 -9.89
C ASP F 191 10.34 27.82 -8.70
N PHE F 192 10.19 26.51 -8.58
CA PHE F 192 10.80 25.81 -7.46
C PHE F 192 12.01 24.99 -7.88
N ALA F 193 12.81 25.56 -8.75
CA ALA F 193 13.97 24.89 -9.30
C ALA F 193 14.90 24.40 -8.20
N TYR F 194 14.94 25.12 -7.09
CA TYR F 194 15.88 24.78 -6.03
C TYR F 194 15.16 24.32 -4.79
N TYR F 195 13.86 24.08 -4.90
CA TYR F 195 13.13 23.65 -3.72
C TYR F 195 13.31 22.15 -3.47
N TRP F 196 14.56 21.76 -3.15
CA TRP F 196 14.90 20.35 -2.86
C TRP F 196 15.73 20.26 -1.60
N PRO F 197 15.62 19.14 -0.87
CA PRO F 197 16.25 18.91 0.45
C PRO F 197 17.74 19.22 0.55
N HIS F 198 18.47 19.16 -0.56
CA HIS F 198 19.89 19.46 -0.46
C HIS F 198 20.23 20.96 -0.52
N TYR F 199 19.21 21.78 -0.77
CA TYR F 199 19.42 23.22 -0.87
C TYR F 199 18.74 23.95 0.27
N THR F 200 17.59 23.47 0.68
CA THR F 200 16.81 24.15 1.68
C THR F 200 15.85 23.14 2.29
N PRO F 201 15.45 23.37 3.54
CA PRO F 201 14.55 22.43 4.16
C PRO F 201 13.12 22.50 3.58
N ILE F 202 12.47 21.34 3.51
CA ILE F 202 11.12 21.25 3.00
C ILE F 202 10.12 21.54 4.11
N THR F 203 9.78 22.84 4.26
CA THR F 203 8.89 23.29 5.28
C THR F 203 7.44 22.95 4.97
N ARG F 204 7.11 22.76 3.69
CA ARG F 204 5.75 22.44 3.31
C ARG F 204 5.68 21.80 1.94
N ARG F 205 4.60 21.04 1.71
CA ARG F 205 4.33 20.40 0.43
C ARG F 205 3.58 21.40 -0.43
N GLN F 206 4.32 22.07 -1.31
CA GLN F 206 3.76 23.10 -2.18
C GLN F 206 2.57 22.63 -3.04
N ASP F 207 1.59 23.52 -3.15
CA ASP F 207 0.39 23.20 -3.90
C ASP F 207 -0.22 24.49 -4.44
N HIS F 208 0.40 25.02 -5.47
CA HIS F 208 -0.09 26.22 -6.15
C HIS F 208 -0.63 25.82 -7.52
N ASP F 209 -0.97 26.80 -8.35
CA ASP F 209 -1.58 26.50 -9.64
C ASP F 209 -0.60 26.09 -10.72
N ILE F 210 0.56 26.74 -10.73
CA ILE F 210 1.61 26.44 -11.73
C ILE F 210 2.96 26.29 -11.04
N MET F 211 3.45 25.07 -10.97
CA MET F 211 4.70 24.81 -10.29
C MET F 211 5.74 24.26 -11.25
N LEU F 212 6.86 24.97 -11.35
CA LEU F 212 7.97 24.60 -12.22
C LEU F 212 9.13 23.87 -11.51
N PHE F 213 9.63 22.82 -12.14
CA PHE F 213 10.76 22.09 -11.59
C PHE F 213 11.73 21.75 -12.71
N THR F 214 13.02 21.70 -12.40
CA THR F 214 14.04 21.37 -13.40
C THR F 214 14.98 20.24 -12.99
N PHE F 215 15.09 19.23 -13.83
CA PHE F 215 16.02 18.13 -13.59
C PHE F 215 17.47 18.60 -13.39
N SER F 216 17.82 19.70 -14.06
CA SER F 216 19.15 20.30 -14.04
C SER F 216 19.72 20.57 -12.67
N1 LLP F 217 15.06 28.46 -13.11
C2 LLP F 217 15.94 29.00 -12.22
C2' LLP F 217 15.45 29.94 -11.12
C3 LLP F 217 17.32 28.67 -12.32
O3 LLP F 217 18.25 29.19 -11.46
C4 LLP F 217 17.74 27.77 -13.35
C4' LLP F 217 19.22 27.40 -13.48
C5 LLP F 217 16.76 27.26 -14.31
C6 LLP F 217 15.37 27.62 -14.10
C5' LLP F 217 17.18 26.18 -15.30
OP4 LLP F 217 16.10 25.77 -16.11
P LLP F 217 16.53 24.68 -17.17
OP1 LLP F 217 17.21 23.48 -16.62
OP2 LLP F 217 15.33 24.34 -17.90
OP3 LLP F 217 17.42 25.28 -18.19
N LLP F 217 18.95 21.20 -11.74
CA LLP F 217 19.45 21.66 -10.44
CB LLP F 217 18.74 22.96 -10.09
CG LLP F 217 18.93 24.04 -11.16
CD LLP F 217 20.40 24.45 -11.31
CE LLP F 217 20.62 25.42 -12.49
NZ LLP F 217 19.38 26.14 -12.71
C LLP F 217 19.26 20.64 -9.36
O LLP F 217 19.66 20.77 -8.22
N ILE F 218 18.61 19.49 -9.69
CA ILE F 218 18.42 18.37 -8.78
C ILE F 218 19.72 17.52 -8.82
N THR F 219 19.96 16.84 -9.93
CA THR F 219 21.10 15.93 -10.02
C THR F 219 22.30 16.47 -10.76
N GLY F 220 22.11 17.64 -11.38
CA GLY F 220 23.16 18.27 -12.15
C GLY F 220 23.16 17.89 -13.61
N HIS F 221 22.14 17.17 -14.05
CA HIS F 221 22.06 16.73 -15.44
C HIS F 221 21.41 17.82 -16.29
N ALA F 222 22.06 18.98 -16.37
CA ALA F 222 21.60 20.11 -17.15
C ALA F 222 21.56 19.83 -18.65
N GLY F 223 22.54 19.05 -19.14
CA GLY F 223 22.63 18.69 -20.54
C GLY F 223 21.44 17.91 -21.05
N SER F 224 20.64 17.39 -20.13
CA SER F 224 19.48 16.61 -20.53
C SER F 224 18.36 17.52 -21.06
N ARG F 225 18.34 18.77 -20.59
CA ARG F 225 17.32 19.74 -21.00
C ARG F 225 15.95 19.22 -20.63
N ILE F 226 15.75 18.91 -19.34
CA ILE F 226 14.46 18.36 -18.90
C ILE F 226 13.82 19.05 -17.69
N GLY F 227 12.62 19.59 -17.89
CA GLY F 227 11.93 20.26 -16.78
C GLY F 227 10.49 19.86 -16.81
N TRP F 228 9.80 19.96 -15.69
CA TRP F 228 8.37 19.66 -15.73
C TRP F 228 7.57 20.70 -14.96
N ALA F 229 6.30 20.76 -15.27
CA ALA F 229 5.39 21.75 -14.67
C ALA F 229 4.16 21.06 -14.08
N LEU F 230 3.74 21.53 -12.92
CA LEU F 230 2.53 21.02 -12.26
C LEU F 230 1.47 22.08 -12.46
N VAL F 231 0.45 21.76 -13.23
CA VAL F 231 -0.61 22.73 -13.52
C VAL F 231 -2.01 22.23 -13.15
N LYS F 232 -2.72 23.05 -12.40
CA LYS F 232 -4.09 22.71 -12.00
C LYS F 232 -5.07 23.04 -13.12
N ASP F 233 -5.07 24.28 -13.55
CA ASP F 233 -6.00 24.68 -14.57
C ASP F 233 -5.75 23.94 -15.88
N LYS F 234 -6.75 23.21 -16.33
CA LYS F 234 -6.65 22.42 -17.54
C LYS F 234 -6.46 23.26 -18.80
N GLU F 235 -7.10 24.43 -18.81
CA GLU F 235 -7.01 25.32 -19.95
C GLU F 235 -5.56 25.79 -20.14
N VAL F 236 -4.90 26.15 -19.04
CA VAL F 236 -3.52 26.62 -19.05
C VAL F 236 -2.60 25.48 -19.52
N ALA F 237 -2.81 24.29 -18.98
CA ALA F 237 -2.00 23.13 -19.35
C ALA F 237 -2.09 22.95 -20.86
N LYS F 238 -3.31 22.85 -21.36
CA LYS F 238 -3.52 22.71 -22.79
C LYS F 238 -2.76 23.79 -23.57
N LYS F 239 -2.94 25.05 -23.20
CA LYS F 239 -2.25 26.12 -23.90
C LYS F 239 -0.74 25.99 -23.83
N MET F 240 -0.26 25.29 -22.80
CA MET F 240 1.17 25.08 -22.61
C MET F 240 1.64 24.03 -23.58
N VAL F 241 0.86 22.96 -23.69
CA VAL F 241 1.18 21.88 -24.61
C VAL F 241 1.24 22.42 -26.06
N GLU F 242 0.27 23.26 -26.41
CA GLU F 242 0.19 23.84 -27.74
C GLU F 242 1.41 24.72 -28.03
N TYR F 243 1.81 25.52 -27.06
CA TYR F 243 2.98 26.34 -27.24
C TYR F 243 4.23 25.48 -27.53
N ILE F 244 4.43 24.42 -26.73
CA ILE F 244 5.58 23.53 -26.93
C ILE F 244 5.46 22.76 -28.23
N ILE F 245 4.23 22.44 -28.65
CA ILE F 245 4.06 21.72 -29.90
C ILE F 245 4.60 22.53 -31.08
N VAL F 246 4.24 23.81 -31.12
CA VAL F 246 4.64 24.74 -32.19
C VAL F 246 6.13 25.12 -32.04
N ASN F 247 6.52 25.34 -30.81
CA ASN F 247 7.87 25.78 -30.49
C ASN F 247 8.94 24.72 -30.83
N SER F 248 8.62 23.43 -30.71
CA SER F 248 9.60 22.36 -30.95
C SER F 248 8.96 20.99 -31.10
N ILE F 249 7.63 20.94 -31.25
CA ILE F 249 6.90 19.70 -31.37
C ILE F 249 7.34 18.72 -30.29
N GLY F 250 7.34 19.15 -29.04
CA GLY F 250 7.70 18.23 -27.99
C GLY F 250 9.10 18.30 -27.41
N VAL F 251 9.44 17.28 -26.64
CA VAL F 251 10.70 17.22 -25.91
C VAL F 251 11.39 15.90 -26.23
N SER F 252 12.70 15.96 -26.31
CA SER F 252 13.52 14.80 -26.59
C SER F 252 13.07 13.52 -25.84
N LYS F 253 12.68 12.48 -26.57
CA LYS F 253 12.30 11.21 -25.93
C LYS F 253 13.45 10.60 -25.12
N GLU F 254 14.63 10.49 -25.71
CA GLU F 254 15.73 9.87 -25.00
C GLU F 254 16.16 10.66 -23.78
N SER F 255 15.75 11.93 -23.71
CA SER F 255 16.04 12.77 -22.56
C SER F 255 15.11 12.37 -21.41
N GLN F 256 13.82 12.22 -21.73
CA GLN F 256 12.79 11.84 -20.75
C GLN F 256 13.08 10.45 -20.17
N VAL F 257 13.44 9.53 -21.05
CA VAL F 257 13.77 8.17 -20.64
C VAL F 257 14.98 8.15 -19.72
N ARG F 258 16.00 8.95 -20.02
CA ARG F 258 17.17 9.00 -19.16
C ARG F 258 16.87 9.71 -17.84
N THR F 259 16.17 10.85 -17.90
CA THR F 259 15.79 11.55 -16.70
C THR F 259 15.05 10.60 -15.74
N ALA F 260 14.15 9.78 -16.26
CA ALA F 260 13.42 8.81 -15.43
C ALA F 260 14.38 7.81 -14.77
N LYS F 261 15.23 7.18 -15.56
CA LYS F 261 16.20 6.20 -15.06
C LYS F 261 17.01 6.76 -13.89
N ILE F 262 17.29 8.05 -13.96
CA ILE F 262 18.15 8.68 -12.96
C ILE F 262 17.35 9.11 -11.75
N LEU F 263 16.16 9.65 -12.01
CA LEU F 263 15.26 10.03 -10.93
C LEU F 263 14.83 8.81 -10.15
N ASN F 264 14.85 7.64 -10.78
CA ASN F 264 14.48 6.40 -10.08
C ASN F 264 15.62 5.95 -9.21
N VAL F 265 16.82 5.95 -9.76
CA VAL F 265 17.99 5.58 -8.97
C VAL F 265 18.12 6.51 -7.78
N LEU F 266 17.77 7.78 -7.99
CA LEU F 266 17.83 8.77 -6.93
C LEU F 266 16.89 8.37 -5.81
N LYS F 267 15.71 7.91 -6.20
CA LYS F 267 14.68 7.53 -5.26
C LYS F 267 15.12 6.32 -4.45
N GLU F 268 15.75 5.34 -5.11
CA GLU F 268 16.22 4.14 -4.41
C GLU F 268 17.29 4.55 -3.44
N THR F 269 17.97 5.64 -3.79
CA THR F 269 19.06 6.16 -2.99
C THR F 269 18.57 6.76 -1.67
N CYS F 270 17.38 7.36 -1.71
CA CYS F 270 16.83 8.03 -0.54
C CYS F 270 16.64 7.18 0.71
N LYS F 271 16.51 5.87 0.53
CA LYS F 271 16.33 4.97 1.66
C LYS F 271 17.65 4.35 2.08
N SER F 272 18.75 5.02 1.74
CA SER F 272 20.09 4.55 2.09
C SER F 272 20.59 5.35 3.30
N GLU F 273 21.37 4.71 4.16
CA GLU F 273 21.92 5.39 5.35
C GLU F 273 23.30 5.98 5.11
N SER F 274 24.03 5.42 4.15
CA SER F 274 25.36 5.90 3.84
C SER F 274 25.23 7.39 3.52
N GLU F 275 26.33 8.14 3.61
CA GLU F 275 26.24 9.57 3.30
C GLU F 275 26.76 9.87 1.92
N SER F 276 27.38 8.87 1.32
CA SER F 276 27.88 8.95 -0.04
C SER F 276 26.88 8.22 -0.93
N GLU F 277 25.86 7.60 -0.30
CA GLU F 277 24.82 6.86 -1.01
C GLU F 277 23.60 7.72 -1.22
N ASN F 278 23.00 8.15 -0.11
CA ASN F 278 21.81 8.99 -0.18
C ASN F 278 22.15 10.32 -0.82
N PHE F 279 21.68 10.54 -2.05
CA PHE F 279 22.06 11.69 -2.81
C PHE F 279 21.73 13.00 -2.11
N PHE F 280 20.51 13.11 -1.60
CA PHE F 280 20.12 14.32 -0.91
C PHE F 280 20.95 14.62 0.30
N LYS F 281 21.48 13.58 0.96
CA LYS F 281 22.34 13.73 2.14
C LYS F 281 23.73 14.15 1.67
N TYR F 282 24.23 13.49 0.64
CA TYR F 282 25.53 13.80 0.04
C TYR F 282 25.57 15.24 -0.48
N GLY F 283 24.58 15.59 -1.29
CA GLY F 283 24.48 16.94 -1.82
C GLY F 283 24.39 17.99 -0.74
N ARG F 284 23.61 17.72 0.30
CA ARG F 284 23.43 18.67 1.38
C ARG F 284 24.72 18.92 2.16
N GLU F 285 25.44 17.83 2.43
CA GLU F 285 26.68 17.91 3.16
C GLU F 285 27.76 18.63 2.33
N MET F 286 27.73 18.40 1.03
CA MET F 286 28.60 19.11 0.10
C MET F 286 28.34 20.62 0.16
N MET F 287 27.08 21.02 0.05
CA MET F 287 26.75 22.45 0.06
C MET F 287 27.16 23.08 1.38
N LYS F 288 26.89 22.37 2.48
CA LYS F 288 27.24 22.85 3.82
C LYS F 288 28.73 23.12 3.97
N ASN F 289 29.53 22.12 3.64
CA ASN F 289 30.97 22.24 3.66
C ASN F 289 31.47 23.39 2.83
N ARG F 290 30.85 23.59 1.67
CA ARG F 290 31.20 24.68 0.79
C ARG F 290 30.81 26.00 1.39
N TRP F 291 29.59 26.08 1.91
CA TRP F 291 29.07 27.35 2.45
C TRP F 291 29.80 27.81 3.73
N GLU F 292 30.35 26.86 4.46
CA GLU F 292 31.14 27.18 5.64
C GLU F 292 32.53 27.71 5.27
N LYS F 293 33.12 27.15 4.24
CA LYS F 293 34.44 27.61 3.80
C LYS F 293 34.31 29.00 3.27
N LEU F 294 33.25 29.26 2.52
CA LEU F 294 33.00 30.60 1.98
C LEU F 294 32.70 31.59 3.12
N ARG F 295 32.02 31.10 4.16
CA ARG F 295 31.68 31.93 5.31
C ARG F 295 32.93 32.48 5.98
N GLU F 296 33.89 31.58 6.23
CA GLU F 296 35.14 31.99 6.88
C GLU F 296 35.81 33.11 6.11
N VAL F 297 35.96 32.90 4.81
CA VAL F 297 36.60 33.88 3.96
C VAL F 297 35.93 35.25 4.09
N VAL F 298 34.63 35.29 3.88
CA VAL F 298 33.88 36.54 4.01
C VAL F 298 33.98 37.12 5.44
N LYS F 299 34.02 36.23 6.43
CA LYS F 299 34.12 36.62 7.82
C LYS F 299 35.23 37.62 8.04
N GLU F 300 36.46 37.22 7.75
CA GLU F 300 37.60 38.09 7.98
C GLU F 300 37.97 38.98 6.81
N SER F 301 37.04 39.13 5.87
CA SER F 301 37.35 40.02 4.77
C SER F 301 36.83 41.38 5.20
N ASP F 302 37.29 42.43 4.53
CA ASP F 302 36.97 43.78 4.97
C ASP F 302 35.57 44.24 4.66
N ALA F 303 35.15 44.05 3.40
CA ALA F 303 33.86 44.62 3.02
C ALA F 303 32.83 43.65 2.51
N PHE F 304 33.17 42.37 2.37
CA PHE F 304 32.22 41.42 1.78
C PHE F 304 31.09 41.00 2.73
N THR F 305 29.89 40.90 2.17
CA THR F 305 28.72 40.47 2.92
C THR F 305 28.11 39.26 2.25
N LEU F 306 27.33 38.52 3.01
CA LEU F 306 26.67 37.32 2.51
C LEU F 306 25.30 37.22 3.19
N PRO F 307 24.25 36.87 2.42
CA PRO F 307 22.91 36.76 2.98
C PRO F 307 22.81 35.74 4.12
N LYS F 308 21.98 36.03 5.11
CA LYS F 308 21.78 35.12 6.25
C LYS F 308 20.45 34.42 6.05
N TYR F 309 20.44 33.11 6.31
CA TYR F 309 19.24 32.31 6.13
C TYR F 309 18.77 31.74 7.46
N PRO F 310 17.46 31.86 7.74
CA PRO F 310 16.92 31.34 9.00
C PRO F 310 16.94 29.82 9.02
N GLU F 311 16.93 29.25 10.21
CA GLU F 311 16.88 27.81 10.34
C GLU F 311 15.41 27.38 10.40
N ALA F 312 15.06 26.27 9.75
CA ALA F 312 13.68 25.83 9.71
C ALA F 312 13.64 24.31 9.75
N PHE F 313 12.47 23.76 10.06
CA PHE F 313 12.31 22.31 10.15
C PHE F 313 12.06 21.67 8.79
N CYS F 314 12.83 20.63 8.50
CA CYS F 314 12.72 19.94 7.23
C CYS F 314 11.91 18.68 7.37
N ASN F 315 10.72 18.68 6.75
CA ASN F 315 9.83 17.53 6.79
C ASN F 315 10.44 16.27 6.17
N TYR F 316 11.46 16.45 5.32
CA TYR F 316 12.05 15.33 4.63
C TYR F 316 13.10 14.67 5.53
N PHE F 317 14.05 15.47 5.99
CA PHE F 317 15.06 15.01 6.94
C PHE F 317 14.50 14.86 8.35
N GLY F 318 13.38 15.52 8.62
CA GLY F 318 12.78 15.46 9.93
C GLY F 318 13.62 16.13 11.00
N LYS F 319 14.44 17.10 10.60
CA LYS F 319 15.24 17.87 11.56
C LYS F 319 15.11 19.34 11.28
N SER F 320 15.61 20.15 12.20
CA SER F 320 15.60 21.57 12.00
C SER F 320 16.98 21.88 11.45
N LEU F 321 17.07 22.58 10.31
CA LEU F 321 18.39 22.89 9.76
C LEU F 321 18.42 24.10 8.83
N GLU F 322 19.63 24.48 8.42
CA GLU F 322 19.84 25.65 7.56
C GLU F 322 19.75 25.36 6.06
N SER F 323 19.66 26.42 5.28
CA SER F 323 19.61 26.25 3.85
C SER F 323 20.92 26.74 3.23
N TYR F 324 21.44 25.94 2.30
CA TYR F 324 22.68 26.27 1.62
C TYR F 324 22.41 26.37 0.13
N PRO F 325 22.02 27.57 -0.35
CA PRO F 325 21.68 27.85 -1.73
C PRO F 325 22.75 27.50 -2.77
N ALA F 326 22.28 27.30 -4.00
CA ALA F 326 23.16 26.98 -5.11
C ALA F 326 23.94 28.22 -5.59
N PHE F 327 23.56 29.40 -5.10
CA PHE F 327 24.20 30.68 -5.47
C PHE F 327 24.55 31.51 -4.24
N ALA F 328 25.68 32.21 -4.32
CA ALA F 328 26.13 33.07 -3.24
C ALA F 328 25.88 34.51 -3.68
N TRP F 329 25.01 35.22 -2.97
CA TRP F 329 24.68 36.61 -3.28
C TRP F 329 25.74 37.45 -2.57
N LEU F 330 26.91 37.54 -3.19
CA LEU F 330 28.03 38.27 -2.63
C LEU F 330 27.81 39.77 -2.76
N GLY F 331 28.12 40.49 -1.69
CA GLY F 331 27.93 41.93 -1.68
C GLY F 331 29.13 42.61 -1.09
N THR F 332 29.19 43.92 -1.24
CA THR F 332 30.31 44.68 -0.70
C THR F 332 29.81 45.99 -0.10
N LYS F 333 30.40 46.36 1.04
CA LYS F 333 30.03 47.58 1.74
C LYS F 333 30.65 48.78 1.04
N GLU F 334 31.74 48.51 0.33
CA GLU F 334 32.41 49.56 -0.39
C GLU F 334 31.67 49.98 -1.65
N GLU F 335 32.06 51.13 -2.20
CA GLU F 335 31.47 51.66 -3.42
C GLU F 335 32.30 51.14 -4.58
N THR F 336 32.08 49.89 -4.95
CA THR F 336 32.80 49.31 -6.07
C THR F 336 31.89 48.58 -7.05
N ASP F 337 32.32 48.51 -8.29
CA ASP F 337 31.59 47.77 -9.29
C ASP F 337 32.08 46.34 -9.10
N LEU F 338 31.55 45.69 -8.07
CA LEU F 338 31.98 44.36 -7.68
C LEU F 338 32.14 43.36 -8.81
N VAL F 339 31.29 43.47 -9.82
CA VAL F 339 31.38 42.56 -10.95
C VAL F 339 32.67 42.80 -11.76
N SER F 340 33.14 44.04 -11.74
CA SER F 340 34.34 44.44 -12.45
C SER F 340 35.56 44.12 -11.60
N GLU F 341 35.47 44.39 -10.31
CA GLU F 341 36.59 44.11 -9.43
C GLU F 341 36.93 42.64 -9.45
N LEU F 342 35.89 41.82 -9.45
CA LEU F 342 36.03 40.37 -9.45
C LEU F 342 36.58 39.89 -10.78
N ARG F 343 36.18 40.56 -11.85
CA ARG F 343 36.65 40.21 -13.17
C ARG F 343 38.15 40.52 -13.25
N ARG F 344 38.56 41.61 -12.63
CA ARG F 344 39.96 41.99 -12.56
C ARG F 344 40.81 41.09 -11.71
N HIS F 345 40.18 40.09 -11.13
CA HIS F 345 40.86 39.08 -10.35
C HIS F 345 40.59 37.73 -10.94
N LYS F 346 40.19 37.71 -12.21
CA LYS F 346 39.96 36.49 -12.94
C LYS F 346 38.84 35.66 -12.35
N VAL F 347 37.81 36.36 -11.89
CA VAL F 347 36.64 35.71 -11.34
C VAL F 347 35.40 36.22 -12.05
N MET F 348 34.72 35.33 -12.75
CA MET F 348 33.53 35.71 -13.48
C MET F 348 32.33 35.47 -12.60
N SER F 349 31.38 36.41 -12.67
CA SER F 349 30.13 36.29 -11.93
C SER F 349 29.00 37.10 -12.58
N ARG F 350 27.77 36.82 -12.18
CA ARG F 350 26.65 37.52 -12.73
C ARG F 350 26.43 38.87 -12.02
N ALA F 351 26.54 39.96 -12.77
CA ALA F 351 26.37 41.31 -12.24
C ALA F 351 25.01 41.53 -11.58
N GLY F 352 25.02 41.97 -10.32
CA GLY F 352 23.78 42.27 -9.61
C GLY F 352 22.90 43.25 -10.35
N GLU F 353 23.53 44.13 -11.12
CA GLU F 353 22.79 45.09 -11.92
C GLU F 353 21.93 44.44 -13.00
N ARG F 354 22.11 43.14 -13.22
CA ARG F 354 21.32 42.40 -14.21
C ARG F 354 20.15 41.70 -13.53
N CYS F 355 20.25 41.52 -12.22
CA CYS F 355 19.20 40.87 -11.47
C CYS F 355 18.31 41.92 -10.81
N GLY F 356 18.28 43.11 -11.41
CA GLY F 356 17.48 44.19 -10.87
C GLY F 356 18.03 44.66 -9.54
N SER F 357 19.36 44.67 -9.41
CA SER F 357 20.00 45.15 -8.19
C SER F 357 20.99 46.26 -8.53
N ASP F 358 22.05 46.41 -7.72
CA ASP F 358 23.06 47.43 -7.96
C ASP F 358 24.45 46.83 -8.21
N LYS F 359 25.43 47.69 -8.50
CA LYS F 359 26.80 47.26 -8.82
C LYS F 359 27.54 46.69 -7.62
N LYS F 360 26.91 46.75 -6.46
CA LYS F 360 27.51 46.26 -5.22
C LYS F 360 27.34 44.76 -5.01
N HIS F 361 26.46 44.14 -5.78
CA HIS F 361 26.24 42.71 -5.64
C HIS F 361 26.55 41.96 -6.91
N VAL F 362 26.77 40.65 -6.72
CA VAL F 362 27.04 39.71 -7.79
C VAL F 362 26.48 38.35 -7.40
N ARG F 363 26.36 37.46 -8.37
CA ARG F 363 25.86 36.12 -8.15
C ARG F 363 26.95 35.12 -8.51
N VAL F 364 27.44 34.39 -7.52
CA VAL F 364 28.49 33.44 -7.77
C VAL F 364 27.99 32.01 -7.57
N SER F 365 28.21 31.18 -8.58
CA SER F 365 27.81 29.79 -8.56
C SER F 365 28.55 29.01 -7.47
N MET F 366 27.78 28.24 -6.71
CA MET F 366 28.29 27.38 -5.64
C MET F 366 28.28 25.92 -6.10
N LEU F 367 27.84 25.71 -7.33
CA LEU F 367 27.70 24.39 -7.87
C LEU F 367 28.76 24.01 -8.88
N SER F 368 29.88 24.73 -8.91
CA SER F 368 30.95 24.40 -9.87
C SER F 368 31.75 23.20 -9.36
N ARG F 369 32.85 22.87 -10.05
CA ARG F 369 33.67 21.75 -9.61
C ARG F 369 34.51 22.15 -8.41
N GLU F 370 34.88 21.15 -7.63
CA GLU F 370 35.71 21.33 -6.44
C GLU F 370 36.89 22.28 -6.65
N ASP F 371 37.87 21.84 -7.45
CA ASP F 371 39.03 22.67 -7.69
C ASP F 371 38.69 24.08 -8.12
N VAL F 372 37.69 24.24 -8.96
CA VAL F 372 37.30 25.58 -9.39
C VAL F 372 36.80 26.38 -8.19
N PHE F 373 36.02 25.73 -7.34
CA PHE F 373 35.46 26.39 -6.17
C PHE F 373 36.59 26.83 -5.24
N ASN F 374 37.55 25.93 -5.01
CA ASN F 374 38.68 26.23 -4.12
C ASN F 374 39.55 27.37 -4.65
N VAL F 375 39.70 27.45 -5.96
CA VAL F 375 40.45 28.54 -6.59
C VAL F 375 39.74 29.87 -6.46
N PHE F 376 38.41 29.84 -6.45
CA PHE F 376 37.61 31.04 -6.25
C PHE F 376 37.82 31.60 -4.83
N LEU F 377 37.77 30.74 -3.83
CA LEU F 377 37.96 31.15 -2.43
C LEU F 377 39.35 31.76 -2.24
N GLU F 378 40.36 31.15 -2.86
CA GLU F 378 41.74 31.61 -2.76
C GLU F 378 41.86 33.01 -3.27
N ARG F 379 41.25 33.27 -4.42
CA ARG F 379 41.25 34.60 -5.00
C ARG F 379 40.36 35.57 -4.27
N LEU F 380 39.32 35.06 -3.63
CA LEU F 380 38.39 35.93 -2.92
C LEU F 380 39.04 36.49 -1.67
N ALA F 381 39.82 35.64 -1.00
CA ALA F 381 40.54 36.02 0.20
C ALA F 381 41.88 36.70 -0.14
N ASN F 382 42.47 36.35 -1.27
CA ASN F 382 43.72 36.96 -1.71
C ASN F 382 43.39 38.23 -2.49
N MET F 383 42.27 38.85 -2.12
CA MET F 383 41.83 40.09 -2.76
C MET F 383 41.97 41.28 -1.81
N LYS F 384 41.94 42.48 -2.39
CA LYS F 384 42.15 43.73 -1.64
C LYS F 384 43.19 43.41 -0.55
N LEU F 385 44.28 42.82 -1.04
CA LEU F 385 45.45 42.45 -0.29
C LEU F 385 46.33 42.85 -1.42
N ILE F 386 45.88 42.42 -2.60
CA ILE F 386 46.54 42.68 -3.88
C ILE F 386 45.58 43.34 -4.87
N LYS F 387 45.95 43.22 -6.15
CA LYS F 387 45.22 43.73 -7.29
C LYS F 387 46.20 43.76 -8.45
#